data_3WTB
#
_entry.id   3WTB
#
_cell.length_a   58.061
_cell.length_b   56.033
_cell.length_c   263.992
_cell.angle_alpha   90.00
_cell.angle_beta   93.20
_cell.angle_gamma   90.00
#
_symmetry.space_group_name_H-M   'P 1 2 1'
#
loop_
_entity.id
_entity.type
_entity.pdbx_description
1 polymer 'Putative oxidoreductase'
2 water water
#
_entity_poly.entity_id   1
_entity_poly.type   'polypeptide(L)'
_entity_poly.pdbx_seq_one_letter_code
;GSHMTHRVALITGGSRGIGAAIALKLAQDGFDIAITYARNEKAAQKVVSEVEALGRKAVAVQADGGSTDGNIAAITKTHE
AFGRLDALVCNAGIYPYGPIAQMTVTQIEEVLNLNLRAAMVETVEALKYMKTGGRLIYIGSAFGERAPFPGISLYAATKA
GLIGFTKGVARDLGPQGITANVVEPGPIATDLNPEDGAAAAVIRKFTATESYGKVNDIARTVSFLASPDASYITGASILV
DGGLVA
;
_entity_poly.pdbx_strand_id   A,B,C,D,E,F,G,H
#
# COMPACT_ATOMS: atom_id res chain seq x y z
N HIS A 3 10.42 21.77 -7.44
CA HIS A 3 11.68 21.61 -6.67
C HIS A 3 11.30 21.36 -5.21
N MET A 4 11.93 20.33 -4.69
CA MET A 4 11.90 19.98 -3.30
C MET A 4 10.56 19.54 -2.73
N THR A 5 9.57 19.24 -3.56
CA THR A 5 8.26 18.88 -3.02
C THR A 5 8.29 17.42 -2.52
N HIS A 6 9.18 16.58 -3.05
CA HIS A 6 9.18 15.15 -2.65
C HIS A 6 10.41 14.84 -1.83
N ARG A 7 10.29 13.87 -0.95
CA ARG A 7 11.44 13.31 -0.29
C ARG A 7 12.43 12.75 -1.34
N VAL A 8 13.72 12.76 -1.00
CA VAL A 8 14.77 12.29 -1.85
C VAL A 8 15.52 11.14 -1.19
N ALA A 9 15.72 10.06 -1.94
CA ALA A 9 16.51 8.94 -1.49
C ALA A 9 17.70 8.76 -2.38
N LEU A 10 18.85 8.57 -1.75
CA LEU A 10 20.10 8.20 -2.42
C LEU A 10 20.38 6.74 -2.13
N ILE A 11 20.50 5.95 -3.19
CA ILE A 11 20.82 4.55 -3.11
C ILE A 11 22.15 4.30 -3.79
N THR A 12 23.16 3.89 -3.02
CA THR A 12 24.43 3.60 -3.60
C THR A 12 24.35 2.25 -4.31
N GLY A 13 25.03 2.13 -5.46
CA GLY A 13 25.00 0.88 -6.23
C GLY A 13 23.62 0.56 -6.73
N GLY A 14 22.91 1.58 -7.17
CA GLY A 14 21.49 1.43 -7.41
C GLY A 14 21.18 1.13 -8.86
N SER A 15 22.20 0.80 -9.62
CA SER A 15 22.03 0.51 -11.04
C SER A 15 21.61 -0.92 -11.36
N ARG A 16 21.70 -1.84 -10.42
CA ARG A 16 21.26 -3.21 -10.71
C ARG A 16 20.94 -3.94 -9.44
N GLY A 17 20.39 -5.14 -9.61
CA GLY A 17 20.16 -6.07 -8.50
C GLY A 17 19.31 -5.45 -7.39
N ILE A 18 19.76 -5.61 -6.15
CA ILE A 18 18.99 -5.18 -4.99
C ILE A 18 18.82 -3.65 -5.01
N GLY A 19 19.88 -2.96 -5.36
CA GLY A 19 19.87 -1.51 -5.40
C GLY A 19 18.80 -0.98 -6.33
N ALA A 20 18.76 -1.53 -7.53
CA ALA A 20 17.79 -1.13 -8.50
C ALA A 20 16.38 -1.39 -8.00
N ALA A 21 16.16 -2.53 -7.38
CA ALA A 21 14.84 -2.81 -6.91
C ALA A 21 14.42 -1.87 -5.77
N ILE A 22 15.36 -1.53 -4.93
CA ILE A 22 15.10 -0.55 -3.85
C ILE A 22 14.75 0.80 -4.46
N ALA A 23 15.47 1.18 -5.49
CA ALA A 23 15.20 2.48 -6.12
C ALA A 23 13.80 2.53 -6.68
N LEU A 24 13.38 1.47 -7.35
CA LEU A 24 12.03 1.44 -7.92
C LEU A 24 10.93 1.40 -6.86
N LYS A 25 11.15 0.65 -5.79
CA LYS A 25 10.17 0.56 -4.74
C LYS A 25 10.04 1.92 -4.00
N LEU A 26 11.15 2.58 -3.74
CA LEU A 26 11.08 3.88 -3.07
C LEU A 26 10.46 4.93 -3.94
N ALA A 27 10.73 4.83 -5.22
CA ALA A 27 10.09 5.75 -6.15
C ALA A 27 8.56 5.57 -6.10
N GLN A 28 8.08 4.31 -6.10
CA GLN A 28 6.67 4.06 -6.01
C GLN A 28 6.11 4.56 -4.64
N ASP A 29 6.90 4.52 -3.57
CA ASP A 29 6.47 5.12 -2.31
C ASP A 29 6.44 6.65 -2.34
N GLY A 30 6.95 7.28 -3.37
CA GLY A 30 6.92 8.75 -3.44
C GLY A 30 8.27 9.46 -3.30
N PHE A 31 9.40 8.73 -3.28
CA PHE A 31 10.70 9.37 -3.22
C PHE A 31 11.25 9.70 -4.62
N ASP A 32 11.79 10.91 -4.81
CA ASP A 32 12.69 11.19 -5.93
C ASP A 32 13.99 10.46 -5.60
N ILE A 33 14.75 10.11 -6.63
CA ILE A 33 15.78 9.09 -6.54
C ILE A 33 17.07 9.60 -7.11
N ALA A 34 18.12 9.40 -6.35
CA ALA A 34 19.49 9.47 -6.89
C ALA A 34 20.11 8.07 -6.70
N ILE A 35 20.79 7.57 -7.72
CA ILE A 35 21.55 6.36 -7.61
C ILE A 35 23.00 6.61 -8.01
N THR A 36 23.91 5.90 -7.33
CA THR A 36 25.33 5.89 -7.75
C THR A 36 25.62 4.66 -8.58
N TYR A 37 26.61 4.82 -9.46
CA TYR A 37 27.16 3.70 -10.21
C TYR A 37 28.63 3.97 -10.43
N ALA A 38 29.39 2.88 -10.55
CA ALA A 38 30.84 2.95 -10.73
C ALA A 38 31.15 3.06 -12.20
N ARG A 39 30.57 2.16 -12.99
CA ARG A 39 30.87 2.19 -14.42
C ARG A 39 29.82 2.00 -15.47
N ASN A 40 28.85 1.15 -15.26
CA ASN A 40 27.88 0.85 -16.32
C ASN A 40 26.80 1.94 -16.38
N GLU A 41 27.09 2.98 -17.13
CA GLU A 41 26.17 4.09 -17.29
C GLU A 41 24.82 3.63 -17.89
N LYS A 42 24.84 2.64 -18.78
CA LYS A 42 23.62 2.25 -19.44
C LYS A 42 22.65 1.59 -18.45
N ALA A 43 23.16 0.75 -17.56
CA ALA A 43 22.31 0.15 -16.54
C ALA A 43 21.72 1.25 -15.64
N ALA A 44 22.53 2.24 -15.35
CA ALA A 44 22.05 3.34 -14.49
C ALA A 44 20.95 4.12 -15.20
N GLN A 45 21.12 4.37 -16.50
CA GLN A 45 20.10 5.12 -17.23
C GLN A 45 18.84 4.34 -17.39
N LYS A 46 18.93 3.04 -17.42
CA LYS A 46 17.74 2.20 -17.47
C LYS A 46 16.98 2.39 -16.16
N VAL A 47 17.67 2.44 -15.05
CA VAL A 47 16.95 2.63 -13.76
C VAL A 47 16.33 4.01 -13.68
N VAL A 48 17.09 5.02 -14.11
CA VAL A 48 16.57 6.37 -14.21
C VAL A 48 15.25 6.43 -15.01
N SER A 49 15.21 5.77 -16.15
CA SER A 49 14.00 5.76 -16.98
C SER A 49 12.83 5.07 -16.34
N GLU A 50 13.07 3.93 -15.71
CA GLU A 50 12.03 3.28 -14.98
C GLU A 50 11.49 4.08 -13.77
N VAL A 51 12.35 4.84 -13.11
CA VAL A 51 11.86 5.73 -12.03
C VAL A 51 10.99 6.85 -12.61
N GLU A 52 11.45 7.40 -13.74
CA GLU A 52 10.69 8.48 -14.42
C GLU A 52 9.31 7.98 -14.90
N ALA A 53 9.27 6.73 -15.35
CA ALA A 53 8.01 6.10 -15.78
C ALA A 53 7.02 5.98 -14.65
N LEU A 54 7.49 6.00 -13.41
CA LEU A 54 6.62 6.03 -12.26
C LEU A 54 6.28 7.45 -11.77
N GLY A 55 6.71 8.47 -12.46
CA GLY A 55 6.28 9.83 -12.16
C GLY A 55 7.26 10.61 -11.29
N ARG A 56 8.38 10.00 -10.95
CA ARG A 56 9.37 10.69 -10.12
C ARG A 56 10.52 11.29 -10.92
N LYS A 57 11.26 12.18 -10.30
CA LYS A 57 12.57 12.57 -10.81
C LYS A 57 13.67 11.62 -10.35
N ALA A 58 14.64 11.40 -11.24
CA ALA A 58 15.76 10.54 -10.98
C ALA A 58 17.03 11.07 -11.60
N VAL A 59 18.13 10.78 -10.95
CA VAL A 59 19.44 11.11 -11.46
C VAL A 59 20.46 10.01 -11.10
N ALA A 60 21.38 9.77 -12.04
CA ALA A 60 22.46 8.83 -11.85
C ALA A 60 23.77 9.55 -11.67
N VAL A 61 24.50 9.22 -10.63
CA VAL A 61 25.72 9.91 -10.28
C VAL A 61 26.83 8.91 -10.36
N GLN A 62 27.81 9.19 -11.18
CA GLN A 62 28.97 8.34 -11.26
C GLN A 62 29.86 8.59 -10.07
N ALA A 63 30.26 7.52 -9.40
CA ALA A 63 31.09 7.67 -8.20
C ALA A 63 31.70 6.39 -7.82
N ASP A 64 32.99 6.44 -7.48
CA ASP A 64 33.70 5.28 -7.00
C ASP A 64 33.45 5.19 -5.47
N GLY A 65 32.61 4.26 -5.06
CA GLY A 65 32.29 4.02 -3.64
C GLY A 65 33.48 3.62 -2.81
N GLY A 66 34.57 3.22 -3.46
CA GLY A 66 35.78 2.82 -2.78
C GLY A 66 36.74 3.94 -2.50
N SER A 67 36.40 5.16 -2.93
CA SER A 67 37.21 6.34 -2.65
C SER A 67 36.39 7.31 -1.77
N THR A 68 37.04 7.98 -0.83
CA THR A 68 36.33 8.92 0.01
C THR A 68 35.80 10.12 -0.77
N ASP A 69 36.50 10.54 -1.81
CA ASP A 69 36.03 11.60 -2.66
C ASP A 69 34.74 11.21 -3.37
N GLY A 70 34.65 9.95 -3.80
CA GLY A 70 33.40 9.44 -4.38
C GLY A 70 32.27 9.37 -3.37
N ASN A 71 32.59 9.01 -2.15
CA ASN A 71 31.60 8.93 -1.10
C ASN A 71 31.00 10.34 -0.81
N ILE A 72 31.88 11.36 -0.72
CA ILE A 72 31.45 12.74 -0.48
C ILE A 72 30.68 13.28 -1.70
N ALA A 73 31.18 13.00 -2.90
CA ALA A 73 30.56 13.51 -4.10
C ALA A 73 29.10 12.97 -4.29
N ALA A 74 28.85 11.72 -3.92
CA ALA A 74 27.55 11.14 -4.10
C ALA A 74 26.51 11.95 -3.37
N ILE A 75 26.81 12.32 -2.14
CA ILE A 75 25.90 13.15 -1.34
C ILE A 75 25.83 14.56 -1.93
N THR A 76 26.99 15.14 -2.26
CA THR A 76 27.07 16.52 -2.73
C THR A 76 26.24 16.65 -3.97
N LYS A 77 26.39 15.72 -4.92
CA LYS A 77 25.69 15.85 -6.21
C LYS A 77 24.19 15.62 -6.04
N THR A 78 23.85 14.75 -5.10
CA THR A 78 22.43 14.50 -4.84
C THR A 78 21.76 15.75 -4.26
N HIS A 79 22.43 16.39 -3.33
CA HIS A 79 21.94 17.64 -2.80
C HIS A 79 21.88 18.78 -3.84
N GLU A 80 22.85 18.84 -4.74
CA GLU A 80 22.82 19.82 -5.82
C GLU A 80 21.63 19.59 -6.78
N ALA A 81 21.31 18.32 -7.07
CA ALA A 81 20.26 18.02 -8.01
C ALA A 81 18.90 18.27 -7.41
N PHE A 82 18.73 18.03 -6.14
CA PHE A 82 17.41 18.06 -5.54
C PHE A 82 17.17 19.05 -4.40
N GLY A 83 18.21 19.61 -3.80
CA GLY A 83 18.01 20.57 -2.73
C GLY A 83 17.60 19.98 -1.38
N ARG A 84 17.60 18.66 -1.23
CA ARG A 84 17.27 18.02 0.04
C ARG A 84 17.75 16.56 -0.01
N LEU A 85 17.83 15.95 1.15
CA LEU A 85 18.16 14.54 1.27
C LEU A 85 17.38 13.96 2.45
N ASP A 86 16.61 12.90 2.21
CA ASP A 86 15.71 12.38 3.22
C ASP A 86 15.98 10.93 3.62
N ALA A 87 16.53 10.15 2.67
CA ALA A 87 16.98 8.81 2.97
C ALA A 87 18.29 8.49 2.28
N LEU A 88 19.18 7.85 3.02
CA LEU A 88 20.40 7.26 2.47
C LEU A 88 20.32 5.73 2.63
N VAL A 89 20.46 5.03 1.51
CA VAL A 89 20.50 3.57 1.50
C VAL A 89 21.86 3.19 0.99
N CYS A 90 22.68 2.65 1.89
CA CYS A 90 24.07 2.24 1.55
C CYS A 90 24.08 0.78 1.17
N ASN A 91 24.01 0.58 -0.12
CA ASN A 91 23.78 -0.72 -0.70
C ASN A 91 25.01 -1.22 -1.42
N ALA A 92 25.86 -0.34 -1.91
CA ALA A 92 26.99 -0.77 -2.73
C ALA A 92 27.89 -1.62 -1.86
N GLY A 93 28.44 -2.67 -2.42
CA GLY A 93 29.37 -3.54 -1.66
C GLY A 93 29.97 -4.61 -2.53
N ILE A 94 30.98 -5.27 -2.03
CA ILE A 94 31.67 -6.34 -2.75
C ILE A 94 31.72 -7.56 -1.82
N TYR A 95 31.81 -8.75 -2.44
CA TYR A 95 31.73 -10.04 -1.78
C TYR A 95 32.99 -10.82 -2.15
N PRO A 96 34.07 -10.59 -1.44
CA PRO A 96 35.22 -11.47 -1.58
C PRO A 96 34.98 -12.83 -0.96
N TYR A 97 35.57 -13.85 -1.55
CA TYR A 97 35.33 -15.20 -1.16
C TYR A 97 36.61 -16.01 -1.22
N GLY A 98 36.92 -16.73 -0.15
CA GLY A 98 38.10 -17.58 -0.11
C GLY A 98 38.55 -17.75 1.33
N PRO A 99 39.20 -18.86 1.65
CA PRO A 99 39.80 -18.98 3.00
C PRO A 99 40.69 -17.82 3.36
N ILE A 100 40.65 -17.46 4.65
CA ILE A 100 41.34 -16.29 5.15
C ILE A 100 42.85 -16.29 4.78
N ALA A 101 43.51 -17.43 4.86
CA ALA A 101 44.95 -17.50 4.61
C ALA A 101 45.27 -17.16 3.14
N GLN A 102 44.28 -17.24 2.23
CA GLN A 102 44.47 -16.90 0.82
C GLN A 102 44.08 -15.47 0.45
N MET A 103 43.72 -14.63 1.42
CA MET A 103 43.31 -13.23 1.15
C MET A 103 44.55 -12.35 0.98
N THR A 104 44.50 -11.39 0.08
CA THR A 104 45.63 -10.44 -0.04
C THR A 104 45.33 -9.14 0.68
N VAL A 105 46.36 -8.33 0.90
CA VAL A 105 46.19 -7.01 1.46
C VAL A 105 45.17 -6.19 0.64
N THR A 106 45.26 -6.30 -0.66
CA THR A 106 44.43 -5.52 -1.57
C THR A 106 43.00 -5.92 -1.42
N GLN A 107 42.70 -7.21 -1.32
CA GLN A 107 41.31 -7.60 -1.07
C GLN A 107 40.81 -7.06 0.27
N ILE A 108 41.66 -7.11 1.30
CA ILE A 108 41.28 -6.60 2.62
C ILE A 108 40.95 -5.10 2.58
N GLU A 109 41.85 -4.31 2.00
CA GLU A 109 41.60 -2.86 1.87
C GLU A 109 40.35 -2.54 1.06
N GLU A 110 40.18 -3.23 -0.05
CA GLU A 110 39.06 -3.00 -0.94
C GLU A 110 37.72 -3.33 -0.25
N VAL A 111 37.64 -4.41 0.50
CA VAL A 111 36.38 -4.73 1.10
C VAL A 111 36.08 -3.74 2.23
N LEU A 112 37.09 -3.36 2.99
CA LEU A 112 36.88 -2.39 4.08
C LEU A 112 36.46 -1.03 3.53
N ASN A 113 37.12 -0.62 2.45
CA ASN A 113 36.85 0.64 1.85
C ASN A 113 35.43 0.75 1.32
N LEU A 114 34.97 -0.29 0.66
CA LEU A 114 33.66 -0.26 0.06
C LEU A 114 32.54 -0.67 1.01
N ASN A 115 32.75 -1.69 1.85
CA ASN A 115 31.65 -2.21 2.64
C ASN A 115 31.48 -1.52 3.98
N LEU A 116 32.49 -0.79 4.43
CA LEU A 116 32.36 -0.15 5.71
C LEU A 116 32.71 1.36 5.68
N ARG A 117 33.86 1.69 5.14
CA ARG A 117 34.28 3.09 5.12
C ARG A 117 33.31 3.96 4.36
N ALA A 118 32.85 3.44 3.22
CA ALA A 118 31.89 4.17 2.39
C ALA A 118 30.65 4.54 3.19
N ALA A 119 30.08 3.59 3.91
CA ALA A 119 28.88 3.86 4.71
C ALA A 119 29.14 4.93 5.73
N MET A 120 30.30 4.87 6.35
CA MET A 120 30.64 5.81 7.39
C MET A 120 30.78 7.23 6.82
N VAL A 121 31.55 7.38 5.77
CA VAL A 121 31.82 8.69 5.17
C VAL A 121 30.57 9.23 4.55
N GLU A 122 29.82 8.39 3.84
CA GLU A 122 28.53 8.84 3.26
C GLU A 122 27.54 9.30 4.33
N THR A 123 27.50 8.61 5.46
CA THR A 123 26.61 8.97 6.53
C THR A 123 27.00 10.37 7.09
N VAL A 124 28.27 10.59 7.38
CA VAL A 124 28.72 11.88 7.86
C VAL A 124 28.30 12.98 6.92
N GLU A 125 28.53 12.78 5.63
CA GLU A 125 28.16 13.81 4.64
C GLU A 125 26.65 14.01 4.56
N ALA A 126 25.89 12.93 4.60
CA ALA A 126 24.42 13.02 4.55
C ALA A 126 23.88 13.84 5.69
N LEU A 127 24.53 13.78 6.87
CA LEU A 127 24.02 14.51 8.02
C LEU A 127 24.19 16.01 7.90
N LYS A 128 24.95 16.47 6.90
CA LYS A 128 25.01 17.93 6.68
C LYS A 128 23.66 18.41 6.18
N TYR A 129 22.87 17.50 5.60
CA TYR A 129 21.64 17.90 4.92
C TYR A 129 20.38 17.28 5.48
N MET A 130 20.49 16.16 6.16
CA MET A 130 19.33 15.47 6.61
C MET A 130 18.71 16.12 7.83
N LYS A 131 17.40 16.01 7.98
CA LYS A 131 16.69 16.60 9.10
C LYS A 131 15.81 15.58 9.75
N THR A 132 15.09 16.00 10.79
CA THR A 132 14.16 15.15 11.48
C THR A 132 13.25 14.44 10.48
N GLY A 133 12.98 13.17 10.72
CA GLY A 133 12.24 12.32 9.75
C GLY A 133 13.19 11.58 8.79
N GLY A 134 14.50 11.89 8.84
CA GLY A 134 15.49 11.27 7.97
C GLY A 134 15.65 9.77 8.27
N ARG A 135 16.19 9.07 7.30
CA ARG A 135 16.34 7.62 7.38
C ARG A 135 17.72 7.22 6.84
N LEU A 136 18.45 6.48 7.65
CA LEU A 136 19.70 5.86 7.28
C LEU A 136 19.45 4.35 7.30
N ILE A 137 19.64 3.70 6.15
CA ILE A 137 19.36 2.28 6.01
C ILE A 137 20.56 1.65 5.36
N TYR A 138 21.21 0.74 6.08
CA TYR A 138 22.40 0.08 5.61
C TYR A 138 21.99 -1.35 5.15
N ILE A 139 22.53 -1.78 4.00
CA ILE A 139 22.35 -3.14 3.53
C ILE A 139 23.51 -3.99 3.99
N GLY A 140 23.25 -4.74 5.06
CA GLY A 140 24.20 -5.63 5.64
C GLY A 140 24.06 -6.98 4.97
N SER A 141 24.13 -8.02 5.78
CA SER A 141 23.97 -9.40 5.30
C SER A 141 23.66 -10.28 6.48
N ALA A 142 22.95 -11.35 6.21
CA ALA A 142 22.80 -12.40 7.18
C ALA A 142 24.16 -12.94 7.63
N PHE A 143 25.14 -12.90 6.74
CA PHE A 143 26.44 -13.42 7.08
C PHE A 143 27.17 -12.55 8.07
N GLY A 144 26.67 -11.34 8.33
CA GLY A 144 27.14 -10.57 9.45
C GLY A 144 26.79 -11.20 10.81
N GLU A 145 25.83 -12.13 10.83
CA GLU A 145 25.43 -12.76 12.06
C GLU A 145 25.79 -14.22 12.12
N ARG A 146 25.92 -14.87 10.97
CA ARG A 146 26.28 -16.26 10.94
C ARG A 146 27.18 -16.49 9.75
N ALA A 147 28.30 -17.17 9.99
CA ALA A 147 29.20 -17.58 8.92
C ALA A 147 29.19 -19.08 8.90
N PRO A 148 28.21 -19.68 8.23
CA PRO A 148 28.04 -21.14 8.32
C PRO A 148 28.96 -21.98 7.45
N PHE A 149 29.76 -21.37 6.60
CA PHE A 149 30.73 -22.15 5.82
C PHE A 149 32.01 -21.34 5.66
N PRO A 150 33.09 -22.01 5.29
CA PRO A 150 34.36 -21.31 5.12
C PRO A 150 34.37 -20.36 3.93
N GLY A 151 35.16 -19.32 4.01
CA GLY A 151 35.43 -18.48 2.84
C GLY A 151 34.90 -17.07 2.92
N ILE A 152 34.23 -16.72 4.01
CA ILE A 152 33.58 -15.41 4.06
C ILE A 152 33.97 -14.52 5.22
N SER A 153 35.18 -14.74 5.75
CA SER A 153 35.65 -14.00 6.91
C SER A 153 35.65 -12.49 6.66
N LEU A 154 36.09 -12.06 5.48
CA LEU A 154 36.21 -10.63 5.26
C LEU A 154 34.88 -9.98 5.10
N TYR A 155 34.03 -10.64 4.36
CA TYR A 155 32.70 -10.15 4.18
C TYR A 155 31.95 -10.12 5.50
N ALA A 156 32.00 -11.22 6.26
CA ALA A 156 31.33 -11.26 7.58
C ALA A 156 31.81 -10.10 8.46
N ALA A 157 33.10 -9.80 8.46
CA ALA A 157 33.64 -8.73 9.27
C ALA A 157 33.00 -7.40 8.91
N THR A 158 32.91 -7.11 7.62
CA THR A 158 32.42 -5.82 7.24
C THR A 158 30.94 -5.71 7.52
N LYS A 159 30.20 -6.79 7.30
CA LYS A 159 28.81 -6.76 7.53
C LYS A 159 28.45 -6.74 9.01
N ALA A 160 29.18 -7.44 9.85
CA ALA A 160 28.98 -7.30 11.30
C ALA A 160 29.34 -5.84 11.76
N GLY A 161 30.34 -5.24 11.12
CA GLY A 161 30.70 -3.92 11.39
C GLY A 161 29.56 -2.95 11.20
N LEU A 162 28.79 -3.15 10.14
CA LEU A 162 27.65 -2.32 9.88
C LEU A 162 26.60 -2.45 10.97
N ILE A 163 26.53 -3.59 11.63
CA ILE A 163 25.58 -3.74 12.74
C ILE A 163 25.99 -2.82 13.90
N GLY A 164 27.26 -2.86 14.26
CA GLY A 164 27.77 -2.04 15.30
C GLY A 164 27.64 -0.56 14.93
N PHE A 165 27.95 -0.18 13.69
CA PHE A 165 27.82 1.20 13.25
C PHE A 165 26.36 1.68 13.40
N THR A 166 25.45 0.86 12.95
CA THR A 166 24.02 1.15 13.04
C THR A 166 23.56 1.41 14.45
N LYS A 167 24.03 0.59 15.38
CA LYS A 167 23.67 0.76 16.80
C LYS A 167 24.19 2.05 17.37
N GLY A 168 25.43 2.39 17.04
CA GLY A 168 26.05 3.62 17.50
C GLY A 168 25.41 4.86 16.90
N VAL A 169 25.11 4.82 15.61
CA VAL A 169 24.48 5.94 14.92
C VAL A 169 23.06 6.16 15.41
N ALA A 170 22.32 5.07 15.63
CA ALA A 170 20.98 5.15 16.17
C ALA A 170 20.98 5.82 17.51
N ARG A 171 21.94 5.43 18.35
CA ARG A 171 22.10 6.06 19.64
C ARG A 171 22.40 7.57 19.54
N ASP A 172 23.32 7.96 18.68
CA ASP A 172 23.65 9.39 18.45
C ASP A 172 22.50 10.20 17.93
N LEU A 173 21.68 9.65 17.02
CA LEU A 173 20.68 10.47 16.29
C LEU A 173 19.26 10.38 16.84
N GLY A 174 19.07 9.54 17.83
CA GLY A 174 17.76 9.31 18.41
C GLY A 174 17.01 10.59 18.70
N PRO A 175 17.61 11.50 19.47
CA PRO A 175 16.90 12.72 19.81
C PRO A 175 16.71 13.67 18.65
N GLN A 176 17.37 13.43 17.51
CA GLN A 176 17.22 14.31 16.35
C GLN A 176 16.13 13.84 15.40
N GLY A 177 15.55 12.67 15.66
CA GLY A 177 14.48 12.15 14.85
C GLY A 177 14.94 11.56 13.54
N ILE A 178 16.18 11.09 13.49
CA ILE A 178 16.69 10.34 12.36
C ILE A 178 16.92 8.90 12.83
N THR A 179 16.45 7.92 12.05
CA THR A 179 16.61 6.53 12.41
C THR A 179 17.70 5.93 11.57
N ALA A 180 18.34 4.92 12.16
CA ALA A 180 19.35 4.15 11.51
C ALA A 180 19.08 2.65 11.76
N ASN A 181 19.02 1.86 10.69
CA ASN A 181 18.66 0.47 10.74
C ASN A 181 19.45 -0.30 9.68
N VAL A 182 19.59 -1.61 9.90
CA VAL A 182 20.27 -2.45 8.94
C VAL A 182 19.37 -3.59 8.45
N VAL A 183 19.30 -3.76 7.14
CA VAL A 183 18.63 -4.90 6.51
C VAL A 183 19.70 -5.94 6.19
N GLU A 184 19.45 -7.20 6.58
CA GLU A 184 20.39 -8.29 6.43
C GLU A 184 19.89 -9.41 5.49
N PRO A 185 20.13 -9.26 4.20
CA PRO A 185 19.75 -10.28 3.21
C PRO A 185 20.50 -11.58 3.38
N GLY A 186 19.80 -12.69 3.18
CA GLY A 186 20.42 -13.95 2.88
C GLY A 186 20.80 -13.99 1.39
N PRO A 187 20.87 -15.19 0.79
CA PRO A 187 21.15 -15.31 -0.63
C PRO A 187 19.94 -14.84 -1.43
N ILE A 188 20.13 -13.84 -2.25
CA ILE A 188 19.11 -13.27 -3.06
C ILE A 188 19.51 -13.55 -4.54
N ALA A 189 18.61 -14.13 -5.31
CA ALA A 189 18.79 -14.30 -6.76
C ALA A 189 18.82 -13.00 -7.51
N THR A 190 19.87 -12.81 -8.27
CA THR A 190 19.98 -11.69 -9.22
C THR A 190 20.67 -12.25 -10.46
N ASP A 191 20.78 -11.45 -11.51
CA ASP A 191 21.62 -11.78 -12.70
C ASP A 191 23.00 -12.32 -12.38
N LEU A 192 23.69 -11.62 -11.51
CA LEU A 192 25.01 -11.98 -11.04
C LEU A 192 25.05 -13.13 -10.03
N ASN A 193 23.93 -13.39 -9.32
CA ASN A 193 23.90 -14.39 -8.26
C ASN A 193 22.75 -15.35 -8.50
N PRO A 194 22.93 -16.31 -9.40
CA PRO A 194 21.78 -17.12 -9.82
C PRO A 194 21.41 -18.17 -8.75
N GLU A 195 20.13 -18.54 -8.69
CA GLU A 195 19.58 -19.57 -7.75
C GLU A 195 19.80 -21.03 -8.16
N ASP A 196 20.25 -21.30 -9.38
CA ASP A 196 20.44 -22.69 -9.89
C ASP A 196 21.94 -23.01 -9.84
N GLY A 197 22.26 -24.29 -9.83
CA GLY A 197 23.65 -24.77 -9.83
C GLY A 197 24.04 -25.34 -8.47
N ALA A 198 25.13 -26.11 -8.47
CA ALA A 198 25.55 -26.86 -7.29
C ALA A 198 26.02 -25.96 -6.16
N ALA A 199 26.68 -24.85 -6.50
CA ALA A 199 27.11 -23.92 -5.44
C ALA A 199 25.87 -23.35 -4.67
N ALA A 200 24.89 -22.88 -5.44
CA ALA A 200 23.67 -22.36 -4.89
C ALA A 200 22.90 -23.42 -4.08
N ALA A 201 22.91 -24.68 -4.54
CA ALA A 201 22.29 -25.80 -3.78
C ALA A 201 22.94 -25.99 -2.39
N VAL A 202 24.25 -25.76 -2.29
CA VAL A 202 24.91 -25.81 -0.99
C VAL A 202 24.46 -24.67 -0.09
N ILE A 203 24.52 -23.43 -0.58
CA ILE A 203 24.09 -22.27 0.23
C ILE A 203 22.65 -22.40 0.66
N ARG A 204 21.83 -22.83 -0.26
CA ARG A 204 20.41 -22.96 -0.06
C ARG A 204 20.08 -23.91 1.11
N LYS A 205 20.85 -24.98 1.26
CA LYS A 205 20.66 -25.94 2.34
C LYS A 205 20.83 -25.33 3.72
N PHE A 206 21.54 -24.22 3.84
CA PHE A 206 21.64 -23.54 5.12
C PHE A 206 20.39 -22.67 5.46
N THR A 207 19.58 -22.36 4.46
CA THR A 207 18.35 -21.65 4.68
C THR A 207 17.31 -22.62 5.19
N ALA A 208 16.37 -22.14 5.98
CA ALA A 208 15.28 -23.01 6.43
C ALA A 208 14.30 -23.27 5.29
N THR A 209 14.08 -22.28 4.42
CA THR A 209 13.14 -22.43 3.33
C THR A 209 13.76 -23.22 2.15
N GLU A 210 15.07 -23.46 2.19
CA GLU A 210 15.76 -24.19 1.12
C GLU A 210 15.61 -23.48 -0.21
N SER A 211 15.75 -22.17 -0.17
CA SER A 211 15.54 -21.33 -1.30
C SER A 211 16.35 -20.07 -1.21
N TYR A 212 16.59 -19.48 -2.37
CA TYR A 212 17.07 -18.11 -2.48
C TYR A 212 15.89 -17.19 -2.47
N GLY A 213 16.11 -15.96 -2.01
CA GLY A 213 15.10 -14.91 -2.08
C GLY A 213 15.17 -14.14 -3.39
N LYS A 214 14.36 -13.10 -3.50
CA LYS A 214 14.25 -12.25 -4.66
C LYS A 214 14.44 -10.81 -4.22
N VAL A 215 14.82 -9.96 -5.16
CA VAL A 215 15.15 -8.59 -4.84
C VAL A 215 13.98 -7.86 -4.16
N ASN A 216 12.75 -8.21 -4.50
CA ASN A 216 11.59 -7.59 -3.85
C ASN A 216 11.55 -7.85 -2.37
N ASP A 217 12.08 -8.98 -1.92
CA ASP A 217 12.12 -9.27 -0.49
C ASP A 217 12.88 -8.19 0.29
N ILE A 218 13.95 -7.69 -0.32
CA ILE A 218 14.77 -6.64 0.32
C ILE A 218 14.18 -5.28 0.08
N ALA A 219 13.67 -5.03 -1.12
CA ALA A 219 13.09 -3.72 -1.40
C ALA A 219 11.92 -3.36 -0.47
N ARG A 220 11.04 -4.32 -0.25
CA ARG A 220 9.86 -4.19 0.62
C ARG A 220 10.31 -3.78 2.03
N THR A 221 11.42 -4.37 2.47
CA THR A 221 11.86 -4.17 3.85
C THR A 221 12.46 -2.78 4.00
N VAL A 222 13.20 -2.35 2.99
CA VAL A 222 13.67 -0.99 2.95
C VAL A 222 12.51 -0.02 2.98
N SER A 223 11.47 -0.30 2.19
CA SER A 223 10.33 0.58 2.11
C SER A 223 9.66 0.68 3.49
N PHE A 224 9.54 -0.46 4.17
CA PHE A 224 8.96 -0.51 5.53
C PHE A 224 9.74 0.37 6.54
N LEU A 225 11.06 0.33 6.48
CA LEU A 225 11.90 1.13 7.33
C LEU A 225 11.95 2.63 6.96
N ALA A 226 11.82 2.92 5.68
CA ALA A 226 11.96 4.29 5.20
C ALA A 226 10.69 5.13 5.42
N SER A 227 9.58 4.45 5.67
CA SER A 227 8.35 5.12 5.94
C SER A 227 8.47 6.14 7.07
N PRO A 228 7.78 7.27 6.96
CA PRO A 228 7.65 8.08 8.18
C PRO A 228 7.05 7.35 9.40
N ASP A 229 6.29 6.27 9.18
CA ASP A 229 5.63 5.60 10.30
C ASP A 229 6.58 4.71 11.02
N ALA A 230 7.80 4.55 10.49
CA ALA A 230 8.82 3.72 11.11
C ALA A 230 9.71 4.50 12.10
N SER A 231 9.18 5.55 12.68
CA SER A 231 9.94 6.44 13.56
C SER A 231 10.39 5.81 14.86
N TYR A 232 9.71 4.72 15.31
CA TYR A 232 10.11 4.08 16.53
C TYR A 232 11.04 2.92 16.29
N ILE A 233 11.42 2.70 15.04
CA ILE A 233 12.35 1.66 14.71
C ILE A 233 13.70 2.26 14.46
N THR A 234 14.63 1.99 15.37
CA THR A 234 15.97 2.48 15.20
C THR A 234 16.92 1.62 15.96
N GLY A 235 18.11 1.44 15.38
CA GLY A 235 19.07 0.44 15.91
C GLY A 235 18.74 -1.00 15.54
N ALA A 236 17.68 -1.21 14.77
CA ALA A 236 17.22 -2.55 14.46
C ALA A 236 17.98 -3.22 13.32
N SER A 237 18.01 -4.53 13.40
CA SER A 237 18.43 -5.36 12.24
C SER A 237 17.28 -6.25 11.83
N ILE A 238 17.01 -6.31 10.51
CA ILE A 238 16.00 -7.18 9.99
C ILE A 238 16.61 -8.22 9.04
N LEU A 239 16.62 -9.46 9.50
CA LEU A 239 17.06 -10.57 8.68
C LEU A 239 15.98 -10.90 7.63
N VAL A 240 16.40 -10.95 6.36
CA VAL A 240 15.57 -11.37 5.29
C VAL A 240 16.35 -12.45 4.58
N ASP A 241 16.29 -13.66 5.13
CA ASP A 241 17.26 -14.70 4.82
C ASP A 241 16.74 -16.12 4.73
N GLY A 242 15.44 -16.29 4.64
CA GLY A 242 14.88 -17.61 4.52
C GLY A 242 15.22 -18.49 5.67
N GLY A 243 15.56 -17.90 6.83
CA GLY A 243 15.84 -18.71 8.00
C GLY A 243 17.28 -19.18 8.11
N LEU A 244 18.19 -18.57 7.34
CA LEU A 244 19.56 -19.01 7.34
C LEU A 244 20.16 -18.88 8.73
N VAL A 245 19.94 -17.74 9.38
CA VAL A 245 20.56 -17.47 10.68
C VAL A 245 19.84 -18.17 11.86
N ALA A 246 18.68 -18.80 11.63
CA ALA A 246 17.93 -19.46 12.71
C ALA A 246 18.82 -20.38 13.65
N HIS B 3 0.36 -24.70 -8.62
CA HIS B 3 -0.85 -24.64 -9.49
C HIS B 3 -1.97 -24.09 -8.59
N MET B 4 -2.55 -23.02 -9.08
CA MET B 4 -3.71 -22.37 -8.45
C MET B 4 -3.62 -21.59 -7.16
N THR B 5 -2.42 -21.30 -6.70
CA THR B 5 -2.27 -20.67 -5.39
C THR B 5 -2.51 -19.15 -5.48
N HIS B 6 -2.36 -18.56 -6.67
CA HIS B 6 -2.52 -17.09 -6.83
C HIS B 6 -3.64 -16.76 -7.79
N ARG B 7 -4.25 -15.60 -7.60
CA ARG B 7 -5.18 -15.05 -8.59
C ARG B 7 -4.50 -14.95 -9.96
N VAL B 8 -5.29 -15.14 -11.01
CA VAL B 8 -4.82 -15.12 -12.38
C VAL B 8 -5.51 -14.01 -13.19
N ALA B 9 -4.71 -13.20 -13.86
CA ALA B 9 -5.22 -12.13 -14.70
C ALA B 9 -4.84 -12.41 -16.10
N LEU B 10 -5.82 -12.29 -16.99
CA LEU B 10 -5.59 -12.35 -18.42
C LEU B 10 -5.68 -10.92 -18.95
N ILE B 11 -4.63 -10.49 -19.64
CA ILE B 11 -4.58 -9.17 -20.29
C ILE B 11 -4.42 -9.33 -21.80
N THR B 12 -5.43 -8.93 -22.56
CA THR B 12 -5.36 -9.03 -24.00
C THR B 12 -4.50 -7.94 -24.54
N GLY B 13 -3.72 -8.23 -25.58
CA GLY B 13 -2.71 -7.25 -26.06
C GLY B 13 -1.69 -6.85 -25.03
N GLY B 14 -1.19 -7.79 -24.27
CA GLY B 14 -0.35 -7.48 -23.10
C GLY B 14 1.15 -7.52 -23.35
N SER B 15 1.54 -7.55 -24.63
CA SER B 15 2.91 -7.64 -24.97
C SER B 15 3.65 -6.30 -25.08
N ARG B 16 2.95 -5.19 -25.15
CA ARG B 16 3.62 -3.93 -25.21
C ARG B 16 2.69 -2.83 -24.70
N GLY B 17 3.25 -1.63 -24.58
CA GLY B 17 2.48 -0.43 -24.25
C GLY B 17 1.72 -0.53 -22.93
N ILE B 18 0.46 -0.13 -22.99
CA ILE B 18 -0.42 -0.11 -21.83
C ILE B 18 -0.63 -1.54 -21.27
N GLY B 19 -0.86 -2.48 -22.15
CA GLY B 19 -1.05 -3.85 -21.76
C GLY B 19 0.09 -4.45 -20.97
N ALA B 20 1.32 -4.26 -21.47
CA ALA B 20 2.49 -4.70 -20.76
C ALA B 20 2.59 -4.06 -19.38
N ALA B 21 2.38 -2.76 -19.31
CA ALA B 21 2.48 -2.09 -18.04
C ALA B 21 1.41 -2.63 -17.02
N ILE B 22 0.21 -2.91 -17.50
CA ILE B 22 -0.85 -3.51 -16.66
C ILE B 22 -0.43 -4.87 -16.19
N ALA B 23 0.13 -5.66 -17.09
CA ALA B 23 0.61 -6.99 -16.68
C ALA B 23 1.65 -6.95 -15.57
N LEU B 24 2.64 -6.08 -15.68
CA LEU B 24 3.67 -6.01 -14.64
C LEU B 24 3.13 -5.51 -13.36
N LYS B 25 2.21 -4.56 -13.43
CA LYS B 25 1.64 -3.97 -12.22
C LYS B 25 0.80 -4.99 -11.52
N LEU B 26 -0.03 -5.72 -12.28
CA LEU B 26 -0.83 -6.78 -11.60
C LEU B 26 0.05 -7.89 -11.04
N ALA B 27 1.13 -8.20 -11.72
CA ALA B 27 2.04 -9.21 -11.19
C ALA B 27 2.56 -8.75 -9.81
N GLN B 28 2.93 -7.48 -9.68
CA GLN B 28 3.41 -6.96 -8.42
C GLN B 28 2.33 -6.99 -7.38
N ASP B 29 1.08 -6.80 -7.78
CA ASP B 29 -0.02 -6.93 -6.88
C ASP B 29 -0.27 -8.42 -6.49
N GLY B 30 0.41 -9.40 -7.09
CA GLY B 30 0.26 -10.79 -6.68
C GLY B 30 -0.52 -11.68 -7.65
N PHE B 31 -0.80 -11.21 -8.87
CA PHE B 31 -1.47 -12.02 -9.83
C PHE B 31 -0.44 -12.80 -10.63
N ASP B 32 -0.73 -14.07 -10.90
CA ASP B 32 -0.13 -14.74 -12.05
C ASP B 32 -0.81 -14.22 -13.33
N ILE B 33 -0.07 -14.30 -14.45
CA ILE B 33 -0.37 -13.49 -15.61
C ILE B 33 -0.43 -14.31 -16.88
N ALA B 34 -1.51 -14.12 -17.64
CA ALA B 34 -1.56 -14.56 -19.03
C ALA B 34 -1.72 -13.31 -19.88
N ILE B 35 -0.95 -13.22 -20.94
CA ILE B 35 -1.14 -12.20 -21.91
C ILE B 35 -1.39 -12.81 -23.28
N THR B 36 -2.15 -12.09 -24.07
CA THR B 36 -2.40 -12.39 -25.44
C THR B 36 -1.54 -11.51 -26.36
N TYR B 37 -1.15 -12.06 -27.50
CA TYR B 37 -0.43 -11.30 -28.52
C TYR B 37 -0.89 -11.81 -29.87
N ALA B 38 -0.91 -10.88 -30.83
CA ALA B 38 -1.31 -11.18 -32.18
C ALA B 38 -0.10 -11.63 -32.97
N ARG B 39 0.98 -10.85 -32.88
CA ARG B 39 2.14 -11.06 -33.74
C ARG B 39 3.55 -11.28 -33.14
N ASN B 40 3.98 -10.35 -32.32
CA ASN B 40 5.37 -10.28 -31.89
C ASN B 40 5.66 -11.19 -30.69
N GLU B 41 5.99 -12.44 -30.95
CA GLU B 41 6.28 -13.42 -29.89
C GLU B 41 7.44 -12.99 -29.00
N LYS B 42 8.43 -12.31 -29.55
CA LYS B 42 9.57 -11.89 -28.72
C LYS B 42 9.17 -10.85 -27.67
N ALA B 43 8.36 -9.89 -28.06
CA ALA B 43 7.91 -8.87 -27.08
C ALA B 43 7.11 -9.57 -25.98
N ALA B 44 6.30 -10.55 -26.37
CA ALA B 44 5.52 -11.28 -25.38
C ALA B 44 6.40 -12.04 -24.42
N GLN B 45 7.43 -12.71 -24.94
CA GLN B 45 8.36 -13.47 -24.07
C GLN B 45 9.13 -12.54 -23.15
N LYS B 46 9.39 -11.31 -23.58
CA LYS B 46 10.05 -10.35 -22.72
C LYS B 46 9.13 -10.03 -21.53
N VAL B 47 7.84 -9.85 -21.77
CA VAL B 47 6.94 -9.53 -20.65
C VAL B 47 6.82 -10.72 -19.73
N VAL B 48 6.72 -11.92 -20.30
CA VAL B 48 6.75 -13.16 -19.50
C VAL B 48 8.00 -13.24 -18.58
N SER B 49 9.17 -12.94 -19.10
CA SER B 49 10.41 -12.94 -18.30
C SER B 49 10.43 -11.90 -17.19
N GLU B 50 9.96 -10.70 -17.46
CA GLU B 50 9.83 -9.71 -16.40
C GLU B 50 8.82 -10.12 -15.32
N VAL B 51 7.73 -10.78 -15.68
CA VAL B 51 6.79 -11.23 -14.65
C VAL B 51 7.48 -12.33 -13.80
N GLU B 52 8.18 -13.25 -14.47
CA GLU B 52 8.85 -14.37 -13.78
C GLU B 52 9.95 -13.88 -12.85
N ALA B 53 10.62 -12.81 -13.25
CA ALA B 53 11.60 -12.18 -12.39
C ALA B 53 10.99 -11.72 -11.06
N LEU B 54 9.71 -11.42 -11.05
CA LEU B 54 9.08 -10.95 -9.83
C LEU B 54 8.66 -12.11 -8.97
N GLY B 55 8.84 -13.33 -9.43
CA GLY B 55 8.38 -14.51 -8.72
C GLY B 55 7.00 -15.05 -9.08
N ARG B 56 6.33 -14.48 -10.07
CA ARG B 56 5.00 -14.95 -10.48
C ARG B 56 5.16 -15.87 -11.69
N LYS B 57 4.12 -16.65 -11.96
CA LYS B 57 4.03 -17.42 -13.22
C LYS B 57 3.39 -16.57 -14.32
N ALA B 58 3.85 -16.77 -15.53
CA ALA B 58 3.35 -16.04 -16.68
C ALA B 58 3.31 -16.92 -17.93
N VAL B 59 2.37 -16.63 -18.81
CA VAL B 59 2.26 -17.33 -20.04
C VAL B 59 1.82 -16.38 -21.12
N ALA B 60 2.36 -16.57 -22.32
CA ALA B 60 1.94 -15.81 -23.47
C ALA B 60 1.14 -16.68 -24.42
N VAL B 61 -0.02 -16.20 -24.82
CA VAL B 61 -0.92 -16.98 -25.69
C VAL B 61 -1.12 -16.23 -26.99
N GLN B 62 -0.84 -16.89 -28.07
CA GLN B 62 -1.01 -16.32 -29.38
C GLN B 62 -2.47 -16.37 -29.68
N ALA B 63 -3.02 -15.23 -30.08
CA ALA B 63 -4.44 -15.21 -30.44
C ALA B 63 -4.79 -14.00 -31.23
N ASP B 64 -5.54 -14.20 -32.30
CA ASP B 64 -6.05 -13.08 -33.08
C ASP B 64 -7.34 -12.58 -32.40
N GLY B 65 -7.25 -11.43 -31.76
CA GLY B 65 -8.38 -10.79 -31.07
C GLY B 65 -9.51 -10.40 -31.97
N GLY B 66 -9.23 -10.37 -33.27
CA GLY B 66 -10.22 -10.08 -34.28
C GLY B 66 -11.03 -11.27 -34.78
N SER B 67 -10.73 -12.47 -34.28
CA SER B 67 -11.51 -13.67 -34.63
C SER B 67 -12.19 -14.19 -33.35
N THR B 68 -13.37 -14.74 -33.47
CA THR B 68 -14.03 -15.31 -32.29
C THR B 68 -13.36 -16.55 -31.76
N ASP B 69 -12.74 -17.33 -32.64
CA ASP B 69 -11.95 -18.49 -32.21
C ASP B 69 -10.75 -18.05 -31.36
N GLY B 70 -10.09 -16.95 -31.74
CA GLY B 70 -9.05 -16.36 -30.91
C GLY B 70 -9.54 -15.84 -29.59
N ASN B 71 -10.70 -15.19 -29.58
CA ASN B 71 -11.28 -14.72 -28.33
C ASN B 71 -11.52 -15.89 -27.36
N ILE B 72 -12.08 -16.99 -27.87
CA ILE B 72 -12.39 -18.16 -27.05
C ILE B 72 -11.10 -18.86 -26.59
N ALA B 73 -10.15 -18.98 -27.50
CA ALA B 73 -8.90 -19.65 -27.19
C ALA B 73 -8.07 -18.93 -26.12
N ALA B 74 -8.12 -17.61 -26.09
CA ALA B 74 -7.40 -16.86 -25.08
C ALA B 74 -7.82 -17.31 -23.67
N ILE B 75 -9.11 -17.40 -23.44
CA ILE B 75 -9.61 -17.80 -22.14
C ILE B 75 -9.26 -19.25 -21.92
N THR B 76 -9.53 -20.08 -22.91
CA THR B 76 -9.36 -21.54 -22.79
C THR B 76 -7.90 -21.89 -22.43
N LYS B 77 -6.94 -21.28 -23.12
CA LYS B 77 -5.55 -21.59 -22.88
C LYS B 77 -5.07 -21.03 -21.55
N THR B 78 -5.64 -19.88 -21.14
CA THR B 78 -5.34 -19.36 -19.82
C THR B 78 -5.80 -20.35 -18.75
N HIS B 79 -7.01 -20.84 -18.89
CA HIS B 79 -7.53 -21.73 -17.88
C HIS B 79 -6.78 -23.07 -17.87
N GLU B 80 -6.37 -23.52 -19.04
CA GLU B 80 -5.54 -24.73 -19.14
C GLU B 80 -4.18 -24.56 -18.47
N ALA B 81 -3.57 -23.41 -18.63
CA ALA B 81 -2.28 -23.17 -17.99
C ALA B 81 -2.40 -23.01 -16.46
N PHE B 82 -3.44 -22.37 -15.96
CA PHE B 82 -3.50 -21.99 -14.54
C PHE B 82 -4.65 -22.55 -13.72
N GLY B 83 -5.68 -23.13 -14.35
CA GLY B 83 -6.76 -23.76 -13.56
C GLY B 83 -7.69 -22.80 -12.85
N ARG B 84 -7.57 -21.48 -13.11
CA ARG B 84 -8.50 -20.51 -12.55
C ARG B 84 -8.36 -19.22 -13.34
N LEU B 85 -9.33 -18.35 -13.19
CA LEU B 85 -9.32 -17.02 -13.85
C LEU B 85 -10.02 -16.01 -12.91
N ASP B 86 -9.32 -14.96 -12.57
CA ASP B 86 -9.78 -13.99 -11.56
C ASP B 86 -9.99 -12.56 -12.06
N ALA B 87 -9.22 -12.19 -13.08
CA ALA B 87 -9.40 -10.94 -13.72
C ALA B 87 -9.21 -11.04 -15.24
N LEU B 88 -10.11 -10.40 -15.98
CA LEU B 88 -9.95 -10.22 -17.39
C LEU B 88 -9.78 -8.71 -17.66
N VAL B 89 -8.70 -8.36 -18.35
CA VAL B 89 -8.47 -6.98 -18.80
C VAL B 89 -8.43 -6.95 -20.31
N CYS B 90 -9.45 -6.38 -20.90
CA CYS B 90 -9.63 -6.35 -22.37
C CYS B 90 -9.01 -5.07 -22.84
N ASN B 91 -7.78 -5.21 -23.29
CA ASN B 91 -6.98 -4.06 -23.61
C ASN B 91 -6.70 -3.98 -25.11
N ALA B 92 -6.74 -5.10 -25.81
CA ALA B 92 -6.37 -5.10 -27.23
C ALA B 92 -7.38 -4.24 -27.97
N GLY B 93 -6.94 -3.51 -28.95
CA GLY B 93 -7.82 -2.66 -29.76
C GLY B 93 -7.08 -1.99 -30.91
N ILE B 94 -7.81 -1.38 -31.81
CA ILE B 94 -7.22 -0.67 -32.92
C ILE B 94 -7.86 0.73 -33.00
N TYR B 95 -7.15 1.66 -33.62
CA TYR B 95 -7.48 3.07 -33.72
C TYR B 95 -7.50 3.51 -35.20
N PRO B 96 -8.61 3.29 -35.89
CA PRO B 96 -8.73 3.80 -37.23
C PRO B 96 -8.94 5.28 -37.17
N TYR B 97 -8.46 5.96 -38.19
CA TYR B 97 -8.57 7.42 -38.24
C TYR B 97 -8.89 7.84 -39.67
N GLY B 98 -9.86 8.71 -39.85
CA GLY B 98 -10.13 9.33 -41.13
C GLY B 98 -11.57 9.78 -41.23
N PRO B 99 -11.91 10.56 -42.25
CA PRO B 99 -13.26 11.08 -42.35
C PRO B 99 -14.22 9.94 -42.63
N ILE B 100 -15.42 10.02 -42.01
CA ILE B 100 -16.36 8.96 -42.05
C ILE B 100 -16.70 8.53 -43.52
N ALA B 101 -16.80 9.47 -44.41
CA ALA B 101 -17.15 9.16 -45.79
C ALA B 101 -16.12 8.29 -46.50
N GLN B 102 -14.90 8.25 -46.01
CA GLN B 102 -13.83 7.46 -46.61
C GLN B 102 -13.63 6.12 -45.96
N MET B 103 -14.43 5.76 -44.97
CA MET B 103 -14.18 4.51 -44.25
C MET B 103 -14.68 3.37 -45.09
N THR B 104 -13.94 2.27 -45.14
CA THR B 104 -14.38 1.13 -45.92
C THR B 104 -15.10 0.13 -45.05
N VAL B 105 -15.82 -0.79 -45.69
CA VAL B 105 -16.46 -1.86 -44.98
C VAL B 105 -15.47 -2.66 -44.13
N THR B 106 -14.29 -2.90 -44.69
CA THR B 106 -13.26 -3.63 -44.00
C THR B 106 -12.81 -2.92 -42.74
N GLN B 107 -12.62 -1.61 -42.78
CA GLN B 107 -12.22 -0.90 -41.59
C GLN B 107 -13.31 -0.99 -40.53
N ILE B 108 -14.55 -0.88 -40.96
CA ILE B 108 -15.67 -0.91 -40.07
C ILE B 108 -15.73 -2.26 -39.36
N GLU B 109 -15.68 -3.34 -40.11
CA GLU B 109 -15.71 -4.67 -39.52
C GLU B 109 -14.57 -4.94 -38.58
N GLU B 110 -13.38 -4.55 -39.00
CA GLU B 110 -12.19 -4.72 -38.20
C GLU B 110 -12.31 -4.03 -36.84
N VAL B 111 -12.77 -2.78 -36.83
CA VAL B 111 -12.79 -2.06 -35.59
C VAL B 111 -13.89 -2.61 -34.67
N LEU B 112 -15.05 -2.96 -35.23
CA LEU B 112 -16.07 -3.63 -34.46
C LEU B 112 -15.64 -4.97 -33.90
N ASN B 113 -14.97 -5.74 -34.73
CA ASN B 113 -14.51 -7.07 -34.31
C ASN B 113 -13.51 -7.04 -33.17
N LEU B 114 -12.57 -6.12 -33.25
CA LEU B 114 -11.53 -6.09 -32.24
C LEU B 114 -11.92 -5.24 -31.02
N ASN B 115 -12.58 -4.10 -31.22
CA ASN B 115 -12.80 -3.22 -30.10
C ASN B 115 -14.07 -3.48 -29.33
N LEU B 116 -14.98 -4.27 -29.89
CA LEU B 116 -16.22 -4.51 -29.19
C LEU B 116 -16.59 -6.01 -29.13
N ARG B 117 -16.57 -6.70 -30.28
CA ARG B 117 -16.93 -8.11 -30.32
C ARG B 117 -16.01 -8.96 -29.48
N ALA B 118 -14.72 -8.66 -29.56
CA ALA B 118 -13.75 -9.38 -28.73
C ALA B 118 -14.09 -9.31 -27.27
N ALA B 119 -14.36 -8.10 -26.80
CA ALA B 119 -14.66 -7.94 -25.36
C ALA B 119 -15.88 -8.72 -24.93
N MET B 120 -16.86 -8.73 -25.79
CA MET B 120 -18.09 -9.42 -25.54
C MET B 120 -17.89 -10.92 -25.50
N VAL B 121 -17.26 -11.48 -26.54
CA VAL B 121 -17.00 -12.92 -26.60
C VAL B 121 -16.08 -13.38 -25.49
N GLU B 122 -15.02 -12.63 -25.22
CA GLU B 122 -14.08 -12.99 -24.15
C GLU B 122 -14.74 -12.96 -22.79
N THR B 123 -15.61 -11.98 -22.57
CA THR B 123 -16.33 -11.90 -21.30
C THR B 123 -17.22 -13.13 -21.09
N VAL B 124 -18.00 -13.48 -22.11
CA VAL B 124 -18.84 -14.67 -22.02
C VAL B 124 -17.98 -15.89 -21.63
N GLU B 125 -16.89 -16.10 -22.33
CA GLU B 125 -16.05 -17.27 -22.06
C GLU B 125 -15.42 -17.20 -20.67
N ALA B 126 -14.98 -16.02 -20.24
CA ALA B 126 -14.40 -15.86 -18.91
C ALA B 126 -15.38 -16.26 -17.82
N LEU B 127 -16.65 -15.99 -18.04
CA LEU B 127 -17.67 -16.29 -17.04
C LEU B 127 -17.95 -17.77 -16.89
N LYS B 128 -17.40 -18.62 -17.76
CA LYS B 128 -17.44 -20.05 -17.47
C LYS B 128 -16.54 -20.39 -16.27
N TYR B 129 -15.54 -19.57 -15.99
CA TYR B 129 -14.55 -19.91 -14.98
C TYR B 129 -14.52 -18.95 -13.81
N MET B 130 -14.97 -17.71 -13.98
CA MET B 130 -14.80 -16.72 -12.95
C MET B 130 -15.78 -16.91 -11.82
N LYS B 131 -15.40 -16.50 -10.61
CA LYS B 131 -16.25 -16.64 -9.43
C LYS B 131 -16.35 -15.32 -8.68
N THR B 132 -17.10 -15.31 -7.57
CA THR B 132 -17.25 -14.15 -6.70
C THR B 132 -15.88 -13.57 -6.34
N GLY B 133 -15.75 -12.24 -6.42
CA GLY B 133 -14.44 -11.58 -6.31
C GLY B 133 -13.79 -11.36 -7.66
N GLY B 134 -14.38 -11.87 -8.73
CA GLY B 134 -13.83 -11.62 -10.09
C GLY B 134 -13.87 -10.18 -10.51
N ARG B 135 -13.07 -9.88 -11.53
CA ARG B 135 -12.93 -8.52 -12.03
C ARG B 135 -12.87 -8.50 -13.57
N LEU B 136 -13.77 -7.74 -14.18
CA LEU B 136 -13.78 -7.47 -15.58
C LEU B 136 -13.42 -5.99 -15.71
N ILE B 137 -12.33 -5.71 -16.42
CA ILE B 137 -11.89 -4.34 -16.62
C ILE B 137 -11.66 -4.13 -18.11
N TYR B 138 -12.38 -3.19 -18.70
CA TYR B 138 -12.29 -2.90 -20.12
C TYR B 138 -11.46 -1.64 -20.24
N ILE B 139 -10.55 -1.61 -21.24
CA ILE B 139 -9.85 -0.41 -21.62
C ILE B 139 -10.56 0.29 -22.77
N GLY B 140 -11.26 1.35 -22.42
CA GLY B 140 -12.03 2.13 -23.33
C GLY B 140 -11.16 3.28 -23.81
N SER B 141 -11.72 4.48 -23.86
CA SER B 141 -10.99 5.67 -24.24
C SER B 141 -11.79 6.89 -23.82
N ALA B 142 -11.06 7.95 -23.55
CA ALA B 142 -11.71 9.23 -23.33
C ALA B 142 -12.54 9.62 -24.55
N PHE B 143 -12.13 9.17 -25.73
CA PHE B 143 -12.84 9.51 -26.95
C PHE B 143 -14.20 8.82 -27.04
N GLY B 144 -14.45 7.83 -26.19
CA GLY B 144 -15.77 7.29 -26.02
C GLY B 144 -16.75 8.31 -25.42
N GLU B 145 -16.25 9.35 -24.75
CA GLU B 145 -17.10 10.38 -24.16
C GLU B 145 -17.03 11.70 -24.87
N ARG B 146 -15.89 12.01 -25.52
CA ARG B 146 -15.80 13.25 -26.31
C ARG B 146 -15.03 12.95 -27.57
N ALA B 147 -15.54 13.44 -28.67
CA ALA B 147 -14.84 13.39 -29.94
C ALA B 147 -14.55 14.82 -30.38
N PRO B 148 -13.44 15.40 -29.89
CA PRO B 148 -13.24 16.83 -30.06
C PRO B 148 -12.70 17.24 -31.41
N PHE B 149 -12.27 16.29 -32.25
CA PHE B 149 -11.81 16.63 -33.58
C PHE B 149 -12.27 15.56 -34.60
N PRO B 150 -12.22 15.89 -35.88
CA PRO B 150 -12.75 14.99 -36.91
C PRO B 150 -11.84 13.77 -37.08
N GLY B 151 -12.41 12.68 -37.58
CA GLY B 151 -11.63 11.52 -37.97
C GLY B 151 -11.80 10.29 -37.08
N ILE B 152 -12.52 10.39 -35.98
CA ILE B 152 -12.54 9.34 -35.02
C ILE B 152 -13.93 8.73 -34.74
N SER B 153 -14.84 8.87 -35.69
CA SER B 153 -16.20 8.34 -35.55
C SER B 153 -16.24 6.85 -35.23
N LEU B 154 -15.41 6.04 -35.91
CA LEU B 154 -15.48 4.62 -35.69
C LEU B 154 -14.95 4.23 -34.35
N TYR B 155 -13.86 4.84 -33.99
CA TYR B 155 -13.25 4.55 -32.73
C TYR B 155 -14.20 4.98 -31.60
N ALA B 156 -14.72 6.20 -31.68
CA ALA B 156 -15.60 6.72 -30.65
C ALA B 156 -16.80 5.82 -30.48
N ALA B 157 -17.37 5.30 -31.60
CA ALA B 157 -18.49 4.40 -31.52
C ALA B 157 -18.15 3.16 -30.69
N THR B 158 -16.99 2.55 -30.98
CA THR B 158 -16.69 1.27 -30.29
C THR B 158 -16.41 1.53 -28.84
N LYS B 159 -15.70 2.63 -28.54
CA LYS B 159 -15.36 2.91 -27.17
C LYS B 159 -16.58 3.31 -26.34
N ALA B 160 -17.53 4.05 -26.93
CA ALA B 160 -18.75 4.37 -26.24
C ALA B 160 -19.57 3.11 -26.04
N GLY B 161 -19.43 2.18 -26.98
CA GLY B 161 -20.08 0.86 -26.86
C GLY B 161 -19.66 0.11 -25.65
N LEU B 162 -18.38 0.17 -25.34
CA LEU B 162 -17.86 -0.50 -24.16
C LEU B 162 -18.43 0.07 -22.91
N ILE B 163 -18.75 1.36 -22.91
CA ILE B 163 -19.34 1.97 -21.70
C ILE B 163 -20.68 1.35 -21.48
N GLY B 164 -21.48 1.26 -22.52
CA GLY B 164 -22.82 0.63 -22.41
C GLY B 164 -22.75 -0.84 -22.04
N PHE B 165 -21.79 -1.56 -22.61
CA PHE B 165 -21.58 -2.98 -22.26
C PHE B 165 -21.23 -3.11 -20.77
N THR B 166 -20.32 -2.27 -20.29
CA THR B 166 -19.88 -2.28 -18.90
C THR B 166 -21.04 -2.04 -17.96
N LYS B 167 -21.93 -1.11 -18.30
CA LYS B 167 -23.08 -0.85 -17.45
C LYS B 167 -24.04 -2.04 -17.37
N GLY B 168 -24.29 -2.67 -18.52
CA GLY B 168 -25.17 -3.80 -18.58
C GLY B 168 -24.59 -5.04 -17.93
N VAL B 169 -23.29 -5.30 -18.14
CA VAL B 169 -22.62 -6.43 -17.49
C VAL B 169 -22.56 -6.24 -16.00
N ALA B 170 -22.26 -5.02 -15.55
CA ALA B 170 -22.23 -4.73 -14.13
C ALA B 170 -23.58 -5.07 -13.50
N ARG B 171 -24.63 -4.62 -14.17
CA ARG B 171 -25.98 -4.86 -13.70
C ARG B 171 -26.24 -6.37 -13.60
N ASP B 172 -25.83 -7.13 -14.62
CA ASP B 172 -26.05 -8.61 -14.63
C ASP B 172 -25.31 -9.30 -13.53
N LEU B 173 -24.08 -8.87 -13.24
CA LEU B 173 -23.18 -9.63 -12.38
C LEU B 173 -23.12 -9.15 -10.92
N GLY B 174 -23.83 -8.06 -10.64
CA GLY B 174 -23.81 -7.47 -9.34
C GLY B 174 -24.01 -8.48 -8.25
N PRO B 175 -25.14 -9.20 -8.30
CA PRO B 175 -25.37 -10.18 -7.19
C PRO B 175 -24.39 -11.37 -7.15
N GLN B 176 -23.59 -11.57 -8.19
CA GLN B 176 -22.62 -12.66 -8.21
C GLN B 176 -21.29 -12.26 -7.66
N GLY B 177 -21.10 -10.96 -7.33
CA GLY B 177 -19.84 -10.48 -6.74
C GLY B 177 -18.73 -10.32 -7.73
N ILE B 178 -19.06 -10.14 -9.00
CA ILE B 178 -18.08 -9.86 -10.05
C ILE B 178 -18.33 -8.43 -10.50
N THR B 179 -17.25 -7.63 -10.57
CA THR B 179 -17.38 -6.23 -10.96
C THR B 179 -16.94 -6.03 -12.37
N ALA B 180 -17.53 -5.03 -13.02
CA ALA B 180 -17.21 -4.67 -14.40
C ALA B 180 -17.07 -3.13 -14.49
N ASN B 181 -15.91 -2.68 -14.96
CA ASN B 181 -15.60 -1.26 -14.98
C ASN B 181 -14.80 -0.96 -16.20
N VAL B 182 -14.86 0.28 -16.64
CA VAL B 182 -14.09 0.71 -17.80
C VAL B 182 -13.09 1.82 -17.39
N VAL B 183 -11.82 1.65 -17.78
CA VAL B 183 -10.84 2.72 -17.74
C VAL B 183 -10.76 3.43 -19.09
N GLU B 184 -10.75 4.76 -19.10
CA GLU B 184 -10.80 5.57 -20.31
C GLU B 184 -9.57 6.49 -20.47
N PRO B 185 -8.50 5.94 -21.00
CA PRO B 185 -7.31 6.71 -21.27
C PRO B 185 -7.53 7.83 -22.25
N GLY B 186 -6.90 8.97 -21.97
CA GLY B 186 -6.63 9.97 -22.98
C GLY B 186 -5.40 9.57 -23.78
N PRO B 187 -4.69 10.54 -24.35
CA PRO B 187 -3.50 10.22 -25.12
C PRO B 187 -2.38 9.78 -24.16
N ILE B 188 -1.84 8.58 -24.40
CA ILE B 188 -0.79 8.01 -23.60
C ILE B 188 0.41 7.81 -24.50
N ALA B 189 1.56 8.36 -24.14
CA ALA B 189 2.83 8.15 -24.82
C ALA B 189 3.32 6.69 -24.71
N THR B 190 3.55 6.09 -25.86
CA THR B 190 4.16 4.77 -25.94
C THR B 190 5.09 4.81 -27.16
N ASP B 191 5.84 3.74 -27.36
CA ASP B 191 6.64 3.54 -28.61
C ASP B 191 5.88 3.86 -29.89
N LEU B 192 4.69 3.29 -30.00
CA LEU B 192 3.79 3.45 -31.14
C LEU B 192 3.03 4.78 -31.16
N ASN B 193 2.88 5.45 -30.02
CA ASN B 193 2.13 6.68 -29.94
C ASN B 193 2.98 7.76 -29.29
N PRO B 194 3.90 8.37 -30.05
CA PRO B 194 4.86 9.29 -29.45
C PRO B 194 4.24 10.65 -29.09
N GLU B 195 4.79 11.30 -28.08
CA GLU B 195 4.33 12.61 -27.59
C GLU B 195 4.78 13.86 -28.40
N ASP B 196 5.65 13.65 -29.38
CA ASP B 196 6.17 14.74 -30.24
C ASP B 196 5.56 14.64 -31.61
N GLY B 197 5.68 15.73 -32.36
CA GLY B 197 5.10 15.83 -33.69
C GLY B 197 3.84 16.70 -33.64
N ALA B 198 3.47 17.19 -34.82
CA ALA B 198 2.40 18.19 -34.91
C ALA B 198 1.03 17.61 -34.57
N ALA B 199 0.81 16.33 -34.87
CA ALA B 199 -0.45 15.68 -34.55
C ALA B 199 -0.63 15.65 -33.03
N ALA B 200 0.41 15.21 -32.33
CA ALA B 200 0.41 15.15 -30.87
C ALA B 200 0.16 16.53 -30.28
N ALA B 201 0.77 17.56 -30.87
CA ALA B 201 0.60 18.95 -30.37
C ALA B 201 -0.86 19.41 -30.45
N VAL B 202 -1.57 18.97 -31.47
CA VAL B 202 -2.95 19.30 -31.57
C VAL B 202 -3.73 18.56 -30.49
N ILE B 203 -3.54 17.24 -30.36
CA ILE B 203 -4.27 16.44 -29.39
C ILE B 203 -4.01 16.96 -27.97
N ARG B 204 -2.76 17.30 -27.68
CA ARG B 204 -2.35 17.81 -26.35
C ARG B 204 -3.17 19.00 -25.95
N LYS B 205 -3.39 19.91 -26.89
CA LYS B 205 -4.11 21.12 -26.63
C LYS B 205 -5.55 20.89 -26.16
N PHE B 206 -6.12 19.73 -26.40
CA PHE B 206 -7.45 19.45 -25.88
C PHE B 206 -7.41 18.98 -24.44
N THR B 207 -6.23 18.58 -23.96
CA THR B 207 -6.12 18.13 -22.58
C THR B 207 -5.96 19.36 -21.72
N ALA B 208 -6.42 19.30 -20.48
CA ALA B 208 -6.29 20.46 -19.60
C ALA B 208 -4.83 20.59 -19.16
N THR B 209 -4.13 19.47 -18.98
CA THR B 209 -2.75 19.48 -18.56
C THR B 209 -1.80 19.85 -19.70
N GLU B 210 -2.30 19.89 -20.95
CA GLU B 210 -1.46 20.13 -22.11
C GLU B 210 -0.31 19.13 -22.18
N SER B 211 -0.65 17.85 -21.98
CA SER B 211 0.34 16.80 -21.97
C SER B 211 -0.27 15.46 -22.35
N TYR B 212 0.60 14.56 -22.79
CA TYR B 212 0.31 13.13 -22.90
C TYR B 212 0.60 12.46 -21.58
N GLY B 213 -0.12 11.41 -21.27
CA GLY B 213 0.12 10.61 -20.09
C GLY B 213 1.12 9.49 -20.39
N LYS B 214 1.33 8.63 -19.42
CA LYS B 214 2.30 7.58 -19.47
C LYS B 214 1.60 6.29 -19.05
N VAL B 215 2.16 5.16 -19.45
CA VAL B 215 1.49 3.87 -19.25
C VAL B 215 1.20 3.59 -17.79
N ASN B 216 2.03 4.09 -16.89
CA ASN B 216 1.78 3.83 -15.47
C ASN B 216 0.46 4.45 -15.04
N ASP B 217 0.04 5.53 -15.70
CA ASP B 217 -1.21 6.20 -15.33
C ASP B 217 -2.39 5.25 -15.44
N ILE B 218 -2.32 4.41 -16.44
CA ILE B 218 -3.38 3.42 -16.71
C ILE B 218 -3.19 2.19 -15.84
N ALA B 219 -1.97 1.72 -15.74
CA ALA B 219 -1.72 0.53 -14.95
C ALA B 219 -2.16 0.65 -13.48
N ARG B 220 -1.86 1.80 -12.87
CA ARG B 220 -2.21 2.04 -11.42
C ARG B 220 -3.72 2.07 -11.30
N THR B 221 -4.43 2.48 -12.36
CA THR B 221 -5.90 2.55 -12.27
C THR B 221 -6.55 1.15 -12.39
N VAL B 222 -5.99 0.35 -13.25
CA VAL B 222 -6.37 -1.04 -13.33
C VAL B 222 -6.11 -1.75 -12.03
N SER B 223 -4.96 -1.54 -11.46
CA SER B 223 -4.63 -2.15 -10.18
C SER B 223 -5.66 -1.75 -9.12
N PHE B 224 -6.00 -0.45 -9.07
CA PHE B 224 -6.99 0.08 -8.11
C PHE B 224 -8.34 -0.68 -8.23
N LEU B 225 -8.77 -0.92 -9.47
CA LEU B 225 -10.00 -1.60 -9.72
C LEU B 225 -9.98 -3.13 -9.48
N ALA B 226 -8.82 -3.73 -9.67
CA ALA B 226 -8.69 -5.16 -9.61
C ALA B 226 -8.54 -5.65 -8.18
N SER B 227 -8.25 -4.72 -7.26
CA SER B 227 -8.12 -5.06 -5.85
C SER B 227 -9.39 -5.73 -5.29
N PRO B 228 -9.23 -6.65 -4.34
CA PRO B 228 -10.40 -7.13 -3.63
C PRO B 228 -11.16 -6.04 -2.89
N ASP B 229 -10.48 -4.93 -2.57
CA ASP B 229 -11.16 -3.85 -1.85
C ASP B 229 -12.03 -3.01 -2.75
N ALA B 230 -11.97 -3.23 -4.06
CA ALA B 230 -12.79 -2.50 -5.04
C ALA B 230 -14.16 -3.12 -5.30
N SER B 231 -14.67 -3.88 -4.36
CA SER B 231 -15.91 -4.65 -4.57
C SER B 231 -17.16 -3.76 -4.73
N TYR B 232 -17.11 -2.50 -4.27
CA TYR B 232 -18.25 -1.63 -4.40
C TYR B 232 -18.20 -0.78 -5.66
N ILE B 233 -17.12 -0.90 -6.43
CA ILE B 233 -17.02 -0.18 -7.68
C ILE B 233 -17.43 -1.10 -8.81
N THR B 234 -18.56 -0.81 -9.40
CA THR B 234 -18.98 -1.54 -10.53
C THR B 234 -19.86 -0.65 -11.40
N GLY B 235 -19.69 -0.79 -12.70
CA GLY B 235 -20.41 0.06 -13.64
C GLY B 235 -19.71 1.40 -13.85
N ALA B 236 -18.55 1.60 -13.25
CA ALA B 236 -17.89 2.85 -13.27
C ALA B 236 -17.02 3.02 -14.49
N SER B 237 -16.84 4.29 -14.84
CA SER B 237 -15.84 4.67 -15.81
C SER B 237 -14.87 5.62 -15.14
N ILE B 238 -13.60 5.42 -15.35
CA ILE B 238 -12.56 6.30 -14.83
C ILE B 238 -11.73 6.91 -15.96
N LEU B 239 -11.91 8.23 -16.13
CA LEU B 239 -11.18 8.98 -17.11
C LEU B 239 -9.76 9.19 -16.59
N VAL B 240 -8.77 8.82 -17.39
CA VAL B 240 -7.37 9.10 -17.09
C VAL B 240 -6.82 9.80 -18.32
N ASP B 241 -7.11 11.09 -18.41
CA ASP B 241 -7.02 11.80 -19.66
C ASP B 241 -6.51 13.18 -19.61
N GLY B 242 -5.89 13.55 -18.52
CA GLY B 242 -5.36 14.89 -18.39
C GLY B 242 -6.39 15.99 -18.54
N GLY B 243 -7.66 15.67 -18.31
CA GLY B 243 -8.72 16.68 -18.43
C GLY B 243 -9.28 16.89 -19.83
N LEU B 244 -8.97 15.98 -20.77
CA LEU B 244 -9.45 16.12 -22.12
C LEU B 244 -10.97 16.26 -22.20
N VAL B 245 -11.68 15.38 -21.50
CA VAL B 245 -13.13 15.33 -21.55
C VAL B 245 -13.79 16.46 -20.73
N ALA B 246 -13.04 17.06 -19.85
CA ALA B 246 -13.65 17.41 -18.59
C ALA B 246 -12.72 18.41 -17.90
N MET C 4 -15.26 -19.53 4.42
CA MET C 4 -13.73 -19.66 4.40
C MET C 4 -13.08 -18.87 3.26
N THR C 5 -13.68 -17.74 2.86
CA THR C 5 -13.17 -16.97 1.75
C THR C 5 -11.96 -16.08 2.15
N HIS C 6 -11.83 -15.71 3.42
CA HIS C 6 -10.71 -14.84 3.84
C HIS C 6 -9.74 -15.55 4.78
N ARG C 7 -8.47 -15.13 4.74
CA ARG C 7 -7.52 -15.58 5.74
C ARG C 7 -8.03 -15.22 7.13
N VAL C 8 -7.69 -16.05 8.11
CA VAL C 8 -8.11 -15.91 9.47
C VAL C 8 -6.90 -15.71 10.37
N ALA C 9 -6.95 -14.70 11.21
CA ALA C 9 -5.91 -14.43 12.18
C ALA C 9 -6.48 -14.59 13.55
N LEU C 10 -5.77 -15.32 14.39
CA LEU C 10 -6.04 -15.40 15.82
C LEU C 10 -5.00 -14.55 16.56
N ILE C 11 -5.48 -13.59 17.32
CA ILE C 11 -4.65 -12.78 18.19
C ILE C 11 -5.00 -13.03 19.65
N THR C 12 -4.04 -13.52 20.43
CA THR C 12 -4.27 -13.72 21.84
C THR C 12 -4.17 -12.40 22.57
N GLY C 13 -5.00 -12.19 23.59
CA GLY C 13 -5.02 -10.92 24.33
C GLY C 13 -5.42 -9.75 23.41
N GLY C 14 -6.39 -9.95 22.53
CA GLY C 14 -6.64 -8.99 21.46
C GLY C 14 -7.71 -7.96 21.77
N SER C 15 -8.09 -7.85 23.03
CA SER C 15 -9.17 -7.00 23.42
C SER C 15 -8.75 -5.60 23.74
N ARG C 16 -7.46 -5.37 23.98
CA ARG C 16 -7.05 -4.03 24.28
C ARG C 16 -5.57 -3.86 23.91
N GLY C 17 -5.10 -2.62 24.01
CA GLY C 17 -3.69 -2.29 23.86
C GLY C 17 -3.16 -2.76 22.50
N ILE C 18 -2.00 -3.41 22.54
CA ILE C 18 -1.27 -3.80 21.34
C ILE C 18 -2.08 -4.82 20.57
N GLY C 19 -2.68 -5.75 21.30
CA GLY C 19 -3.47 -6.78 20.69
C GLY C 19 -4.64 -6.25 19.87
N ALA C 20 -5.40 -5.35 20.46
CA ALA C 20 -6.49 -4.73 19.75
C ALA C 20 -6.01 -4.02 18.50
N ALA C 21 -4.93 -3.26 18.62
CA ALA C 21 -4.45 -2.50 17.46
C ALA C 21 -4.02 -3.51 16.32
N ILE C 22 -3.41 -4.65 16.71
CA ILE C 22 -3.03 -5.66 15.73
C ILE C 22 -4.26 -6.20 15.05
N ALA C 23 -5.27 -6.50 15.85
CA ALA C 23 -6.52 -7.05 15.27
C ALA C 23 -7.14 -6.14 14.25
N LEU C 24 -7.20 -4.84 14.54
CA LEU C 24 -7.79 -3.91 13.58
C LEU C 24 -6.94 -3.75 12.32
N LYS C 25 -5.64 -3.71 12.50
CA LYS C 25 -4.72 -3.56 11.36
C LYS C 25 -4.82 -4.78 10.48
N LEU C 26 -4.84 -5.99 11.07
CA LEU C 26 -4.98 -7.20 10.20
C LEU C 26 -6.35 -7.28 9.53
N ALA C 27 -7.39 -6.79 10.20
CA ALA C 27 -8.71 -6.76 9.59
C ALA C 27 -8.67 -5.88 8.35
N GLN C 28 -7.99 -4.75 8.45
CA GLN C 28 -7.84 -3.84 7.29
C GLN C 28 -7.04 -4.45 6.21
N ASP C 29 -6.06 -5.27 6.56
CA ASP C 29 -5.32 -6.03 5.56
C ASP C 29 -6.15 -7.14 4.93
N GLY C 30 -7.36 -7.42 5.42
CA GLY C 30 -8.21 -8.44 4.77
C GLY C 30 -8.32 -9.78 5.56
N PHE C 31 -7.84 -9.84 6.81
CA PHE C 31 -8.05 -11.03 7.64
C PHE C 31 -9.37 -10.95 8.37
N ASP C 32 -10.08 -12.07 8.42
CA ASP C 32 -11.10 -12.30 9.45
C ASP C 32 -10.37 -12.56 10.76
N ILE C 33 -11.02 -12.27 11.89
CA ILE C 33 -10.31 -12.09 13.14
C ILE C 33 -10.94 -12.90 14.26
N ALA C 34 -10.11 -13.59 15.00
CA ALA C 34 -10.50 -14.13 16.30
C ALA C 34 -9.57 -13.47 17.32
N ILE C 35 -10.12 -13.07 18.44
CA ILE C 35 -9.33 -12.64 19.56
C ILE C 35 -9.66 -13.43 20.81
N THR C 36 -8.67 -13.60 21.69
CA THR C 36 -8.89 -14.14 23.00
C THR C 36 -8.91 -13.05 24.02
N TYR C 37 -9.67 -13.30 25.08
CA TYR C 37 -9.67 -12.41 26.22
C TYR C 37 -9.81 -13.26 27.47
N ALA C 38 -9.19 -12.79 28.53
CA ALA C 38 -9.22 -13.47 29.82
C ALA C 38 -10.43 -12.97 30.58
N ARG C 39 -10.54 -11.65 30.65
CA ARG C 39 -11.53 -10.98 31.37
C ARG C 39 -11.82 -9.81 30.47
N ASN C 40 -12.90 -9.16 30.76
CA ASN C 40 -13.40 -8.02 30.04
C ASN C 40 -14.02 -8.30 28.68
N GLU C 41 -15.16 -8.97 28.75
CA GLU C 41 -15.95 -9.27 27.59
C GLU C 41 -16.37 -8.02 26.82
N LYS C 42 -16.65 -6.92 27.51
CA LYS C 42 -17.12 -5.71 26.81
C LYS C 42 -16.02 -5.12 25.92
N ALA C 43 -14.78 -5.06 26.42
CA ALA C 43 -13.68 -4.58 25.58
C ALA C 43 -13.52 -5.51 24.35
N ALA C 44 -13.64 -6.82 24.56
CA ALA C 44 -13.56 -7.74 23.43
C ALA C 44 -14.66 -7.49 22.42
N GLN C 45 -15.88 -7.27 22.88
CA GLN C 45 -17.01 -7.05 21.95
C GLN C 45 -16.86 -5.73 21.20
N LYS C 46 -16.24 -4.72 21.82
CA LYS C 46 -15.95 -3.50 21.05
C LYS C 46 -14.99 -3.81 19.94
N VAL C 47 -13.98 -4.66 20.17
CA VAL C 47 -13.05 -4.92 19.08
C VAL C 47 -13.80 -5.65 17.98
N VAL C 48 -14.61 -6.67 18.36
CA VAL C 48 -15.43 -7.39 17.41
C VAL C 48 -16.27 -6.47 16.55
N SER C 49 -16.90 -5.48 17.17
CA SER C 49 -17.70 -4.49 16.41
C SER C 49 -16.90 -3.67 15.45
N GLU C 50 -15.75 -3.17 15.88
CA GLU C 50 -14.92 -2.39 15.01
C GLU C 50 -14.44 -3.22 13.83
N VAL C 51 -14.16 -4.51 14.03
CA VAL C 51 -13.71 -5.34 12.91
C VAL C 51 -14.91 -5.51 11.93
N GLU C 52 -16.10 -5.75 12.50
CA GLU C 52 -17.31 -5.96 11.69
C GLU C 52 -17.71 -4.72 10.91
N ALA C 53 -17.47 -3.56 11.51
CA ALA C 53 -17.65 -2.30 10.80
C ALA C 53 -16.80 -2.23 9.54
N LEU C 54 -15.67 -2.91 9.50
CA LEU C 54 -14.79 -2.85 8.34
C LEU C 54 -15.24 -3.83 7.27
N GLY C 55 -16.26 -4.62 7.57
CA GLY C 55 -16.70 -5.67 6.65
C GLY C 55 -16.17 -7.08 6.86
N ARG C 56 -15.38 -7.30 7.92
CA ARG C 56 -14.77 -8.61 8.16
C ARG C 56 -15.61 -9.32 9.24
N LYS C 57 -15.47 -10.64 9.31
CA LYS C 57 -16.02 -11.40 10.40
C LYS C 57 -15.07 -11.45 11.58
N ALA C 58 -15.63 -11.40 12.78
CA ALA C 58 -14.82 -11.39 14.04
C ALA C 58 -15.51 -12.18 15.15
N VAL C 59 -14.73 -12.83 15.98
CA VAL C 59 -15.25 -13.52 17.14
C VAL C 59 -14.30 -13.32 18.28
N ALA C 60 -14.88 -13.28 19.47
CA ALA C 60 -14.14 -13.19 20.72
C ALA C 60 -14.28 -14.48 21.46
N VAL C 61 -13.17 -15.03 21.90
CA VAL C 61 -13.13 -16.30 22.59
C VAL C 61 -12.58 -16.08 23.97
N GLN C 62 -13.35 -16.47 24.99
CA GLN C 62 -12.86 -16.35 26.35
C GLN C 62 -11.89 -17.48 26.59
N ALA C 63 -10.72 -17.16 27.12
CA ALA C 63 -9.73 -18.20 27.36
C ALA C 63 -8.65 -17.71 28.27
N ASP C 64 -8.31 -18.52 29.26
CA ASP C 64 -7.25 -18.19 30.17
C ASP C 64 -5.94 -18.68 29.50
N GLY C 65 -5.16 -17.74 29.01
CA GLY C 65 -3.86 -18.03 28.37
C GLY C 65 -2.84 -18.70 29.28
N GLY C 66 -3.11 -18.67 30.58
CA GLY C 66 -2.25 -19.31 31.56
C GLY C 66 -2.59 -20.74 31.85
N SER C 67 -3.61 -21.26 31.19
CA SER C 67 -3.97 -22.69 31.32
C SER C 67 -3.78 -23.37 29.95
N THR C 68 -3.34 -24.61 29.94
CA THR C 68 -3.18 -25.29 28.66
C THR C 68 -4.53 -25.55 27.97
N ASP C 69 -5.57 -25.80 28.76
CA ASP C 69 -6.93 -25.99 28.22
C ASP C 69 -7.42 -24.73 27.51
N GLY C 70 -7.11 -23.56 28.08
CA GLY C 70 -7.35 -22.32 27.39
C GLY C 70 -6.54 -22.15 26.11
N ASN C 71 -5.27 -22.51 26.15
CA ASN C 71 -4.41 -22.42 24.97
C ASN C 71 -5.00 -23.26 23.81
N ILE C 72 -5.41 -24.50 24.10
CA ILE C 72 -5.98 -25.40 23.12
C ILE C 72 -7.32 -24.88 22.63
N ALA C 73 -8.13 -24.38 23.55
CA ALA C 73 -9.49 -23.97 23.20
C ALA C 73 -9.49 -22.78 22.28
N ALA C 74 -8.52 -21.87 22.47
CA ALA C 74 -8.43 -20.71 21.61
C ALA C 74 -8.35 -21.11 20.14
N ILE C 75 -7.48 -22.07 19.84
CA ILE C 75 -7.33 -22.54 18.48
C ILE C 75 -8.59 -23.29 18.06
N THR C 76 -9.03 -24.19 18.91
CA THR C 76 -10.18 -25.04 18.58
C THR C 76 -11.45 -24.25 18.24
N LYS C 77 -11.75 -23.25 19.04
CA LYS C 77 -12.90 -22.40 18.82
C LYS C 77 -12.75 -21.51 17.63
N THR C 78 -11.52 -21.06 17.37
CA THR C 78 -11.27 -20.29 16.16
C THR C 78 -11.57 -21.18 14.91
N HIS C 79 -11.07 -22.39 14.92
CA HIS C 79 -11.23 -23.26 13.75
C HIS C 79 -12.69 -23.71 13.57
N GLU C 80 -13.40 -23.89 14.68
CA GLU C 80 -14.86 -24.14 14.61
C GLU C 80 -15.63 -22.96 14.04
N ALA C 81 -15.26 -21.74 14.39
CA ALA C 81 -15.97 -20.54 13.87
C ALA C 81 -15.67 -20.26 12.40
N PHE C 82 -14.44 -20.52 11.96
CA PHE C 82 -14.03 -20.11 10.60
C PHE C 82 -13.58 -21.19 9.65
N GLY C 83 -13.29 -22.39 10.11
CA GLY C 83 -12.90 -23.46 9.21
C GLY C 83 -11.49 -23.36 8.63
N ARG C 84 -10.70 -22.41 9.09
CA ARG C 84 -9.31 -22.30 8.64
C ARG C 84 -8.56 -21.42 9.63
N LEU C 85 -7.24 -21.46 9.54
CA LEU C 85 -6.37 -20.63 10.39
C LEU C 85 -5.11 -20.31 9.57
N ASP C 86 -4.81 -19.04 9.45
CA ASP C 86 -3.74 -18.55 8.55
C ASP C 86 -2.65 -17.76 9.27
N ALA C 87 -3.00 -17.13 10.38
CA ALA C 87 -2.03 -16.46 11.21
C ALA C 87 -2.35 -16.60 12.72
N LEU C 88 -1.32 -16.85 13.50
CA LEU C 88 -1.39 -16.83 14.93
C LEU C 88 -0.46 -15.72 15.43
N VAL C 89 -1.01 -14.82 16.23
CA VAL C 89 -0.24 -13.80 16.87
C VAL C 89 -0.35 -14.01 18.36
N CYS C 90 0.75 -14.40 18.98
CA CYS C 90 0.80 -14.67 20.42
C CYS C 90 1.22 -13.40 21.11
N ASN C 91 0.22 -12.66 21.55
CA ASN C 91 0.42 -11.35 22.10
C ASN C 91 0.18 -11.33 23.60
N ALA C 92 -0.65 -12.24 24.13
CA ALA C 92 -0.97 -12.17 25.56
C ALA C 92 0.30 -12.39 26.39
N GLY C 93 0.44 -11.72 27.51
CA GLY C 93 1.60 -11.89 28.38
C GLY C 93 1.49 -11.05 29.66
N ILE C 94 2.40 -11.25 30.59
CA ILE C 94 2.51 -10.39 31.77
C ILE C 94 3.91 -9.97 32.02
N TYR C 95 4.02 -8.95 32.86
CA TYR C 95 5.26 -8.29 33.18
C TYR C 95 5.46 -8.24 34.70
N PRO C 96 6.05 -9.28 35.29
CA PRO C 96 6.41 -9.21 36.69
C PRO C 96 7.60 -8.32 36.84
N TYR C 97 7.67 -7.64 37.97
CA TYR C 97 8.78 -6.73 38.24
C TYR C 97 9.24 -6.90 39.69
N GLY C 98 10.54 -7.01 39.91
CA GLY C 98 11.10 -7.03 41.26
C GLY C 98 12.40 -7.78 41.35
N PRO C 99 13.11 -7.61 42.45
CA PRO C 99 14.41 -8.25 42.56
C PRO C 99 14.27 -9.74 42.60
N ILE C 100 15.22 -10.43 41.94
CA ILE C 100 15.13 -11.88 41.78
C ILE C 100 14.97 -12.60 43.12
N ALA C 101 15.65 -12.15 44.15
CA ALA C 101 15.59 -12.82 45.45
C ALA C 101 14.24 -12.76 46.14
N GLN C 102 13.38 -11.86 45.70
CA GLN C 102 12.00 -11.75 46.21
C GLN C 102 10.95 -12.44 45.38
N MET C 103 11.31 -13.10 44.29
CA MET C 103 10.30 -13.65 43.40
C MET C 103 9.74 -14.94 43.99
N THR C 104 8.44 -15.13 43.95
CA THR C 104 7.86 -16.34 44.54
C THR C 104 7.71 -17.41 43.49
N VAL C 105 7.53 -18.64 43.92
CA VAL C 105 7.24 -19.74 43.01
C VAL C 105 6.02 -19.44 42.13
N THR C 106 5.01 -18.82 42.71
CA THR C 106 3.79 -18.49 41.99
C THR C 106 4.06 -17.50 40.89
N GLN C 107 4.86 -16.46 41.15
CA GLN C 107 5.19 -15.52 40.09
C GLN C 107 6.00 -16.18 38.97
N ILE C 108 6.92 -17.05 39.34
CA ILE C 108 7.72 -17.78 38.38
C ILE C 108 6.79 -18.61 37.49
N GLU C 109 5.92 -19.40 38.08
CA GLU C 109 5.04 -20.27 37.28
C GLU C 109 4.13 -19.50 36.38
N GLU C 110 3.57 -18.43 36.92
CA GLU C 110 2.65 -17.57 36.17
C GLU C 110 3.30 -16.93 34.93
N VAL C 111 4.52 -16.41 35.09
CA VAL C 111 5.17 -15.83 33.94
C VAL C 111 5.58 -16.87 32.91
N LEU C 112 6.05 -18.03 33.35
CA LEU C 112 6.40 -19.08 32.39
C LEU C 112 5.18 -19.59 31.66
N ASN C 113 4.09 -19.78 32.41
CA ASN C 113 2.87 -20.31 31.82
C ASN C 113 2.28 -19.40 30.75
N LEU C 114 2.25 -18.10 31.03
CA LEU C 114 1.62 -17.20 30.13
C LEU C 114 2.59 -16.68 29.04
N ASN C 115 3.85 -16.42 29.37
CA ASN C 115 4.73 -15.83 28.38
C ASN C 115 5.50 -16.82 27.51
N LEU C 116 5.53 -18.06 27.90
CA LEU C 116 6.25 -19.02 27.07
C LEU C 116 5.44 -20.28 26.78
N ARG C 117 4.88 -20.89 27.81
CA ARG C 117 4.12 -22.14 27.60
C ARG C 117 2.91 -21.94 26.68
N ALA C 118 2.20 -20.84 26.86
CA ALA C 118 1.05 -20.51 26.02
C ALA C 118 1.46 -20.51 24.56
N ALA C 119 2.55 -19.83 24.24
CA ALA C 119 2.97 -19.71 22.84
C ALA C 119 3.30 -21.07 22.25
N MET C 120 3.94 -21.89 23.06
CA MET C 120 4.33 -23.18 22.64
C MET C 120 3.11 -24.10 22.38
N VAL C 121 2.21 -24.21 23.35
CA VAL C 121 1.00 -25.02 23.22
C VAL C 121 0.11 -24.51 22.09
N GLU C 122 -0.07 -23.20 21.98
CA GLU C 122 -0.92 -22.65 20.92
C GLU C 122 -0.32 -22.93 19.54
N THR C 123 1.01 -22.88 19.42
CA THR C 123 1.67 -23.11 18.18
C THR C 123 1.44 -24.54 17.74
N VAL C 124 1.64 -25.49 18.66
CA VAL C 124 1.41 -26.88 18.36
C VAL C 124 -0.04 -27.11 17.87
N GLU C 125 -0.99 -26.57 18.58
CA GLU C 125 -2.38 -26.72 18.16
C GLU C 125 -2.66 -26.05 16.83
N ALA C 126 -2.11 -24.85 16.61
CA ALA C 126 -2.34 -24.15 15.34
C ALA C 126 -1.83 -24.97 14.16
N LEU C 127 -0.77 -25.73 14.35
CA LEU C 127 -0.20 -26.50 13.26
C LEU C 127 -1.03 -27.74 12.92
N LYS C 128 -2.09 -28.04 13.67
CA LYS C 128 -3.05 -28.99 13.17
C LYS C 128 -3.86 -28.42 11.99
N TYR C 129 -3.94 -27.11 11.87
CA TYR C 129 -4.81 -26.50 10.87
C TYR C 129 -4.09 -25.63 9.84
N MET C 130 -2.91 -25.14 10.18
CA MET C 130 -2.22 -24.16 9.34
C MET C 130 -1.61 -24.86 8.14
N LYS C 131 -1.56 -24.16 7.02
CA LYS C 131 -0.99 -24.67 5.78
C LYS C 131 0.08 -23.70 5.24
N THR C 132 0.68 -24.08 4.11
CA THR C 132 1.67 -23.26 3.42
C THR C 132 1.11 -21.83 3.26
N GLY C 133 1.93 -20.84 3.54
CA GLY C 133 1.49 -19.42 3.52
C GLY C 133 1.16 -18.96 4.93
N GLY C 134 1.17 -19.87 5.88
CA GLY C 134 0.82 -19.53 7.28
C GLY C 134 1.86 -18.64 7.93
N ARG C 135 1.46 -17.97 8.98
CA ARG C 135 2.28 -17.00 9.68
C ARG C 135 2.17 -17.16 11.20
N LEU C 136 3.29 -17.33 11.85
CA LEU C 136 3.37 -17.40 13.32
C LEU C 136 4.16 -16.17 13.72
N ILE C 137 3.55 -15.32 14.52
CA ILE C 137 4.17 -14.11 14.93
C ILE C 137 4.08 -14.02 16.44
N TYR C 138 5.23 -13.93 17.13
CA TYR C 138 5.26 -13.84 18.57
C TYR C 138 5.57 -12.40 18.97
N ILE C 139 4.86 -11.87 19.96
CA ILE C 139 5.17 -10.62 20.56
C ILE C 139 6.11 -10.84 21.76
N GLY C 140 7.40 -10.56 21.52
CA GLY C 140 8.45 -10.68 22.51
C GLY C 140 8.59 -9.33 23.22
N SER C 141 9.83 -8.92 23.43
CA SER C 141 10.16 -7.65 24.01
C SER C 141 11.61 -7.32 23.71
N ALA C 142 11.90 -6.04 23.62
CA ALA C 142 13.26 -5.60 23.60
C ALA C 142 14.00 -6.07 24.81
N PHE C 143 13.31 -6.26 25.93
CA PHE C 143 14.00 -6.75 27.14
C PHE C 143 14.43 -8.21 27.07
N GLY C 144 13.95 -8.92 26.09
CA GLY C 144 14.54 -10.20 25.75
C GLY C 144 15.99 -10.09 25.28
N GLU C 145 16.44 -8.91 24.85
CA GLU C 145 17.78 -8.76 24.32
C GLU C 145 18.64 -7.91 25.22
N ARG C 146 18.03 -7.02 25.98
CA ARG C 146 18.76 -6.16 26.86
C ARG C 146 17.97 -5.96 28.12
N ALA C 147 18.60 -6.20 29.26
CA ALA C 147 17.99 -5.98 30.57
C ALA C 147 18.76 -4.87 31.24
N PRO C 148 18.43 -3.63 30.91
CA PRO C 148 19.32 -2.55 31.29
C PRO C 148 19.17 -2.08 32.73
N PHE C 149 18.16 -2.55 33.45
CA PHE C 149 18.00 -2.16 34.84
C PHE C 149 17.48 -3.33 35.64
N PRO C 150 17.59 -3.25 36.95
CA PRO C 150 17.26 -4.39 37.79
C PRO C 150 15.77 -4.63 37.86
N GLY C 151 15.36 -5.85 38.15
CA GLY C 151 13.92 -6.15 38.42
C GLY C 151 13.19 -6.95 37.36
N ILE C 152 13.84 -7.22 36.22
CA ILE C 152 13.14 -7.88 35.11
C ILE C 152 13.70 -9.22 34.69
N SER C 153 14.41 -9.90 35.58
CA SER C 153 15.01 -11.22 35.27
C SER C 153 14.03 -12.25 34.76
N LEU C 154 12.85 -12.32 35.35
CA LEU C 154 11.86 -13.29 34.88
C LEU C 154 11.31 -12.96 33.51
N TYR C 155 10.97 -11.71 33.32
CA TYR C 155 10.39 -11.28 32.10
C TYR C 155 11.44 -11.48 31.00
N ALA C 156 12.65 -11.00 31.23
CA ALA C 156 13.73 -11.13 30.23
C ALA C 156 13.95 -12.60 29.88
N ALA C 157 13.92 -13.50 30.85
CA ALA C 157 14.02 -14.93 30.55
C ALA C 157 12.94 -15.40 29.57
N THR C 158 11.68 -15.06 29.85
CA THR C 158 10.62 -15.59 29.00
C THR C 158 10.68 -14.99 27.62
N LYS C 159 10.96 -13.69 27.55
CA LYS C 159 11.03 -13.03 26.25
C LYS C 159 12.28 -13.45 25.43
N ALA C 160 13.41 -13.70 26.07
CA ALA C 160 14.55 -14.35 25.34
C ALA C 160 14.18 -15.77 24.88
N GLY C 161 13.39 -16.47 25.67
CA GLY C 161 12.93 -17.79 25.32
C GLY C 161 12.14 -17.83 24.05
N LEU C 162 11.29 -16.82 23.84
CA LEU C 162 10.55 -16.71 22.59
C LEU C 162 11.48 -16.57 21.41
N ILE C 163 12.61 -15.93 21.59
CA ILE C 163 13.53 -15.74 20.47
C ILE C 163 14.05 -17.09 20.05
N GLY C 164 14.49 -17.87 21.02
CA GLY C 164 14.97 -19.21 20.75
C GLY C 164 13.87 -20.09 20.16
N PHE C 165 12.65 -20.00 20.69
CA PHE C 165 11.54 -20.80 20.17
C PHE C 165 11.31 -20.45 18.69
N THR C 166 11.29 -19.15 18.39
CA THR C 166 11.08 -18.64 17.05
C THR C 166 12.12 -19.22 16.06
N LYS C 167 13.36 -19.24 16.49
CA LYS C 167 14.42 -19.73 15.64
C LYS C 167 14.20 -21.21 15.33
N GLY C 168 13.87 -21.99 16.36
CA GLY C 168 13.70 -23.44 16.20
C GLY C 168 12.49 -23.77 15.36
N VAL C 169 11.41 -23.03 15.55
CA VAL C 169 10.19 -23.24 14.81
C VAL C 169 10.37 -22.85 13.38
N ALA C 170 11.06 -21.74 13.13
CA ALA C 170 11.36 -21.32 11.76
C ALA C 170 12.13 -22.39 11.04
N ARG C 171 13.13 -22.94 11.71
CA ARG C 171 13.89 -23.99 11.15
C ARG C 171 13.01 -25.22 10.81
N ASP C 172 12.16 -25.62 11.73
CA ASP C 172 11.27 -26.77 11.50
C ASP C 172 10.31 -26.55 10.36
N LEU C 173 9.74 -25.34 10.24
CA LEU C 173 8.64 -25.12 9.33
C LEU C 173 9.02 -24.55 7.97
N GLY C 174 10.30 -24.24 7.83
CA GLY C 174 10.80 -23.68 6.59
C GLY C 174 10.24 -24.37 5.38
N PRO C 175 10.42 -25.71 5.29
CA PRO C 175 10.08 -26.37 4.02
C PRO C 175 8.55 -26.51 3.86
N GLN C 176 7.80 -26.22 4.90
CA GLN C 176 6.34 -26.25 4.81
C GLN C 176 5.72 -24.92 4.42
N GLY C 177 6.53 -23.87 4.25
CA GLY C 177 6.02 -22.60 3.80
C GLY C 177 5.24 -21.84 4.88
N ILE C 178 5.53 -22.13 6.14
CA ILE C 178 5.02 -21.32 7.24
C ILE C 178 6.21 -20.57 7.84
N THR C 179 6.06 -19.27 8.09
CA THR C 179 7.12 -18.47 8.69
C THR C 179 6.84 -18.24 10.19
N ALA C 180 7.92 -18.02 10.94
CA ALA C 180 7.85 -17.74 12.38
C ALA C 180 8.81 -16.63 12.69
N ASN C 181 8.30 -15.56 13.27
CA ASN C 181 9.08 -14.35 13.53
C ASN C 181 8.63 -13.72 14.86
N VAL C 182 9.51 -12.91 15.46
CA VAL C 182 9.22 -12.24 16.73
C VAL C 182 9.33 -10.74 16.59
N VAL C 183 8.32 -10.04 17.04
CA VAL C 183 8.36 -8.61 17.16
C VAL C 183 8.71 -8.27 18.60
N GLU C 184 9.64 -7.34 18.79
CA GLU C 184 10.20 -7.01 20.12
C GLU C 184 9.97 -5.55 20.48
N PRO C 185 8.80 -5.26 21.04
CA PRO C 185 8.49 -3.89 21.47
C PRO C 185 9.40 -3.43 22.58
N GLY C 186 9.78 -2.16 22.51
CA GLY C 186 10.25 -1.43 23.68
C GLY C 186 9.06 -0.99 24.53
N PRO C 187 9.19 0.09 25.29
CA PRO C 187 8.07 0.64 26.03
C PRO C 187 7.05 1.28 25.10
N ILE C 188 5.79 0.83 25.17
CA ILE C 188 4.71 1.28 24.36
C ILE C 188 3.65 1.86 25.29
N ALA C 189 3.28 3.12 25.09
CA ALA C 189 2.17 3.75 25.81
C ALA C 189 0.82 3.09 25.51
N THR C 190 0.14 2.67 26.55
CA THR C 190 -1.26 2.20 26.45
C THR C 190 -2.02 2.72 27.68
N ASP C 191 -3.33 2.48 27.74
CA ASP C 191 -4.14 2.67 28.95
C ASP C 191 -3.50 2.17 30.24
N LEU C 192 -3.03 0.92 30.20
CA LEU C 192 -2.37 0.24 31.30
C LEU C 192 -0.93 0.67 31.54
N ASN C 193 -0.26 1.23 30.52
CA ASN C 193 1.15 1.62 30.64
C ASN C 193 1.29 3.09 30.26
N PRO C 194 1.00 3.98 31.20
CA PRO C 194 0.69 5.33 30.75
C PRO C 194 1.73 6.17 30.11
N GLU C 195 3.00 6.10 30.41
CA GLU C 195 3.95 7.15 29.84
C GLU C 195 4.32 8.30 30.83
N ASP C 196 3.52 8.43 31.87
CA ASP C 196 3.73 9.44 32.91
C ASP C 196 4.39 8.81 34.10
N GLY C 197 5.09 9.62 34.88
CA GLY C 197 5.62 9.19 36.14
C GLY C 197 7.12 8.95 36.08
N ALA C 198 7.72 8.91 37.27
CA ALA C 198 9.17 8.82 37.40
C ALA C 198 9.70 7.49 36.84
N ALA C 199 8.92 6.41 36.95
CA ALA C 199 9.37 5.10 36.45
C ALA C 199 9.53 5.20 34.92
N ALA C 200 8.50 5.72 34.25
CA ALA C 200 8.52 5.91 32.82
C ALA C 200 9.67 6.80 32.38
N ALA C 201 9.95 7.85 33.16
CA ALA C 201 11.10 8.74 32.84
C ALA C 201 12.44 7.98 32.86
N VAL C 202 12.58 7.02 33.77
CA VAL C 202 13.79 6.24 33.83
C VAL C 202 13.89 5.35 32.60
N ILE C 203 12.81 4.65 32.28
CA ILE C 203 12.81 3.73 31.14
C ILE C 203 13.12 4.46 29.86
N ARG C 204 12.49 5.61 29.72
CA ARG C 204 12.60 6.41 28.53
C ARG C 204 14.05 6.80 28.26
N LYS C 205 14.80 7.08 29.32
CA LYS C 205 16.19 7.45 29.17
C LYS C 205 17.06 6.36 28.58
N PHE C 206 16.61 5.10 28.59
CA PHE C 206 17.39 4.03 27.94
C PHE C 206 17.13 3.95 26.47
N THR C 207 16.02 4.51 26.00
CA THR C 207 15.76 4.54 24.59
C THR C 207 16.63 5.61 23.97
N ALA C 208 16.97 5.46 22.69
CA ALA C 208 17.70 6.49 21.97
C ALA C 208 16.80 7.70 21.63
N THR C 209 15.54 7.45 21.34
CA THR C 209 14.61 8.52 21.03
C THR C 209 14.13 9.27 22.27
N GLU C 210 14.38 8.73 23.47
CA GLU C 210 13.90 9.33 24.72
C GLU C 210 12.39 9.46 24.71
N SER C 211 11.73 8.37 24.28
CA SER C 211 10.25 8.35 24.17
C SER C 211 9.73 6.94 24.24
N TYR C 212 8.48 6.86 24.62
CA TYR C 212 7.68 5.63 24.50
C TYR C 212 7.11 5.58 23.11
N GLY C 213 6.89 4.39 22.59
CA GLY C 213 6.20 4.20 21.35
C GLY C 213 4.69 4.13 21.52
N LYS C 214 4.00 3.83 20.45
CA LYS C 214 2.52 3.78 20.42
C LYS C 214 2.12 2.45 19.75
N VAL C 215 0.89 2.01 19.99
CA VAL C 215 0.47 0.70 19.55
C VAL C 215 0.60 0.52 18.06
N ASN C 216 0.38 1.57 17.29
CA ASN C 216 0.49 1.47 15.84
C ASN C 216 1.90 1.05 15.39
N ASP C 217 2.90 1.39 16.19
CA ASP C 217 4.28 1.00 15.84
C ASP C 217 4.40 -0.55 15.77
N ILE C 218 3.66 -1.23 16.64
CA ILE C 218 3.70 -2.69 16.68
C ILE C 218 2.74 -3.28 15.66
N ALA C 219 1.54 -2.70 15.54
CA ALA C 219 0.57 -3.25 14.60
C ALA C 219 1.08 -3.28 13.15
N ARG C 220 1.75 -2.21 12.76
CA ARG C 220 2.31 -2.03 11.41
C ARG C 220 3.33 -3.14 11.15
N THR C 221 4.08 -3.49 12.20
CA THR C 221 5.15 -4.46 12.04
C THR C 221 4.58 -5.86 11.88
N VAL C 222 3.53 -6.15 12.67
CA VAL C 222 2.86 -7.39 12.51
C VAL C 222 2.26 -7.50 11.12
N SER C 223 1.67 -6.43 10.65
CA SER C 223 1.09 -6.42 9.31
C SER C 223 2.15 -6.71 8.24
N PHE C 224 3.31 -6.07 8.38
CA PHE C 224 4.45 -6.27 7.44
C PHE C 224 4.88 -7.77 7.40
N LEU C 225 4.93 -8.42 8.56
CA LEU C 225 5.31 -9.81 8.63
C LEU C 225 4.22 -10.79 8.15
N ALA C 226 2.96 -10.42 8.35
CA ALA C 226 1.83 -11.33 8.07
C ALA C 226 1.48 -11.35 6.58
N SER C 227 2.00 -10.40 5.82
CA SER C 227 1.77 -10.32 4.40
C SER C 227 2.24 -11.59 3.65
N PRO C 228 1.54 -11.97 2.56
CA PRO C 228 2.05 -13.05 1.75
C PRO C 228 3.41 -12.72 1.14
N ASP C 229 3.72 -11.43 1.04
CA ASP C 229 5.02 -11.05 0.46
C ASP C 229 6.18 -11.17 1.43
N ALA C 230 5.91 -11.50 2.68
CA ALA C 230 6.94 -11.70 3.67
C ALA C 230 7.45 -13.14 3.76
N SER C 231 7.28 -13.90 2.69
CA SER C 231 7.59 -15.34 2.71
C SER C 231 9.06 -15.65 2.94
N TYR C 232 9.96 -14.68 2.68
CA TYR C 232 11.40 -14.93 2.88
C TYR C 232 11.87 -14.45 4.25
N ILE C 233 10.95 -13.95 5.07
CA ILE C 233 11.31 -13.50 6.39
C ILE C 233 10.90 -14.60 7.35
N THR C 234 11.88 -15.26 7.96
CA THR C 234 11.57 -16.29 8.93
C THR C 234 12.73 -16.46 9.86
N GLY C 235 12.44 -16.67 11.14
CA GLY C 235 13.48 -16.68 12.14
C GLY C 235 13.86 -15.27 12.62
N ALA C 236 13.26 -14.24 12.08
CA ALA C 236 13.71 -12.88 12.34
C ALA C 236 13.14 -12.30 13.64
N SER C 237 13.88 -11.37 14.18
CA SER C 237 13.39 -10.54 15.26
C SER C 237 13.43 -9.12 14.79
N ILE C 238 12.35 -8.38 15.03
CA ILE C 238 12.29 -6.99 14.75
C ILE C 238 12.11 -6.17 16.03
N LEU C 239 13.13 -5.39 16.37
CA LEU C 239 13.09 -4.47 17.50
C LEU C 239 12.31 -3.22 17.11
N VAL C 240 11.31 -2.88 17.90
CA VAL C 240 10.53 -1.68 17.71
C VAL C 240 10.55 -0.99 19.04
N ASP C 241 11.65 -0.32 19.32
CA ASP C 241 12.03 0.02 20.66
C ASP C 241 12.69 1.37 20.85
N GLY C 242 12.61 2.22 19.87
CA GLY C 242 13.19 3.54 19.98
C GLY C 242 14.66 3.54 20.29
N GLY C 243 15.34 2.46 19.95
CA GLY C 243 16.76 2.38 20.11
C GLY C 243 17.22 1.89 21.47
N LEU C 244 16.32 1.36 22.25
CA LEU C 244 16.67 0.93 23.61
C LEU C 244 17.81 -0.09 23.59
N VAL C 245 17.73 -1.07 22.71
CA VAL C 245 18.72 -2.13 22.63
C VAL C 245 20.01 -1.72 21.94
N ALA C 246 20.00 -0.60 21.26
CA ALA C 246 21.21 -0.09 20.67
C ALA C 246 22.34 0.01 21.75
N MET D 4 6.33 22.00 8.63
CA MET D 4 5.81 21.86 7.21
C MET D 4 6.45 20.69 6.46
N THR D 5 6.85 19.64 7.16
CA THR D 5 7.54 18.56 6.50
C THR D 5 6.56 17.58 5.78
N HIS D 6 5.29 17.52 6.19
CA HIS D 6 4.31 16.63 5.52
C HIS D 6 3.28 17.43 4.73
N ARG D 7 2.72 16.81 3.67
CA ARG D 7 1.52 17.33 3.03
C ARG D 7 0.39 17.48 4.02
N VAL D 8 -0.46 18.47 3.79
CA VAL D 8 -1.62 18.77 4.64
C VAL D 8 -2.93 18.63 3.89
N ALA D 9 -3.87 17.91 4.47
CA ALA D 9 -5.19 17.74 3.89
C ALA D 9 -6.22 18.32 4.81
N LEU D 10 -7.10 19.13 4.24
CA LEU D 10 -8.27 19.62 4.92
C LEU D 10 -9.50 18.89 4.44
N ILE D 11 -10.21 18.25 5.36
CA ILE D 11 -11.43 17.53 5.07
C ILE D 11 -12.58 18.21 5.80
N THR D 12 -13.53 18.75 5.06
CA THR D 12 -14.70 19.38 5.67
C THR D 12 -15.67 18.30 6.15
N GLY D 13 -16.33 18.54 7.28
CA GLY D 13 -17.19 17.50 7.87
C GLY D 13 -16.44 16.21 8.19
N GLY D 14 -15.25 16.31 8.75
CA GLY D 14 -14.38 15.16 8.90
C GLY D 14 -14.47 14.49 10.24
N SER D 15 -15.49 14.84 11.01
CA SER D 15 -15.64 14.30 12.35
C SER D 15 -16.42 13.00 12.42
N ARG D 16 -17.11 12.61 11.39
CA ARG D 16 -17.80 11.31 11.43
C ARG D 16 -17.97 10.77 10.00
N GLY D 17 -18.42 9.53 9.93
CA GLY D 17 -18.86 8.93 8.70
C GLY D 17 -17.76 8.88 7.66
N ILE D 18 -18.12 9.21 6.43
CA ILE D 18 -17.18 9.21 5.32
C ILE D 18 -16.01 10.13 5.56
N GLY D 19 -16.29 11.32 6.04
CA GLY D 19 -15.23 12.27 6.31
C GLY D 19 -14.19 11.76 7.25
N ALA D 20 -14.61 11.19 8.35
CA ALA D 20 -13.68 10.62 9.32
C ALA D 20 -12.85 9.52 8.70
N ALA D 21 -13.46 8.65 7.93
CA ALA D 21 -12.72 7.57 7.31
C ALA D 21 -11.67 8.09 6.28
N ILE D 22 -12.04 9.14 5.55
CA ILE D 22 -11.09 9.81 4.67
C ILE D 22 -9.91 10.37 5.45
N ALA D 23 -10.22 11.02 6.56
CA ALA D 23 -9.16 11.62 7.35
C ALA D 23 -8.17 10.58 7.82
N LEU D 24 -8.66 9.45 8.30
CA LEU D 24 -7.78 8.38 8.75
C LEU D 24 -6.97 7.74 7.61
N LYS D 25 -7.57 7.58 6.45
CA LYS D 25 -6.91 6.98 5.33
C LYS D 25 -5.81 7.92 4.82
N LEU D 26 -6.11 9.22 4.72
CA LEU D 26 -5.07 10.14 4.28
C LEU D 26 -3.97 10.28 5.29
N ALA D 27 -4.30 10.21 6.56
CA ALA D 27 -3.26 10.23 7.57
C ALA D 27 -2.30 9.05 7.39
N GLN D 28 -2.84 7.88 7.11
CA GLN D 28 -2.04 6.71 6.88
C GLN D 28 -1.21 6.85 5.59
N ASP D 29 -1.73 7.55 4.59
CA ASP D 29 -0.94 7.87 3.39
C ASP D 29 0.13 8.91 3.66
N GLY D 30 0.14 9.54 4.82
CA GLY D 30 1.23 10.51 5.14
C GLY D 30 0.82 11.99 5.20
N PHE D 31 -0.48 12.29 5.13
CA PHE D 31 -0.94 13.64 5.26
C PHE D 31 -1.17 14.00 6.71
N ASP D 32 -0.71 15.19 7.09
CA ASP D 32 -1.21 15.85 8.32
C ASP D 32 -2.63 16.33 8.00
N ILE D 33 -3.47 16.45 9.02
CA ILE D 33 -4.94 16.49 8.83
C ILE D 33 -5.56 17.64 9.59
N ALA D 34 -6.38 18.39 8.88
CA ALA D 34 -7.29 19.33 9.49
C ALA D 34 -8.67 18.82 9.12
N ILE D 35 -9.55 18.85 10.08
CA ILE D 35 -10.94 18.59 9.82
C ILE D 35 -11.78 19.77 10.31
N THR D 36 -12.90 20.01 9.64
CA THR D 36 -13.93 20.90 10.16
C THR D 36 -15.05 20.11 10.81
N TYR D 37 -15.69 20.75 11.76
CA TYR D 37 -16.91 20.25 12.34
C TYR D 37 -17.81 21.44 12.68
N ALA D 38 -19.11 21.18 12.68
CA ALA D 38 -20.11 22.22 12.95
C ALA D 38 -20.37 22.28 14.45
N ARG D 39 -20.68 21.14 15.04
CA ARG D 39 -21.11 21.09 16.47
C ARG D 39 -20.43 20.17 17.41
N ASN D 40 -20.30 18.91 17.03
CA ASN D 40 -19.89 17.88 17.97
C ASN D 40 -18.35 17.85 18.14
N GLU D 41 -17.86 18.67 19.07
CA GLU D 41 -16.43 18.76 19.35
C GLU D 41 -15.84 17.42 19.79
N LYS D 42 -16.61 16.63 20.51
CA LYS D 42 -16.08 15.37 20.99
C LYS D 42 -15.80 14.36 19.85
N ALA D 43 -16.68 14.27 18.87
CA ALA D 43 -16.44 13.42 17.74
C ALA D 43 -15.20 13.91 16.98
N ALA D 44 -15.02 15.22 16.88
CA ALA D 44 -13.86 15.76 16.20
C ALA D 44 -12.57 15.45 16.94
N GLN D 45 -12.60 15.56 18.24
CA GLN D 45 -11.41 15.24 19.06
C GLN D 45 -11.07 13.75 19.00
N LYS D 46 -12.08 12.89 18.87
CA LYS D 46 -11.81 11.46 18.70
C LYS D 46 -11.10 11.23 17.36
N VAL D 47 -11.48 11.93 16.31
CA VAL D 47 -10.76 11.75 15.04
C VAL D 47 -9.32 12.29 15.13
N VAL D 48 -9.16 13.46 15.73
CA VAL D 48 -7.83 14.02 16.01
C VAL D 48 -6.92 13.00 16.73
N SER D 49 -7.44 12.35 17.76
CA SER D 49 -6.67 11.34 18.48
C SER D 49 -6.27 10.14 17.62
N GLU D 50 -7.21 9.66 16.84
CA GLU D 50 -6.94 8.54 15.97
C GLU D 50 -5.95 8.89 14.88
N VAL D 51 -5.97 10.12 14.41
CA VAL D 51 -4.90 10.58 13.47
C VAL D 51 -3.52 10.63 14.15
N GLU D 52 -3.49 11.16 15.36
CA GLU D 52 -2.27 11.23 16.14
C GLU D 52 -1.72 9.83 16.42
N ALA D 53 -2.61 8.88 16.71
CA ALA D 53 -2.22 7.50 16.98
C ALA D 53 -1.53 6.85 15.74
N LEU D 54 -1.76 7.38 14.56
CA LEU D 54 -1.04 6.97 13.34
C LEU D 54 0.24 7.79 13.06
N GLY D 55 0.62 8.70 13.95
CA GLY D 55 1.89 9.38 13.84
C GLY D 55 1.83 10.76 13.17
N ARG D 56 0.65 11.24 12.84
CA ARG D 56 0.50 12.52 12.16
C ARG D 56 0.04 13.59 13.08
N LYS D 57 0.17 14.84 12.66
CA LYS D 57 -0.45 15.96 13.34
C LYS D 57 -1.86 16.19 12.82
N ALA D 58 -2.75 16.59 13.74
CA ALA D 58 -4.15 16.82 13.41
C ALA D 58 -4.68 18.00 14.19
N VAL D 59 -5.60 18.72 13.56
CA VAL D 59 -6.31 19.79 14.20
C VAL D 59 -7.80 19.75 13.77
N ALA D 60 -8.67 20.10 14.70
CA ALA D 60 -10.10 20.23 14.46
C ALA D 60 -10.47 21.69 14.49
N VAL D 61 -11.16 22.14 13.47
CA VAL D 61 -11.53 23.55 13.32
C VAL D 61 -13.04 23.62 13.33
N GLN D 62 -13.57 24.38 14.25
CA GLN D 62 -15.00 24.60 14.26
C GLN D 62 -15.37 25.57 13.17
N ALA D 63 -16.36 25.22 12.37
CA ALA D 63 -16.78 26.13 11.28
C ALA D 63 -18.13 25.72 10.77
N ASP D 64 -19.00 26.72 10.57
CA ASP D 64 -20.28 26.48 9.93
C ASP D 64 -20.04 26.48 8.40
N GLY D 65 -20.05 25.29 7.80
CA GLY D 65 -19.91 25.16 6.35
C GLY D 65 -21.00 25.87 5.51
N GLY D 66 -22.09 26.24 6.16
CA GLY D 66 -23.19 26.93 5.52
C GLY D 66 -23.06 28.43 5.52
N SER D 67 -21.96 28.92 6.04
CA SER D 67 -21.63 30.35 6.04
C SER D 67 -20.35 30.61 5.26
N THR D 68 -20.28 31.71 4.51
CA THR D 68 -19.09 31.97 3.72
C THR D 68 -17.91 32.34 4.64
N ASP D 69 -18.18 32.97 5.78
CA ASP D 69 -17.13 33.21 6.76
C ASP D 69 -16.53 31.91 7.30
N GLY D 70 -17.38 30.91 7.56
CA GLY D 70 -16.92 29.58 7.96
C GLY D 70 -16.12 28.89 6.86
N ASN D 71 -16.56 29.02 5.61
CA ASN D 71 -15.81 28.46 4.49
C ASN D 71 -14.39 29.04 4.39
N ILE D 72 -14.28 30.36 4.53
CA ILE D 72 -12.97 31.05 4.50
C ILE D 72 -12.14 30.70 5.73
N ALA D 73 -12.77 30.67 6.89
CA ALA D 73 -12.02 30.37 8.12
C ALA D 73 -11.42 28.97 8.15
N ALA D 74 -12.13 28.00 7.58
CA ALA D 74 -11.60 26.66 7.55
C ALA D 74 -10.23 26.62 6.88
N ILE D 75 -10.08 27.29 5.75
CA ILE D 75 -8.82 27.31 5.05
C ILE D 75 -7.81 28.13 5.84
N THR D 76 -8.23 29.30 6.30
CA THR D 76 -7.35 30.23 7.01
C THR D 76 -6.73 29.57 8.25
N LYS D 77 -7.55 28.90 9.06
CA LYS D 77 -7.07 28.28 10.29
C LYS D 77 -6.20 27.07 9.98
N THR D 78 -6.47 26.38 8.88
CA THR D 78 -5.64 25.27 8.50
C THR D 78 -4.26 25.80 8.15
N HIS D 79 -4.21 26.89 7.40
CA HIS D 79 -2.95 27.42 6.98
C HIS D 79 -2.15 28.00 8.16
N GLU D 80 -2.86 28.59 9.12
CA GLU D 80 -2.23 29.09 10.34
C GLU D 80 -1.63 27.95 11.15
N ALA D 81 -2.33 26.82 11.24
CA ALA D 81 -1.84 25.67 12.05
C ALA D 81 -0.65 24.98 11.38
N PHE D 82 -0.64 24.85 10.05
CA PHE D 82 0.36 24.03 9.35
C PHE D 82 1.30 24.74 8.38
N GLY D 83 0.98 25.95 7.95
CA GLY D 83 1.85 26.67 7.00
C GLY D 83 1.78 26.21 5.56
N ARG D 84 0.87 25.30 5.22
CA ARG D 84 0.78 24.81 3.85
C ARG D 84 -0.57 24.13 3.69
N LEU D 85 -0.99 23.92 2.46
CA LEU D 85 -2.24 23.19 2.13
C LEU D 85 -2.02 22.45 0.83
N ASP D 86 -2.26 21.14 0.86
CA ASP D 86 -1.92 20.26 -0.28
C ASP D 86 -3.12 19.55 -0.86
N ALA D 87 -4.12 19.31 -0.02
CA ALA D 87 -5.37 18.72 -0.49
C ALA D 87 -6.55 19.30 0.22
N LEU D 88 -7.60 19.59 -0.55
CA LEU D 88 -8.88 19.95 -0.01
C LEU D 88 -9.89 18.89 -0.39
N VAL D 89 -10.54 18.33 0.61
CA VAL D 89 -11.60 17.35 0.40
C VAL D 89 -12.89 17.92 0.92
N CYS D 90 -13.78 18.29 0.00
CA CYS D 90 -15.08 18.93 0.36
C CYS D 90 -16.10 17.83 0.52
N ASN D 91 -16.28 17.46 1.77
CA ASN D 91 -17.08 16.31 2.10
C ASN D 91 -18.34 16.74 2.82
N ALA D 92 -18.33 17.88 3.51
CA ALA D 92 -19.52 18.25 4.29
C ALA D 92 -20.70 18.45 3.32
N GLY D 93 -21.88 18.09 3.78
CA GLY D 93 -23.07 18.27 2.99
C GLY D 93 -24.33 17.82 3.76
N ILE D 94 -25.50 18.12 3.22
CA ILE D 94 -26.74 17.61 3.74
C ILE D 94 -27.58 17.01 2.65
N TYR D 95 -28.59 16.26 3.11
CA TYR D 95 -29.41 15.44 2.26
C TYR D 95 -30.87 15.75 2.59
N PRO D 96 -31.43 16.78 1.99
CA PRO D 96 -32.87 16.99 2.09
C PRO D 96 -33.62 15.96 1.25
N TYR D 97 -34.81 15.62 1.71
CA TYR D 97 -35.59 14.62 1.07
C TYR D 97 -37.04 15.05 1.07
N GLY D 98 -37.69 14.99 -0.08
CA GLY D 98 -39.11 15.18 -0.16
C GLY D 98 -39.49 15.60 -1.56
N PRO D 99 -40.77 15.40 -1.94
CA PRO D 99 -41.20 15.95 -3.23
C PRO D 99 -40.94 17.44 -3.40
N ILE D 100 -40.57 17.82 -4.62
CA ILE D 100 -40.14 19.20 -4.92
C ILE D 100 -41.19 20.25 -4.51
N ALA D 101 -42.46 19.96 -4.71
CA ALA D 101 -43.53 20.89 -4.33
C ALA D 101 -43.63 21.18 -2.82
N GLN D 102 -43.08 20.29 -1.99
CA GLN D 102 -43.06 20.47 -0.55
C GLN D 102 -41.79 21.09 0.01
N MET D 103 -40.84 21.47 -0.85
CA MET D 103 -39.62 22.07 -0.36
C MET D 103 -39.84 23.54 0.03
N THR D 104 -39.13 24.04 1.05
CA THR D 104 -39.22 25.48 1.36
C THR D 104 -38.06 26.25 0.80
N VAL D 105 -38.17 27.57 0.79
CA VAL D 105 -37.05 28.45 0.46
C VAL D 105 -35.85 28.24 1.35
N THR D 106 -36.08 28.05 2.64
CA THR D 106 -35.00 27.76 3.58
C THR D 106 -34.29 26.46 3.26
N GLN D 107 -35.01 25.39 2.92
CA GLN D 107 -34.32 24.14 2.56
C GLN D 107 -33.48 24.33 1.28
N ILE D 108 -34.05 25.05 0.31
CA ILE D 108 -33.37 25.30 -0.93
C ILE D 108 -32.05 26.05 -0.64
N GLU D 109 -32.14 27.16 0.10
CA GLU D 109 -30.94 27.94 0.41
C GLU D 109 -29.89 27.11 1.16
N GLU D 110 -30.33 26.40 2.16
CA GLU D 110 -29.44 25.60 3.01
C GLU D 110 -28.70 24.52 2.19
N VAL D 111 -29.39 23.87 1.27
CA VAL D 111 -28.71 22.84 0.55
C VAL D 111 -27.72 23.48 -0.42
N LEU D 112 -28.11 24.56 -1.06
CA LEU D 112 -27.21 25.23 -2.00
C LEU D 112 -25.97 25.73 -1.26
N ASN D 113 -26.21 26.30 -0.07
CA ASN D 113 -25.13 26.90 0.68
C ASN D 113 -24.09 25.86 1.11
N LEU D 114 -24.57 24.71 1.60
CA LEU D 114 -23.72 23.69 2.15
C LEU D 114 -23.15 22.77 1.05
N ASN D 115 -23.96 22.35 0.10
CA ASN D 115 -23.49 21.38 -0.89
C ASN D 115 -22.79 21.94 -2.10
N LEU D 116 -22.94 23.22 -2.35
CA LEU D 116 -22.31 23.79 -3.54
C LEU D 116 -21.52 25.05 -3.26
N ARG D 117 -22.12 26.00 -2.56
CA ARG D 117 -21.43 27.28 -2.33
C ARG D 117 -20.19 27.04 -1.49
N ALA D 118 -20.31 26.17 -0.52
CA ALA D 118 -19.15 25.86 0.38
C ALA D 118 -17.96 25.34 -0.41
N ALA D 119 -18.18 24.41 -1.31
CA ALA D 119 -17.12 23.90 -2.14
C ALA D 119 -16.47 24.98 -3.00
N MET D 120 -17.32 25.86 -3.56
CA MET D 120 -16.83 26.92 -4.42
C MET D 120 -15.96 27.92 -3.63
N VAL D 121 -16.46 28.39 -2.49
CA VAL D 121 -15.77 29.39 -1.66
C VAL D 121 -14.50 28.80 -1.07
N GLU D 122 -14.57 27.57 -0.59
CA GLU D 122 -13.40 26.91 -0.01
C GLU D 122 -12.34 26.63 -1.04
N THR D 123 -12.76 26.29 -2.26
CA THR D 123 -11.80 26.13 -3.35
C THR D 123 -11.05 27.47 -3.64
N VAL D 124 -11.79 28.57 -3.81
CA VAL D 124 -11.15 29.86 -4.08
C VAL D 124 -10.12 30.20 -3.00
N GLU D 125 -10.52 30.07 -1.74
CA GLU D 125 -9.60 30.33 -0.65
C GLU D 125 -8.40 29.36 -0.64
N ALA D 126 -8.64 28.07 -0.88
CA ALA D 126 -7.54 27.11 -0.91
C ALA D 126 -6.49 27.46 -1.95
N LEU D 127 -6.93 28.06 -3.05
CA LEU D 127 -6.01 28.39 -4.14
C LEU D 127 -5.09 29.56 -3.81
N LYS D 128 -5.35 30.26 -2.71
CA LYS D 128 -4.33 31.24 -2.26
C LYS D 128 -3.11 30.51 -1.79
N TYR D 129 -3.24 29.24 -1.40
CA TYR D 129 -2.12 28.56 -0.73
C TYR D 129 -1.60 27.37 -1.47
N MET D 130 -2.45 26.74 -2.28
CA MET D 130 -2.08 25.48 -2.90
C MET D 130 -1.09 25.70 -4.03
N LYS D 131 -0.24 24.73 -4.27
CA LYS D 131 0.75 24.80 -5.35
C LYS D 131 0.69 23.57 -6.21
N THR D 132 1.57 23.50 -7.21
CA THR D 132 1.67 22.37 -8.13
C THR D 132 1.72 21.08 -7.32
N GLY D 133 1.00 20.06 -7.75
CA GLY D 133 0.87 18.83 -7.01
C GLY D 133 -0.36 18.86 -6.07
N GLY D 134 -1.04 19.99 -5.98
CA GLY D 134 -2.25 20.10 -5.17
C GLY D 134 -3.41 19.24 -5.69
N ARG D 135 -4.34 18.95 -4.78
CA ARG D 135 -5.46 18.09 -5.06
C ARG D 135 -6.75 18.69 -4.50
N LEU D 136 -7.76 18.80 -5.37
CA LEU D 136 -9.10 19.19 -5.00
C LEU D 136 -9.97 18.00 -5.27
N ILE D 137 -10.66 17.52 -4.24
CA ILE D 137 -11.49 16.32 -4.34
C ILE D 137 -12.84 16.61 -3.70
N TYR D 138 -13.89 16.52 -4.51
CA TYR D 138 -15.23 16.84 -4.11
C TYR D 138 -15.97 15.54 -3.92
N ILE D 139 -16.70 15.43 -2.80
CA ILE D 139 -17.55 14.32 -2.54
C ILE D 139 -18.94 14.67 -3.04
N GLY D 140 -19.26 14.09 -4.19
CA GLY D 140 -20.55 14.29 -4.84
C GLY D 140 -21.48 13.16 -4.40
N SER D 141 -22.20 12.59 -5.35
CA SER D 141 -23.08 11.49 -5.12
C SER D 141 -23.41 10.84 -6.45
N ALA D 142 -23.66 9.54 -6.40
CA ALA D 142 -24.21 8.85 -7.53
C ALA D 142 -25.52 9.48 -7.93
N PHE D 143 -26.24 10.08 -6.98
CA PHE D 143 -27.51 10.72 -7.30
C PHE D 143 -27.35 11.99 -8.13
N GLY D 144 -26.14 12.52 -8.20
CA GLY D 144 -25.82 13.57 -9.19
C GLY D 144 -25.92 13.10 -10.62
N GLU D 145 -25.88 11.77 -10.88
CA GLU D 145 -26.00 11.25 -12.23
C GLU D 145 -27.31 10.54 -12.47
N ARG D 146 -27.91 9.98 -11.45
CA ARG D 146 -29.18 9.27 -11.60
C ARG D 146 -30.03 9.58 -10.41
N ALA D 147 -31.27 9.96 -10.66
CA ALA D 147 -32.25 10.16 -9.62
C ALA D 147 -33.35 9.14 -9.83
N PRO D 148 -33.16 7.92 -9.33
CA PRO D 148 -34.05 6.85 -9.67
C PRO D 148 -35.35 6.81 -8.94
N PHE D 149 -35.55 7.67 -7.95
CA PHE D 149 -36.82 7.69 -7.22
C PHE D 149 -37.16 9.12 -6.85
N PRO D 150 -38.42 9.35 -6.52
CA PRO D 150 -38.84 10.69 -6.13
C PRO D 150 -38.27 11.20 -4.82
N GLY D 151 -38.13 12.52 -4.70
CA GLY D 151 -37.77 13.10 -3.40
C GLY D 151 -36.37 13.68 -3.26
N ILE D 152 -35.56 13.58 -4.33
CA ILE D 152 -34.18 14.02 -4.23
C ILE D 152 -33.75 15.06 -5.23
N SER D 153 -34.69 15.83 -5.76
CA SER D 153 -34.40 16.88 -6.73
C SER D 153 -33.34 17.89 -6.22
N LEU D 154 -33.43 18.35 -4.99
CA LEU D 154 -32.52 19.35 -4.49
C LEU D 154 -31.11 18.80 -4.32
N TYR D 155 -31.04 17.59 -3.80
CA TYR D 155 -29.80 16.98 -3.59
C TYR D 155 -29.16 16.66 -4.95
N ALA D 156 -29.92 16.08 -5.86
CA ALA D 156 -29.40 15.77 -7.16
C ALA D 156 -28.87 17.03 -7.84
N ALA D 157 -29.58 18.15 -7.74
CA ALA D 157 -29.10 19.39 -8.33
C ALA D 157 -27.72 19.78 -7.81
N THR D 158 -27.56 19.74 -6.50
CA THR D 158 -26.30 20.22 -5.93
C THR D 158 -25.18 19.28 -6.26
N LYS D 159 -25.46 17.99 -6.24
CA LYS D 159 -24.43 17.01 -6.57
C LYS D 159 -24.07 16.96 -8.06
N ALA D 160 -25.03 17.16 -8.96
CA ALA D 160 -24.69 17.35 -10.38
C ALA D 160 -23.88 18.66 -10.56
N GLY D 161 -24.17 19.67 -9.75
CA GLY D 161 -23.46 20.93 -9.84
C GLY D 161 -21.99 20.76 -9.55
N LEU D 162 -21.68 19.89 -8.61
CA LEU D 162 -20.27 19.61 -8.31
C LEU D 162 -19.54 18.93 -9.48
N ILE D 163 -20.24 18.18 -10.30
CA ILE D 163 -19.64 17.60 -11.48
C ILE D 163 -19.25 18.67 -12.49
N GLY D 164 -20.13 19.59 -12.76
CA GLY D 164 -19.82 20.74 -13.60
C GLY D 164 -18.72 21.62 -13.03
N PHE D 165 -18.73 21.85 -11.72
CA PHE D 165 -17.70 22.65 -11.09
C PHE D 165 -16.31 21.98 -11.28
N THR D 166 -16.27 20.70 -11.05
CA THR D 166 -15.06 19.91 -11.16
C THR D 166 -14.47 20.01 -12.55
N LYS D 167 -15.32 19.89 -13.57
CA LYS D 167 -14.86 19.96 -14.93
C LYS D 167 -14.25 21.31 -15.20
N GLY D 168 -14.95 22.36 -14.83
CA GLY D 168 -14.47 23.71 -15.08
C GLY D 168 -13.20 24.03 -14.32
N VAL D 169 -13.12 23.60 -13.03
CA VAL D 169 -11.95 23.84 -12.22
C VAL D 169 -10.75 23.07 -12.80
N ALA D 170 -10.98 21.85 -13.24
CA ALA D 170 -9.92 21.02 -13.82
C ALA D 170 -9.37 21.66 -15.04
N ARG D 171 -10.25 22.21 -15.84
CA ARG D 171 -9.85 22.92 -17.02
C ARG D 171 -9.00 24.16 -16.66
N ASP D 172 -9.41 24.92 -15.67
CA ASP D 172 -8.66 26.14 -15.23
C ASP D 172 -7.29 25.81 -14.66
N LEU D 173 -7.19 24.73 -13.90
CA LEU D 173 -5.98 24.48 -13.12
C LEU D 173 -5.01 23.49 -13.73
N GLY D 174 -5.41 22.91 -14.86
CA GLY D 174 -4.59 21.94 -15.56
C GLY D 174 -3.14 22.39 -15.70
N PRO D 175 -2.90 23.56 -16.29
CA PRO D 175 -1.49 23.95 -16.52
C PRO D 175 -0.74 24.32 -15.21
N GLN D 176 -1.44 24.48 -14.12
CA GLN D 176 -0.80 24.76 -12.84
C GLN D 176 -0.42 23.52 -12.03
N GLY D 177 -0.79 22.33 -12.53
CA GLY D 177 -0.44 21.08 -11.87
C GLY D 177 -1.29 20.79 -10.63
N ILE D 178 -2.47 21.36 -10.56
CA ILE D 178 -3.42 21.02 -9.52
C ILE D 178 -4.56 20.25 -10.22
N THR D 179 -5.00 19.15 -9.60
CA THR D 179 -6.00 18.32 -10.13
C THR D 179 -7.33 18.52 -9.42
N ALA D 180 -8.46 18.31 -10.11
CA ALA D 180 -9.81 18.42 -9.49
C ALA D 180 -10.69 17.27 -9.96
N ASN D 181 -11.23 16.51 -9.01
CA ASN D 181 -11.99 15.29 -9.31
C ASN D 181 -13.11 15.16 -8.37
N VAL D 182 -14.13 14.41 -8.78
CA VAL D 182 -15.29 14.16 -7.90
C VAL D 182 -15.49 12.65 -7.66
N VAL D 183 -15.63 12.29 -6.38
CA VAL D 183 -16.02 10.93 -6.03
C VAL D 183 -17.51 10.93 -5.79
N GLU D 184 -18.20 9.92 -6.32
CA GLU D 184 -19.68 9.85 -6.27
C GLU D 184 -20.21 8.62 -5.59
N PRO D 185 -20.33 8.68 -4.26
CA PRO D 185 -20.82 7.55 -3.49
C PRO D 185 -22.24 7.23 -3.79
N GLY D 186 -22.55 5.95 -3.84
CA GLY D 186 -23.91 5.45 -3.69
C GLY D 186 -24.32 5.46 -2.21
N PRO D 187 -25.25 4.58 -1.81
CA PRO D 187 -25.65 4.49 -0.40
C PRO D 187 -24.51 3.81 0.41
N ILE D 188 -23.99 4.51 1.41
CA ILE D 188 -22.90 4.07 2.24
C ILE D 188 -23.39 3.95 3.64
N ALA D 189 -23.27 2.77 4.23
CA ALA D 189 -23.62 2.57 5.63
C ALA D 189 -22.77 3.41 6.59
N THR D 190 -23.43 4.19 7.44
CA THR D 190 -22.78 4.88 8.54
C THR D 190 -23.76 4.86 9.71
N ASP D 191 -23.32 5.35 10.88
CA ASP D 191 -24.23 5.53 12.08
C ASP D 191 -25.55 6.27 11.76
N LEU D 192 -25.47 7.32 10.96
CA LEU D 192 -26.61 8.10 10.50
C LEU D 192 -27.37 7.51 9.32
N ASN D 193 -26.75 6.62 8.55
CA ASN D 193 -27.38 6.05 7.36
C ASN D 193 -27.29 4.51 7.39
N PRO D 194 -28.16 3.87 8.14
CA PRO D 194 -27.97 2.44 8.35
C PRO D 194 -28.38 1.62 7.11
N GLU D 195 -27.77 0.46 6.94
CA GLU D 195 -28.07 -0.48 5.82
C GLU D 195 -29.28 -1.43 5.96
N ASP D 196 -29.88 -1.46 7.14
CA ASP D 196 -31.00 -2.37 7.42
C ASP D 196 -32.29 -1.51 7.56
N GLY D 197 -33.44 -2.16 7.42
CA GLY D 197 -34.74 -1.48 7.42
C GLY D 197 -35.34 -1.39 6.03
N ALA D 198 -36.64 -1.11 5.97
CA ALA D 198 -37.39 -1.13 4.72
C ALA D 198 -36.97 -0.03 3.75
N ALA D 199 -36.65 1.16 4.27
CA ALA D 199 -36.22 2.27 3.39
C ALA D 199 -34.91 1.85 2.67
N ALA D 200 -33.97 1.33 3.44
CA ALA D 200 -32.67 0.89 2.89
C ALA D 200 -32.87 -0.26 1.89
N ALA D 201 -33.82 -1.15 2.14
CA ALA D 201 -34.14 -2.25 1.19
C ALA D 201 -34.61 -1.71 -0.17
N VAL D 202 -35.33 -0.61 -0.16
CA VAL D 202 -35.76 0.00 -1.41
C VAL D 202 -34.56 0.52 -2.15
N ILE D 203 -33.73 1.31 -1.47
CA ILE D 203 -32.57 1.92 -2.12
C ILE D 203 -31.67 0.85 -2.67
N ARG D 204 -31.49 -0.22 -1.88
CA ARG D 204 -30.54 -1.30 -2.20
C ARG D 204 -30.91 -1.90 -3.50
N LYS D 205 -32.21 -2.04 -3.75
CA LYS D 205 -32.68 -2.64 -4.98
C LYS D 205 -32.25 -1.90 -6.23
N PHE D 206 -31.92 -0.61 -6.13
CA PHE D 206 -31.45 0.12 -7.28
C PHE D 206 -29.95 -0.12 -7.54
N THR D 207 -29.22 -0.63 -6.54
CA THR D 207 -27.84 -1.01 -6.75
C THR D 207 -27.78 -2.33 -7.46
N ALA D 208 -26.73 -2.56 -8.24
CA ALA D 208 -26.56 -3.85 -8.89
C ALA D 208 -26.14 -4.89 -7.84
N THR D 209 -25.35 -4.49 -6.86
CA THR D 209 -24.89 -5.43 -5.86
C THR D 209 -25.95 -5.74 -4.79
N GLU D 210 -27.04 -4.98 -4.76
CA GLU D 210 -28.10 -5.13 -3.77
C GLU D 210 -27.56 -4.96 -2.37
N SER D 211 -26.72 -3.96 -2.21
CA SER D 211 -26.04 -3.72 -0.96
C SER D 211 -25.69 -2.24 -0.82
N TYR D 212 -25.56 -1.84 0.44
CA TYR D 212 -24.91 -0.59 0.82
C TYR D 212 -23.40 -0.80 0.85
N GLY D 213 -22.65 0.26 0.54
CA GLY D 213 -21.21 0.23 0.71
C GLY D 213 -20.79 0.60 2.14
N LYS D 214 -19.50 0.74 2.33
CA LYS D 214 -18.94 1.08 3.61
C LYS D 214 -17.98 2.25 3.41
N VAL D 215 -17.68 2.95 4.49
CA VAL D 215 -16.88 4.17 4.42
C VAL D 215 -15.53 3.93 3.78
N ASN D 216 -14.94 2.75 3.97
CA ASN D 216 -13.64 2.48 3.35
C ASN D 216 -13.70 2.53 1.83
N ASP D 217 -14.86 2.20 1.25
CA ASP D 217 -15.01 2.24 -0.21
C ASP D 217 -14.72 3.65 -0.75
N ILE D 218 -15.15 4.65 0.00
CA ILE D 218 -14.94 6.06 -0.42
C ILE D 218 -13.57 6.53 -0.03
N ALA D 219 -13.12 6.17 1.17
CA ALA D 219 -11.79 6.62 1.62
C ALA D 219 -10.64 6.18 0.70
N ARG D 220 -10.71 4.93 0.26
CA ARG D 220 -9.71 4.32 -0.67
C ARG D 220 -9.66 5.12 -1.96
N THR D 221 -10.84 5.55 -2.42
CA THR D 221 -10.95 6.22 -3.71
C THR D 221 -10.39 7.67 -3.62
N VAL D 222 -10.68 8.34 -2.51
CA VAL D 222 -10.02 9.58 -2.22
C VAL D 222 -8.49 9.42 -2.17
N SER D 223 -8.03 8.38 -1.48
CA SER D 223 -6.62 8.16 -1.36
C SER D 223 -5.98 7.98 -2.77
N PHE D 224 -6.65 7.20 -3.60
CA PHE D 224 -6.17 6.94 -4.97
C PHE D 224 -6.03 8.27 -5.78
N LEU D 225 -6.99 9.16 -5.63
CA LEU D 225 -6.95 10.43 -6.32
C LEU D 225 -5.94 11.44 -5.73
N ALA D 226 -5.71 11.35 -4.43
CA ALA D 226 -4.88 12.33 -3.74
C ALA D 226 -3.42 12.07 -3.92
N SER D 227 -3.09 10.88 -4.40
CA SER D 227 -1.70 10.48 -4.58
C SER D 227 -1.00 11.40 -5.54
N PRO D 228 0.27 11.66 -5.33
CA PRO D 228 1.01 12.36 -6.38
C PRO D 228 1.00 11.62 -7.72
N ASP D 229 0.77 10.31 -7.70
CA ASP D 229 0.79 9.53 -8.96
C ASP D 229 -0.46 9.70 -9.77
N ALA D 230 -1.47 10.39 -9.21
CA ALA D 230 -2.72 10.62 -9.89
C ALA D 230 -2.73 11.94 -10.67
N SER D 231 -1.57 12.42 -11.07
CA SER D 231 -1.44 13.69 -11.77
C SER D 231 -2.13 13.75 -13.13
N TYR D 232 -2.39 12.60 -13.77
CA TYR D 232 -3.06 12.62 -15.05
C TYR D 232 -4.56 12.41 -14.93
N ILE D 233 -5.08 12.34 -13.70
CA ILE D 233 -6.49 12.24 -13.48
C ILE D 233 -7.06 13.57 -13.04
N THR D 234 -7.81 14.21 -13.94
CA THR D 234 -8.42 15.46 -13.66
C THR D 234 -9.69 15.59 -14.43
N GLY D 235 -10.66 16.24 -13.81
CA GLY D 235 -11.96 16.33 -14.41
C GLY D 235 -12.78 15.06 -14.25
N ALA D 236 -12.26 14.06 -13.58
CA ALA D 236 -12.91 12.75 -13.53
C ALA D 236 -13.97 12.65 -12.45
N SER D 237 -14.92 11.77 -12.71
CA SER D 237 -15.87 11.35 -11.69
C SER D 237 -15.73 9.85 -11.52
N ILE D 238 -15.68 9.42 -10.27
CA ILE D 238 -15.60 8.03 -9.95
C ILE D 238 -16.80 7.61 -9.11
N LEU D 239 -17.64 6.81 -9.72
CA LEU D 239 -18.77 6.24 -9.08
C LEU D 239 -18.33 5.15 -8.19
N VAL D 240 -18.76 5.19 -6.94
CA VAL D 240 -18.53 4.09 -5.97
C VAL D 240 -19.86 3.77 -5.36
N ASP D 241 -20.66 3.01 -6.10
CA ASP D 241 -22.09 2.98 -5.87
C ASP D 241 -22.73 1.65 -6.03
N GLY D 242 -21.95 0.59 -6.03
CA GLY D 242 -22.50 -0.73 -6.21
C GLY D 242 -23.30 -0.95 -7.48
N GLY D 243 -23.05 -0.16 -8.52
CA GLY D 243 -23.78 -0.29 -9.75
C GLY D 243 -25.13 0.43 -9.83
N LEU D 244 -25.36 1.39 -8.94
CA LEU D 244 -26.64 2.08 -8.92
C LEU D 244 -26.89 2.79 -10.23
N VAL D 245 -25.89 3.50 -10.71
CA VAL D 245 -26.05 4.34 -11.90
C VAL D 245 -25.98 3.52 -13.19
N ALA D 246 -25.58 2.27 -13.09
CA ALA D 246 -25.59 1.38 -14.24
C ALA D 246 -27.00 1.36 -14.93
N MET E 4 -37.00 14.89 -58.91
CA MET E 4 -36.14 15.34 -57.75
C MET E 4 -36.61 16.67 -57.12
N THR E 5 -37.91 16.98 -57.14
CA THR E 5 -38.38 18.25 -56.54
C THR E 5 -38.49 18.18 -55.02
N HIS E 6 -38.68 16.99 -54.46
CA HIS E 6 -38.84 16.86 -53.01
C HIS E 6 -37.61 16.22 -52.37
N ARG E 7 -37.34 16.59 -51.11
CA ARG E 7 -36.38 15.85 -50.30
C ARG E 7 -36.77 14.40 -50.18
N VAL E 8 -35.79 13.55 -50.03
CA VAL E 8 -35.95 12.11 -49.94
C VAL E 8 -35.42 11.60 -48.61
N ALA E 9 -36.24 10.81 -47.92
CA ALA E 9 -35.82 10.18 -46.69
C ALA E 9 -35.84 8.67 -46.86
N LEU E 10 -34.74 8.02 -46.44
CA LEU E 10 -34.65 6.58 -46.34
C LEU E 10 -34.77 6.16 -44.85
N ILE E 11 -35.76 5.31 -44.56
CA ILE E 11 -35.97 4.78 -43.23
C ILE E 11 -35.77 3.29 -43.24
N THR E 12 -34.75 2.79 -42.53
CA THR E 12 -34.53 1.37 -42.45
C THR E 12 -35.55 0.76 -41.51
N GLY E 13 -36.03 -0.43 -41.82
CA GLY E 13 -37.08 -1.06 -41.03
C GLY E 13 -38.33 -0.22 -40.97
N GLY E 14 -38.73 0.37 -42.09
CA GLY E 14 -39.82 1.31 -42.12
C GLY E 14 -41.19 0.73 -42.38
N SER E 15 -41.31 -0.61 -42.32
CA SER E 15 -42.54 -1.28 -42.69
C SER E 15 -43.51 -1.43 -41.54
N ARG E 16 -43.07 -1.20 -40.33
CA ARG E 16 -43.99 -1.32 -39.21
C ARG E 16 -43.47 -0.49 -38.02
N GLY E 17 -44.31 -0.40 -36.99
CA GLY E 17 -43.92 0.17 -35.71
C GLY E 17 -43.38 1.57 -35.87
N ILE E 18 -42.28 1.83 -35.18
CA ILE E 18 -41.70 3.17 -35.12
C ILE E 18 -41.34 3.61 -36.53
N GLY E 19 -40.74 2.71 -37.26
CA GLY E 19 -40.30 3.03 -38.63
C GLY E 19 -41.41 3.49 -39.53
N ALA E 20 -42.52 2.76 -39.52
CA ALA E 20 -43.66 3.12 -40.28
C ALA E 20 -44.19 4.50 -39.87
N ALA E 21 -44.26 4.77 -38.57
CA ALA E 21 -44.77 6.06 -38.10
C ALA E 21 -43.82 7.22 -38.51
N ILE E 22 -42.53 6.98 -38.45
CA ILE E 22 -41.52 7.93 -38.94
C ILE E 22 -41.80 8.21 -40.44
N ALA E 23 -42.02 7.15 -41.23
CA ALA E 23 -42.18 7.31 -42.69
C ALA E 23 -43.40 8.13 -43.04
N LEU E 24 -44.53 7.88 -42.35
CA LEU E 24 -45.70 8.70 -42.55
C LEU E 24 -45.57 10.15 -42.08
N LYS E 25 -44.92 10.36 -40.93
CA LYS E 25 -44.69 11.70 -40.47
C LYS E 25 -43.78 12.49 -41.42
N LEU E 26 -42.68 11.90 -41.87
CA LEU E 26 -41.79 12.62 -42.80
C LEU E 26 -42.51 12.89 -44.14
N ALA E 27 -43.36 11.96 -44.59
CA ALA E 27 -44.11 12.17 -45.79
C ALA E 27 -45.01 13.43 -45.62
N GLN E 28 -45.68 13.57 -44.49
CA GLN E 28 -46.48 14.75 -44.22
C GLN E 28 -45.66 15.99 -44.14
N ASP E 29 -44.41 15.90 -43.68
CA ASP E 29 -43.52 17.04 -43.73
C ASP E 29 -43.06 17.37 -45.13
N GLY E 30 -43.32 16.53 -46.13
CA GLY E 30 -42.90 16.86 -47.49
C GLY E 30 -41.73 16.03 -48.07
N PHE E 31 -41.32 14.95 -47.40
CA PHE E 31 -40.31 14.05 -47.95
C PHE E 31 -40.99 12.97 -48.82
N ASP E 32 -40.38 12.67 -49.96
CA ASP E 32 -40.55 11.37 -50.64
C ASP E 32 -39.78 10.33 -49.83
N ILE E 33 -40.23 9.09 -49.90
CA ILE E 33 -39.93 8.09 -48.89
C ILE E 33 -39.43 6.79 -49.52
N ALA E 34 -38.32 6.29 -48.99
CA ALA E 34 -37.91 4.96 -49.23
C ALA E 34 -37.87 4.27 -47.89
N ILE E 35 -38.35 3.02 -47.85
CA ILE E 35 -38.21 2.19 -46.68
C ILE E 35 -37.58 0.86 -47.03
N THR E 36 -36.84 0.28 -46.07
CA THR E 36 -36.33 -1.10 -46.17
C THR E 36 -37.15 -2.04 -45.36
N TYR E 37 -37.17 -3.28 -45.80
CA TYR E 37 -37.84 -4.37 -45.10
C TYR E 37 -37.06 -5.66 -45.40
N ALA E 38 -37.10 -6.56 -44.44
CA ALA E 38 -36.35 -7.80 -44.53
C ALA E 38 -37.20 -8.85 -45.22
N ARG E 39 -38.44 -9.00 -44.77
CA ARG E 39 -39.30 -10.12 -45.26
C ARG E 39 -40.73 -9.85 -45.70
N ASN E 40 -41.48 -9.15 -44.90
CA ASN E 40 -42.90 -8.96 -45.11
C ASN E 40 -43.16 -7.83 -46.14
N GLU E 41 -43.22 -8.24 -47.41
CA GLU E 41 -43.50 -7.31 -48.48
C GLU E 41 -44.87 -6.63 -48.36
N LYS E 42 -45.86 -7.34 -47.83
CA LYS E 42 -47.22 -6.77 -47.75
C LYS E 42 -47.30 -5.61 -46.75
N ALA E 43 -46.63 -5.74 -45.61
CA ALA E 43 -46.55 -4.61 -44.63
C ALA E 43 -45.83 -3.40 -45.26
N ALA E 44 -44.77 -3.67 -46.02
CA ALA E 44 -44.08 -2.58 -46.72
C ALA E 44 -44.97 -1.90 -47.78
N GLN E 45 -45.70 -2.66 -48.58
CA GLN E 45 -46.58 -2.07 -49.57
C GLN E 45 -47.70 -1.27 -48.92
N LYS E 46 -48.15 -1.67 -47.75
CA LYS E 46 -49.18 -0.90 -47.05
C LYS E 46 -48.59 0.46 -46.70
N VAL E 47 -47.35 0.51 -46.24
CA VAL E 47 -46.80 1.82 -45.90
C VAL E 47 -46.62 2.67 -47.17
N VAL E 48 -46.12 2.06 -48.22
CA VAL E 48 -46.02 2.70 -49.53
C VAL E 48 -47.36 3.34 -49.99
N SER E 49 -48.45 2.58 -49.89
CA SER E 49 -49.77 3.02 -50.32
C SER E 49 -50.28 4.18 -49.40
N GLU E 50 -50.01 4.15 -48.08
CA GLU E 50 -50.33 5.30 -47.20
C GLU E 50 -49.50 6.54 -47.50
N VAL E 51 -48.21 6.38 -47.86
CA VAL E 51 -47.43 7.55 -48.26
C VAL E 51 -47.96 8.16 -49.58
N GLU E 52 -48.30 7.29 -50.54
CA GLU E 52 -48.85 7.72 -51.82
C GLU E 52 -50.23 8.42 -51.65
N ALA E 53 -51.02 7.97 -50.70
CA ALA E 53 -52.28 8.60 -50.38
C ALA E 53 -52.09 10.04 -49.87
N LEU E 54 -50.92 10.36 -49.35
CA LEU E 54 -50.63 11.74 -48.97
C LEU E 54 -50.10 12.59 -50.12
N GLY E 55 -49.94 12.01 -51.31
CA GLY E 55 -49.41 12.74 -52.46
C GLY E 55 -47.91 12.63 -52.70
N ARG E 56 -47.18 11.84 -51.88
CA ARG E 56 -45.72 11.71 -52.03
C ARG E 56 -45.39 10.42 -52.79
N LYS E 57 -44.18 10.34 -53.31
CA LYS E 57 -43.67 9.11 -53.89
C LYS E 57 -43.05 8.27 -52.81
N ALA E 58 -43.21 6.96 -52.94
CA ALA E 58 -42.66 6.00 -51.99
C ALA E 58 -42.20 4.73 -52.67
N VAL E 59 -41.16 4.13 -52.14
CA VAL E 59 -40.68 2.87 -52.61
C VAL E 59 -40.22 2.00 -51.45
N ALA E 60 -40.44 0.71 -51.60
CA ALA E 60 -40.00 -0.26 -50.63
C ALA E 60 -38.85 -1.04 -51.22
N VAL E 61 -37.78 -1.18 -50.44
CA VAL E 61 -36.62 -1.89 -50.87
C VAL E 61 -36.39 -3.08 -49.95
N GLN E 62 -36.32 -4.28 -50.52
CA GLN E 62 -35.98 -5.46 -49.76
C GLN E 62 -34.51 -5.49 -49.46
N ALA E 63 -34.14 -5.66 -48.20
CA ALA E 63 -32.75 -5.66 -47.81
C ALA E 63 -32.55 -6.27 -46.47
N ASP E 64 -31.57 -7.13 -46.36
CA ASP E 64 -31.15 -7.67 -45.06
C ASP E 64 -30.19 -6.67 -44.37
N GLY E 65 -30.68 -5.96 -43.36
CA GLY E 65 -29.88 -4.98 -42.63
C GLY E 65 -28.70 -5.55 -41.90
N GLY E 66 -28.70 -6.87 -41.76
CA GLY E 66 -27.61 -7.59 -41.12
C GLY E 66 -26.50 -8.02 -42.05
N SER E 67 -26.62 -7.69 -43.34
CA SER E 67 -25.52 -7.92 -44.28
C SER E 67 -25.02 -6.57 -44.79
N THR E 68 -23.72 -6.45 -45.05
CA THR E 68 -23.18 -5.22 -45.61
C THR E 68 -23.64 -4.96 -47.05
N ASP E 69 -23.84 -6.01 -47.85
CA ASP E 69 -24.44 -5.86 -49.17
C ASP E 69 -25.85 -5.27 -49.08
N GLY E 70 -26.66 -5.70 -48.11
CA GLY E 70 -27.98 -5.11 -47.87
C GLY E 70 -27.92 -3.67 -47.39
N ASN E 71 -26.93 -3.35 -46.58
CA ASN E 71 -26.75 -1.98 -46.14
C ASN E 71 -26.44 -1.05 -47.35
N ILE E 72 -25.53 -1.49 -48.23
CA ILE E 72 -25.14 -0.73 -49.40
C ILE E 72 -26.30 -0.65 -50.39
N ALA E 73 -26.99 -1.76 -50.60
CA ALA E 73 -28.08 -1.78 -51.57
C ALA E 73 -29.22 -0.83 -51.18
N ALA E 74 -29.51 -0.70 -49.90
CA ALA E 74 -30.60 0.16 -49.46
C ALA E 74 -30.40 1.61 -49.98
N ILE E 75 -29.19 2.13 -49.82
CA ILE E 75 -28.85 3.46 -50.28
C ILE E 75 -28.87 3.49 -51.79
N THR E 76 -28.22 2.50 -52.39
CA THR E 76 -28.08 2.45 -53.86
C THR E 76 -29.43 2.47 -54.54
N LYS E 77 -30.34 1.65 -54.07
CA LYS E 77 -31.65 1.54 -54.71
C LYS E 77 -32.46 2.79 -54.45
N THR E 78 -32.28 3.39 -53.29
CA THR E 78 -32.98 4.65 -53.02
C THR E 78 -32.51 5.71 -53.99
N HIS E 79 -31.21 5.80 -54.20
CA HIS E 79 -30.69 6.81 -55.11
C HIS E 79 -31.10 6.56 -56.55
N GLU E 80 -31.19 5.28 -56.92
CA GLU E 80 -31.65 4.91 -58.28
C GLU E 80 -33.10 5.29 -58.48
N ALA E 81 -33.91 5.12 -57.46
CA ALA E 81 -35.33 5.45 -57.57
C ALA E 81 -35.59 6.96 -57.59
N PHE E 82 -34.82 7.72 -56.83
CA PHE E 82 -35.13 9.15 -56.67
C PHE E 82 -34.11 10.14 -57.16
N GLY E 83 -32.87 9.71 -57.40
CA GLY E 83 -31.83 10.65 -57.84
C GLY E 83 -31.27 11.59 -56.75
N ARG E 84 -31.64 11.38 -55.48
CA ARG E 84 -31.14 12.18 -54.37
C ARG E 84 -31.28 11.42 -53.09
N LEU E 85 -30.67 11.96 -52.04
CA LEU E 85 -30.89 11.49 -50.68
C LEU E 85 -30.66 12.63 -49.71
N ASP E 86 -31.65 12.87 -48.85
CA ASP E 86 -31.62 14.05 -47.97
C ASP E 86 -31.64 13.72 -46.47
N ALA E 87 -32.28 12.60 -46.14
CA ALA E 87 -32.27 12.13 -44.78
C ALA E 87 -32.15 10.63 -44.69
N LEU E 88 -31.30 10.16 -43.78
CA LEU E 88 -31.17 8.74 -43.47
C LEU E 88 -31.60 8.56 -42.04
N VAL E 89 -32.59 7.68 -41.83
CA VAL E 89 -33.07 7.34 -40.53
C VAL E 89 -32.78 5.83 -40.30
N CYS E 90 -31.81 5.53 -39.43
CA CYS E 90 -31.41 4.14 -39.15
C CYS E 90 -32.22 3.68 -37.99
N ASN E 91 -33.30 2.98 -38.32
CA ASN E 91 -34.26 2.55 -37.34
C ASN E 91 -34.26 1.05 -37.14
N ALA E 92 -33.82 0.27 -38.13
CA ALA E 92 -33.90 -1.20 -38.01
C ALA E 92 -32.99 -1.63 -36.88
N GLY E 93 -33.40 -2.64 -36.13
CA GLY E 93 -32.60 -3.14 -35.01
C GLY E 93 -33.22 -4.34 -34.35
N ILE E 94 -32.49 -5.01 -33.49
CA ILE E 94 -33.07 -6.11 -32.69
C ILE E 94 -32.69 -5.95 -31.25
N TYR E 95 -33.45 -6.64 -30.43
CA TYR E 95 -33.41 -6.56 -29.00
C TYR E 95 -33.19 -7.96 -28.40
N PRO E 96 -31.93 -8.43 -28.30
CA PRO E 96 -31.65 -9.66 -27.59
C PRO E 96 -31.83 -9.42 -26.11
N TYR E 97 -32.25 -10.46 -25.40
CA TYR E 97 -32.47 -10.35 -24.00
C TYR E 97 -31.95 -11.61 -23.33
N GLY E 98 -31.08 -11.45 -22.34
CA GLY E 98 -30.66 -12.60 -21.51
C GLY E 98 -29.42 -12.29 -20.75
N PRO E 99 -29.12 -13.05 -19.71
CA PRO E 99 -27.84 -12.86 -19.00
C PRO E 99 -26.63 -13.01 -19.91
N ILE E 100 -25.64 -12.16 -19.66
CA ILE E 100 -24.47 -12.14 -20.47
C ILE E 100 -23.76 -13.51 -20.61
N ALA E 101 -23.65 -14.28 -19.53
CA ALA E 101 -23.02 -15.57 -19.57
C ALA E 101 -23.65 -16.60 -20.54
N GLN E 102 -24.90 -16.39 -20.92
CA GLN E 102 -25.60 -17.29 -21.82
C GLN E 102 -25.61 -16.81 -23.27
N MET E 103 -24.97 -15.70 -23.57
CA MET E 103 -25.08 -15.15 -24.92
C MET E 103 -24.16 -15.94 -25.83
N THR E 104 -24.62 -16.26 -27.03
CA THR E 104 -23.79 -17.02 -27.94
C THR E 104 -23.07 -16.10 -28.87
N VAL E 105 -22.03 -16.61 -29.51
CA VAL E 105 -21.34 -15.88 -30.58
C VAL E 105 -22.30 -15.38 -31.67
N THR E 106 -23.27 -16.19 -32.04
CA THR E 106 -24.25 -15.83 -33.04
C THR E 106 -25.11 -14.65 -32.58
N GLN E 107 -25.57 -14.66 -31.34
CA GLN E 107 -26.37 -13.51 -30.87
C GLN E 107 -25.54 -12.21 -30.82
N ILE E 108 -24.29 -12.34 -30.38
CA ILE E 108 -23.38 -11.22 -30.36
C ILE E 108 -23.20 -10.65 -31.78
N GLU E 109 -22.92 -11.51 -32.74
CA GLU E 109 -22.66 -11.01 -34.11
C GLU E 109 -23.90 -10.35 -34.68
N GLU E 110 -25.03 -10.99 -34.47
CA GLU E 110 -26.27 -10.53 -35.00
C GLU E 110 -26.60 -9.12 -34.47
N VAL E 111 -26.43 -8.90 -33.19
CA VAL E 111 -26.79 -7.58 -32.64
C VAL E 111 -25.82 -6.57 -33.16
N LEU E 112 -24.53 -6.88 -33.13
CA LEU E 112 -23.55 -5.92 -33.63
C LEU E 112 -23.83 -5.55 -35.11
N ASN E 113 -24.10 -6.58 -35.91
CA ASN E 113 -24.27 -6.40 -37.33
C ASN E 113 -25.45 -5.52 -37.68
N LEU E 114 -26.56 -5.76 -37.00
CA LEU E 114 -27.78 -5.05 -37.28
C LEU E 114 -27.90 -3.69 -36.49
N ASN E 115 -27.45 -3.63 -35.24
CA ASN E 115 -27.63 -2.39 -34.48
C ASN E 115 -26.53 -1.39 -34.57
N LEU E 116 -25.37 -1.80 -35.06
CA LEU E 116 -24.27 -0.86 -35.16
C LEU E 116 -23.59 -0.84 -36.52
N ARG E 117 -23.23 -2.00 -37.03
CA ARG E 117 -22.52 -2.04 -38.30
C ARG E 117 -23.39 -1.47 -39.40
N ALA E 118 -24.66 -1.83 -39.41
CA ALA E 118 -25.60 -1.34 -40.41
C ALA E 118 -25.60 0.17 -40.47
N ALA E 119 -25.72 0.80 -39.31
CA ALA E 119 -25.74 2.25 -39.29
C ALA E 119 -24.46 2.84 -39.85
N MET E 120 -23.34 2.19 -39.54
CA MET E 120 -22.03 2.72 -39.96
C MET E 120 -21.91 2.61 -41.47
N VAL E 121 -22.24 1.45 -42.01
CA VAL E 121 -22.07 1.19 -43.45
C VAL E 121 -23.04 2.00 -44.23
N GLU E 122 -24.27 2.09 -43.76
CA GLU E 122 -25.31 2.91 -44.44
C GLU E 122 -24.95 4.37 -44.43
N THR E 123 -24.36 4.86 -43.33
CA THR E 123 -23.92 6.25 -43.27
C THR E 123 -22.83 6.56 -44.30
N VAL E 124 -21.82 5.69 -44.38
CA VAL E 124 -20.78 5.87 -45.37
C VAL E 124 -21.35 5.94 -46.79
N GLU E 125 -22.21 5.00 -47.12
CA GLU E 125 -22.82 4.96 -48.43
C GLU E 125 -23.73 6.19 -48.69
N ALA E 126 -24.51 6.61 -47.69
CA ALA E 126 -25.35 7.79 -47.84
C ALA E 126 -24.53 9.03 -48.16
N LEU E 127 -23.34 9.13 -47.60
CA LEU E 127 -22.50 10.32 -47.82
C LEU E 127 -21.93 10.42 -49.24
N LYS E 128 -22.06 9.37 -50.04
CA LYS E 128 -21.76 9.50 -51.47
C LYS E 128 -22.79 10.39 -52.15
N TYR E 129 -23.99 10.50 -51.57
CA TYR E 129 -25.05 11.27 -52.23
C TYR E 129 -25.55 12.51 -51.49
N MET E 130 -25.35 12.55 -50.18
CA MET E 130 -25.96 13.60 -49.38
C MET E 130 -25.19 14.89 -49.49
N LYS E 131 -25.88 15.99 -49.36
CA LYS E 131 -25.28 17.31 -49.50
C LYS E 131 -25.65 18.18 -48.31
N THR E 132 -25.17 19.42 -48.31
CA THR E 132 -25.48 20.38 -47.28
C THR E 132 -26.97 20.45 -47.06
N GLY E 133 -27.40 20.50 -45.80
CA GLY E 133 -28.78 20.42 -45.46
C GLY E 133 -29.19 18.95 -45.14
N GLY E 134 -28.30 18.00 -45.39
CA GLY E 134 -28.60 16.55 -45.09
C GLY E 134 -28.75 16.26 -43.60
N ARG E 135 -29.42 15.16 -43.32
CA ARG E 135 -29.79 14.76 -41.95
C ARG E 135 -29.52 13.28 -41.76
N LEU E 136 -28.71 12.97 -40.76
CA LEU E 136 -28.46 11.62 -40.33
C LEU E 136 -29.11 11.50 -38.92
N ILE E 137 -30.08 10.62 -38.77
CA ILE E 137 -30.82 10.42 -37.52
C ILE E 137 -30.79 8.94 -37.18
N TYR E 138 -30.16 8.60 -36.04
CA TYR E 138 -30.07 7.27 -35.57
C TYR E 138 -31.10 7.03 -34.48
N ILE E 139 -31.77 5.88 -34.53
CA ILE E 139 -32.69 5.49 -33.49
C ILE E 139 -31.92 4.62 -32.53
N GLY E 140 -31.55 5.23 -31.41
CA GLY E 140 -30.87 4.55 -30.34
C GLY E 140 -31.87 4.01 -29.35
N SER E 141 -31.58 4.18 -28.05
CA SER E 141 -32.46 3.73 -27.00
C SER E 141 -32.04 4.37 -25.71
N ALA E 142 -33.00 4.61 -24.86
CA ALA E 142 -32.72 5.06 -23.50
C ALA E 142 -31.86 4.05 -22.78
N PHE E 143 -31.93 2.77 -23.17
CA PHE E 143 -31.03 1.77 -22.58
C PHE E 143 -29.55 1.93 -23.00
N GLY E 144 -29.27 2.74 -24.00
CA GLY E 144 -27.92 3.17 -24.24
C GLY E 144 -27.34 4.03 -23.11
N GLU E 145 -28.18 4.69 -22.30
CA GLU E 145 -27.69 5.54 -21.22
C GLU E 145 -27.94 4.96 -19.85
N ARG E 146 -28.93 4.09 -19.72
CA ARG E 146 -29.19 3.42 -18.46
C ARG E 146 -29.56 1.99 -18.73
N ALA E 147 -28.89 1.07 -18.05
CA ALA E 147 -29.29 -0.32 -18.08
C ALA E 147 -29.82 -0.71 -16.68
N PRO E 148 -31.08 -0.43 -16.43
CA PRO E 148 -31.55 -0.53 -15.03
C PRO E 148 -31.86 -1.91 -14.54
N PHE E 149 -31.88 -2.91 -15.42
CA PHE E 149 -32.15 -4.30 -14.99
C PHE E 149 -31.26 -5.27 -15.80
N PRO E 150 -31.16 -6.52 -15.35
CA PRO E 150 -30.27 -7.49 -15.99
C PRO E 150 -30.81 -7.98 -17.31
N GLY E 151 -29.92 -8.39 -18.20
CA GLY E 151 -30.34 -9.04 -19.44
C GLY E 151 -30.11 -8.27 -20.73
N ILE E 152 -29.66 -7.03 -20.63
CA ILE E 152 -29.63 -6.17 -21.83
C ILE E 152 -28.25 -5.61 -22.15
N SER E 153 -27.22 -6.34 -21.72
CA SER E 153 -25.86 -5.95 -21.95
C SER E 153 -25.54 -5.73 -23.41
N LEU E 154 -25.99 -6.64 -24.25
CA LEU E 154 -25.63 -6.53 -25.66
C LEU E 154 -26.34 -5.34 -26.30
N TYR E 155 -27.59 -5.18 -25.96
CA TYR E 155 -28.41 -4.14 -26.55
C TYR E 155 -27.89 -2.79 -26.08
N ALA E 156 -27.61 -2.66 -24.78
CA ALA E 156 -27.05 -1.44 -24.24
C ALA E 156 -25.75 -1.09 -24.90
N ALA E 157 -24.88 -2.08 -25.19
CA ALA E 157 -23.62 -1.81 -25.85
C ALA E 157 -23.82 -1.22 -27.22
N THR E 158 -24.74 -1.80 -27.99
CA THR E 158 -24.90 -1.32 -29.33
C THR E 158 -25.53 0.03 -29.36
N LYS E 159 -26.49 0.26 -28.50
CA LYS E 159 -27.14 1.55 -28.46
C LYS E 159 -26.26 2.68 -27.87
N ALA E 160 -25.44 2.40 -26.87
CA ALA E 160 -24.43 3.38 -26.44
C ALA E 160 -23.42 3.63 -27.57
N GLY E 161 -23.12 2.59 -28.36
CA GLY E 161 -22.23 2.77 -29.47
C GLY E 161 -22.73 3.78 -30.46
N LEU E 162 -24.05 3.81 -30.65
CA LEU E 162 -24.62 4.75 -31.57
C LEU E 162 -24.47 6.21 -31.08
N ILE E 163 -24.42 6.40 -29.78
CA ILE E 163 -24.18 7.75 -29.22
C ILE E 163 -22.79 8.21 -29.58
N GLY E 164 -21.81 7.34 -29.39
CA GLY E 164 -20.44 7.68 -29.75
C GLY E 164 -20.26 7.92 -31.22
N PHE E 165 -20.91 7.10 -32.03
CA PHE E 165 -20.85 7.27 -33.46
C PHE E 165 -21.40 8.62 -33.86
N THR E 166 -22.56 8.94 -33.33
CA THR E 166 -23.24 10.21 -33.61
C THR E 166 -22.37 11.43 -33.27
N LYS E 167 -21.68 11.37 -32.13
CA LYS E 167 -20.81 12.45 -31.74
C LYS E 167 -19.66 12.61 -32.74
N GLY E 168 -19.07 11.49 -33.15
CA GLY E 168 -17.92 11.54 -34.06
C GLY E 168 -18.29 11.98 -35.46
N VAL E 169 -19.41 11.50 -35.96
CA VAL E 169 -19.94 11.89 -37.26
C VAL E 169 -20.39 13.34 -37.27
N ALA E 170 -21.01 13.82 -36.18
CA ALA E 170 -21.37 15.23 -36.06
C ALA E 170 -20.17 16.12 -36.14
N ARG E 171 -19.11 15.72 -35.44
CA ARG E 171 -17.88 16.45 -35.46
C ARG E 171 -17.28 16.49 -36.90
N ASP E 172 -17.22 15.36 -37.59
CA ASP E 172 -16.72 15.30 -38.96
C ASP E 172 -17.50 16.16 -39.94
N LEU E 173 -18.83 16.16 -39.83
CA LEU E 173 -19.70 16.71 -40.88
C LEU E 173 -20.18 18.13 -40.60
N GLY E 174 -19.84 18.65 -39.44
CA GLY E 174 -20.26 19.97 -39.02
C GLY E 174 -20.07 21.02 -40.10
N PRO E 175 -18.83 21.15 -40.61
CA PRO E 175 -18.61 22.20 -41.61
C PRO E 175 -19.29 21.95 -42.96
N GLN E 176 -19.77 20.74 -43.20
CA GLN E 176 -20.40 20.41 -44.47
C GLN E 176 -21.88 20.68 -44.46
N GLY E 177 -22.43 21.02 -43.29
CA GLY E 177 -23.84 21.31 -43.19
C GLY E 177 -24.73 20.08 -43.21
N ILE E 178 -24.19 18.96 -42.74
CA ILE E 178 -25.00 17.76 -42.48
C ILE E 178 -24.99 17.55 -40.96
N THR E 179 -26.14 17.28 -40.37
CA THR E 179 -26.26 17.05 -38.96
C THR E 179 -26.43 15.57 -38.69
N ALA E 180 -25.99 15.15 -37.50
CA ALA E 180 -26.13 13.81 -37.02
C ALA E 180 -26.59 13.83 -35.58
N ASN E 181 -27.67 13.11 -35.31
CA ASN E 181 -28.31 13.13 -34.04
C ASN E 181 -28.88 11.77 -33.72
N VAL E 182 -29.08 11.49 -32.44
CA VAL E 182 -29.68 10.23 -32.03
C VAL E 182 -30.94 10.47 -31.21
N VAL E 183 -32.00 9.80 -31.58
CA VAL E 183 -33.21 9.75 -30.74
C VAL E 183 -33.16 8.49 -29.90
N GLU E 184 -33.50 8.61 -28.61
CA GLU E 184 -33.40 7.49 -27.66
C GLU E 184 -34.72 7.15 -27.03
N PRO E 185 -35.50 6.29 -27.68
CA PRO E 185 -36.77 5.84 -27.14
C PRO E 185 -36.62 5.08 -25.88
N GLY E 186 -37.54 5.31 -24.95
CA GLY E 186 -37.80 4.36 -23.92
C GLY E 186 -38.74 3.27 -24.48
N PRO E 187 -39.55 2.65 -23.61
CA PRO E 187 -40.44 1.61 -24.06
C PRO E 187 -41.59 2.22 -24.81
N ILE E 188 -41.81 1.78 -26.05
CA ILE E 188 -42.83 2.30 -26.93
C ILE E 188 -43.77 1.15 -27.30
N ALA E 189 -45.04 1.30 -27.03
CA ALA E 189 -46.08 0.36 -27.42
C ALA E 189 -46.22 0.18 -28.93
N THR E 190 -46.09 -1.07 -29.37
CA THR E 190 -46.18 -1.54 -30.74
C THR E 190 -46.98 -2.86 -30.69
N ASP E 191 -47.50 -3.35 -31.82
CA ASP E 191 -47.97 -4.76 -31.93
C ASP E 191 -47.06 -5.79 -31.29
N LEU E 192 -45.77 -5.70 -31.61
CA LEU E 192 -44.70 -6.55 -31.08
C LEU E 192 -44.26 -6.25 -29.66
N ASN E 193 -44.52 -5.03 -29.18
CA ASN E 193 -44.10 -4.64 -27.84
C ASN E 193 -45.29 -4.05 -27.07
N PRO E 194 -46.15 -4.92 -26.48
CA PRO E 194 -47.38 -4.42 -25.91
C PRO E 194 -47.14 -3.77 -24.57
N GLU E 195 -48.00 -2.82 -24.21
CA GLU E 195 -47.93 -2.06 -22.94
C GLU E 195 -48.47 -2.75 -21.66
N ASP E 196 -49.17 -3.84 -21.86
CA ASP E 196 -49.89 -4.50 -20.79
C ASP E 196 -49.15 -5.77 -20.45
N GLY E 197 -49.32 -6.28 -19.23
CA GLY E 197 -48.67 -7.56 -18.83
C GLY E 197 -47.53 -7.36 -17.85
N ALA E 198 -47.10 -8.45 -17.20
CA ALA E 198 -46.12 -8.36 -16.13
C ALA E 198 -44.75 -7.90 -16.59
N ALA E 199 -44.34 -8.28 -17.78
CA ALA E 199 -43.01 -7.88 -18.27
C ALA E 199 -42.98 -6.35 -18.49
N ALA E 200 -44.01 -5.86 -19.17
CA ALA E 200 -44.17 -4.44 -19.36
C ALA E 200 -44.27 -3.69 -18.04
N ALA E 201 -44.94 -4.25 -17.05
CA ALA E 201 -45.06 -3.59 -15.74
C ALA E 201 -43.68 -3.34 -15.11
N VAL E 202 -42.77 -4.28 -15.29
CA VAL E 202 -41.46 -4.16 -14.69
C VAL E 202 -40.71 -3.02 -15.35
N ILE E 203 -40.74 -2.98 -16.68
CA ILE E 203 -40.13 -1.88 -17.40
C ILE E 203 -40.76 -0.54 -17.06
N ARG E 204 -42.10 -0.49 -16.99
CA ARG E 204 -42.87 0.74 -16.75
C ARG E 204 -42.46 1.37 -15.46
N LYS E 205 -42.20 0.53 -14.45
CA LYS E 205 -41.85 1.00 -13.10
C LYS E 205 -40.53 1.79 -13.09
N PHE E 206 -39.68 1.62 -14.07
CA PHE E 206 -38.47 2.44 -14.16
C PHE E 206 -38.70 3.80 -14.80
N THR E 207 -39.81 3.97 -15.52
CA THR E 207 -40.14 5.26 -16.14
C THR E 207 -40.73 6.13 -15.07
N ALA E 208 -40.56 7.43 -15.19
CA ALA E 208 -41.13 8.36 -14.22
C ALA E 208 -42.62 8.46 -14.46
N THR E 209 -43.05 8.37 -15.72
CA THR E 209 -44.48 8.47 -16.01
C THR E 209 -45.26 7.17 -15.70
N GLU E 210 -44.56 6.09 -15.43
CA GLU E 210 -45.15 4.75 -15.19
C GLU E 210 -45.97 4.28 -16.39
N SER E 211 -45.42 4.49 -17.59
CA SER E 211 -46.16 4.24 -18.83
C SER E 211 -45.21 4.00 -19.98
N TYR E 212 -45.73 3.32 -20.98
CA TYR E 212 -45.11 3.16 -22.27
C TYR E 212 -45.50 4.35 -23.12
N GLY E 213 -44.63 4.72 -24.04
CA GLY E 213 -44.95 5.73 -25.04
C GLY E 213 -45.63 5.11 -26.28
N LYS E 214 -45.81 5.93 -27.30
CA LYS E 214 -46.45 5.59 -28.56
C LYS E 214 -45.57 5.99 -29.68
N VAL E 215 -45.79 5.39 -30.85
CA VAL E 215 -44.92 5.63 -31.99
C VAL E 215 -44.88 7.10 -32.38
N ASN E 216 -45.96 7.83 -32.20
CA ASN E 216 -45.94 9.25 -32.56
C ASN E 216 -44.91 10.05 -31.76
N ASP E 217 -44.62 9.61 -30.51
CA ASP E 217 -43.64 10.29 -29.64
C ASP E 217 -42.27 10.29 -30.30
N ILE E 218 -41.94 9.22 -31.01
CA ILE E 218 -40.66 9.13 -31.74
C ILE E 218 -40.73 9.80 -33.08
N ALA E 219 -41.82 9.60 -33.83
CA ALA E 219 -41.94 10.19 -35.12
C ALA E 219 -41.84 11.72 -35.13
N ARG E 220 -42.45 12.36 -34.13
CA ARG E 220 -42.46 13.82 -33.94
C ARG E 220 -41.05 14.31 -33.74
N THR E 221 -40.27 13.51 -33.02
CA THR E 221 -38.94 13.91 -32.63
C THR E 221 -38.01 13.81 -33.84
N VAL E 222 -38.22 12.76 -34.63
CA VAL E 222 -37.48 12.64 -35.88
C VAL E 222 -37.81 13.79 -36.81
N SER E 223 -39.10 14.09 -36.91
CA SER E 223 -39.52 15.23 -37.71
C SER E 223 -38.80 16.56 -37.25
N PHE E 224 -38.76 16.79 -35.96
CA PHE E 224 -38.15 17.99 -35.39
C PHE E 224 -36.69 18.09 -35.79
N LEU E 225 -35.98 16.95 -35.75
CA LEU E 225 -34.58 16.93 -36.12
C LEU E 225 -34.30 17.01 -37.63
N ALA E 226 -35.24 16.49 -38.42
CA ALA E 226 -35.04 16.43 -39.88
C ALA E 226 -35.31 17.76 -40.56
N SER E 227 -35.98 18.68 -39.85
CA SER E 227 -36.33 19.94 -40.40
C SER E 227 -35.11 20.68 -40.87
N PRO E 228 -35.24 21.45 -41.94
CA PRO E 228 -34.15 22.41 -42.23
C PRO E 228 -33.82 23.40 -41.10
N ASP E 229 -34.79 23.68 -40.24
CA ASP E 229 -34.59 24.60 -39.16
C ASP E 229 -33.80 24.03 -37.99
N ALA E 230 -33.52 22.73 -38.04
CA ALA E 230 -32.71 22.07 -37.03
C ALA E 230 -31.19 22.07 -37.34
N SER E 231 -30.73 23.00 -38.16
CA SER E 231 -29.37 23.06 -38.60
C SER E 231 -28.33 23.28 -37.49
N TYR E 232 -28.75 23.81 -36.36
CA TYR E 232 -27.81 24.00 -35.25
C TYR E 232 -27.80 22.82 -34.27
N ILE E 233 -28.60 21.80 -34.52
CA ILE E 233 -28.65 20.66 -33.61
C ILE E 233 -27.84 19.54 -34.23
N THR E 234 -26.68 19.25 -33.61
CA THR E 234 -25.88 18.19 -34.10
C THR E 234 -25.07 17.63 -32.99
N GLY E 235 -24.90 16.31 -33.02
CA GLY E 235 -24.27 15.60 -31.92
C GLY E 235 -25.21 15.36 -30.75
N ALA E 236 -26.45 15.76 -30.88
CA ALA E 236 -27.38 15.64 -29.77
C ALA E 236 -27.99 14.28 -29.62
N SER E 237 -28.37 13.99 -28.39
CA SER E 237 -29.24 12.88 -28.09
C SER E 237 -30.52 13.43 -27.47
N ILE E 238 -31.66 12.93 -27.91
CA ILE E 238 -32.92 13.25 -27.33
C ILE E 238 -33.61 12.02 -26.76
N LEU E 239 -33.71 11.99 -25.43
CA LEU E 239 -34.41 10.96 -24.71
C LEU E 239 -35.92 11.18 -24.86
N VAL E 240 -36.61 10.15 -25.32
CA VAL E 240 -38.07 10.16 -25.37
C VAL E 240 -38.54 8.89 -24.66
N ASP E 241 -38.53 8.97 -23.35
CA ASP E 241 -38.46 7.78 -22.51
C ASP E 241 -39.29 7.81 -21.24
N GLY E 242 -40.21 8.76 -21.16
CA GLY E 242 -41.04 8.88 -19.96
C GLY E 242 -40.26 9.02 -18.69
N GLY E 243 -38.99 9.53 -18.79
CA GLY E 243 -38.23 9.75 -17.56
C GLY E 243 -37.47 8.52 -17.05
N LEU E 244 -37.35 7.50 -17.88
CA LEU E 244 -36.66 6.28 -17.47
C LEU E 244 -35.22 6.56 -17.04
N VAL E 245 -34.50 7.33 -17.84
CA VAL E 245 -33.09 7.62 -17.56
C VAL E 245 -32.90 8.63 -16.46
N ALA E 246 -33.97 9.30 -16.06
CA ALA E 246 -33.86 10.24 -14.98
C ALA E 246 -33.24 9.55 -13.72
N MET F 4 -59.42 32.77 -18.98
CA MET F 4 -58.58 31.51 -18.84
C MET F 4 -58.77 30.53 -20.02
N THR F 5 -59.04 31.01 -21.22
CA THR F 5 -59.25 30.09 -22.34
C THR F 5 -57.93 29.57 -22.92
N HIS F 6 -56.82 30.31 -22.78
CA HIS F 6 -55.55 29.91 -23.40
C HIS F 6 -54.57 29.49 -22.33
N ARG F 7 -53.71 28.55 -22.70
CA ARG F 7 -52.58 28.21 -21.87
C ARG F 7 -51.71 29.45 -21.61
N VAL F 8 -51.10 29.51 -20.43
CA VAL F 8 -50.26 30.60 -20.04
C VAL F 8 -48.82 30.12 -19.85
N ALA F 9 -47.88 30.88 -20.40
CA ALA F 9 -46.46 30.64 -20.21
C ALA F 9 -45.80 31.80 -19.56
N LEU F 10 -44.98 31.52 -18.55
CA LEU F 10 -44.15 32.49 -17.87
C LEU F 10 -42.74 32.25 -18.28
N ILE F 11 -42.10 33.28 -18.84
CA ILE F 11 -40.71 33.23 -19.28
C ILE F 11 -39.94 34.24 -18.47
N THR F 12 -39.00 33.77 -17.67
CA THR F 12 -38.16 34.66 -16.91
C THR F 12 -37.11 35.24 -17.84
N GLY F 13 -36.76 36.49 -17.64
CA GLY F 13 -35.82 37.19 -18.53
C GLY F 13 -36.32 37.26 -19.95
N GLY F 14 -37.62 37.50 -20.14
CA GLY F 14 -38.23 37.37 -21.47
C GLY F 14 -38.29 38.67 -22.26
N SER F 15 -37.53 39.66 -21.81
CA SER F 15 -37.47 40.95 -22.43
C SER F 15 -36.51 41.11 -23.60
N ARG F 16 -35.52 40.25 -23.70
CA ARG F 16 -34.56 40.34 -24.75
C ARG F 16 -33.92 39.01 -25.05
N GLY F 17 -33.15 38.97 -26.13
CA GLY F 17 -32.41 37.76 -26.55
C GLY F 17 -33.27 36.51 -26.69
N ILE F 18 -32.80 35.42 -26.09
CA ILE F 18 -33.43 34.10 -26.19
C ILE F 18 -34.82 34.16 -25.59
N GLY F 19 -34.92 34.81 -24.46
CA GLY F 19 -36.20 34.90 -23.76
C GLY F 19 -37.31 35.56 -24.56
N ALA F 20 -36.99 36.67 -25.16
CA ALA F 20 -37.90 37.34 -26.03
C ALA F 20 -38.32 36.47 -27.20
N ALA F 21 -37.35 35.83 -27.84
CA ALA F 21 -37.70 34.93 -28.97
C ALA F 21 -38.59 33.72 -28.56
N ILE F 22 -38.32 33.17 -27.39
CA ILE F 22 -39.19 32.14 -26.78
C ILE F 22 -40.60 32.66 -26.54
N ALA F 23 -40.70 33.83 -25.93
CA ALA F 23 -42.04 34.43 -25.73
C ALA F 23 -42.86 34.59 -27.00
N LEU F 24 -42.26 35.12 -28.05
CA LEU F 24 -42.99 35.28 -29.32
C LEU F 24 -43.35 33.95 -29.98
N LYS F 25 -42.46 32.97 -29.90
CA LYS F 25 -42.71 31.63 -30.47
C LYS F 25 -43.85 30.96 -29.70
N LEU F 26 -43.85 31.05 -28.37
CA LEU F 26 -44.97 30.47 -27.63
C LEU F 26 -46.27 31.18 -27.87
N ALA F 27 -46.22 32.48 -28.03
CA ALA F 27 -47.42 33.23 -28.36
C ALA F 27 -48.02 32.75 -29.69
N GLN F 28 -47.17 32.50 -30.68
CA GLN F 28 -47.61 31.97 -31.96
C GLN F 28 -48.11 30.58 -31.82
N ASP F 29 -47.58 29.81 -30.88
CA ASP F 29 -48.17 28.49 -30.58
C ASP F 29 -49.51 28.58 -29.83
N GLY F 30 -49.93 29.75 -29.38
CA GLY F 30 -51.25 29.86 -28.70
C GLY F 30 -51.20 30.09 -27.20
N PHE F 31 -50.03 30.42 -26.63
CA PHE F 31 -49.95 30.73 -25.21
C PHE F 31 -50.18 32.23 -25.03
N ASP F 32 -50.94 32.59 -24.00
CA ASP F 32 -50.81 33.90 -23.37
C ASP F 32 -49.51 33.94 -22.57
N ILE F 33 -48.97 35.13 -22.37
CA ILE F 33 -47.56 35.27 -22.03
C ILE F 33 -47.39 36.19 -20.84
N ALA F 34 -46.58 35.75 -19.89
CA ALA F 34 -45.99 36.63 -18.88
C ALA F 34 -44.49 36.57 -19.00
N ILE F 35 -43.85 37.71 -18.92
CA ILE F 35 -42.37 37.79 -18.91
C ILE F 35 -41.91 38.58 -17.69
N THR F 36 -40.77 38.19 -17.16
CA THR F 36 -40.09 38.96 -16.14
C THR F 36 -38.97 39.79 -16.71
N TYR F 37 -38.73 40.92 -16.07
CA TYR F 37 -37.61 41.77 -16.40
C TYR F 37 -37.08 42.40 -15.11
N ALA F 38 -35.79 42.68 -15.11
CA ALA F 38 -35.12 43.25 -13.94
C ALA F 38 -35.14 44.74 -14.06
N ARG F 39 -34.71 45.28 -15.21
CA ARG F 39 -34.57 46.78 -15.34
C ARG F 39 -35.23 47.49 -16.52
N ASN F 40 -35.07 46.98 -17.71
CA ASN F 40 -35.44 47.76 -18.91
C ASN F 40 -36.93 47.59 -19.29
N GLU F 41 -37.75 48.44 -18.71
CA GLU F 41 -39.20 48.35 -18.90
C GLU F 41 -39.58 48.52 -20.39
N LYS F 42 -38.83 49.34 -21.12
CA LYS F 42 -39.15 49.61 -22.46
C LYS F 42 -38.95 48.37 -23.36
N ALA F 43 -37.89 47.60 -23.13
CA ALA F 43 -37.71 46.36 -23.88
C ALA F 43 -38.87 45.36 -23.53
N ALA F 44 -39.27 45.33 -22.28
CA ALA F 44 -40.34 44.44 -21.90
C ALA F 44 -41.66 44.85 -22.55
N GLN F 45 -41.95 46.15 -22.60
CA GLN F 45 -43.19 46.61 -23.20
C GLN F 45 -43.19 46.38 -24.71
N LYS F 46 -42.04 46.42 -25.34
CA LYS F 46 -41.92 46.06 -26.73
C LYS F 46 -42.34 44.58 -26.92
N VAL F 47 -41.90 43.69 -26.03
CA VAL F 47 -42.26 42.30 -26.23
C VAL F 47 -43.77 42.13 -26.03
N VAL F 48 -44.31 42.77 -24.99
CA VAL F 48 -45.73 42.78 -24.71
C VAL F 48 -46.54 43.21 -25.90
N SER F 49 -46.12 44.28 -26.57
CA SER F 49 -46.81 44.76 -27.76
C SER F 49 -46.76 43.81 -28.89
N GLU F 50 -45.61 43.20 -29.11
CA GLU F 50 -45.53 42.19 -30.17
C GLU F 50 -46.41 40.96 -29.90
N VAL F 51 -46.51 40.53 -28.65
CA VAL F 51 -47.37 39.41 -28.31
C VAL F 51 -48.85 39.82 -28.54
N GLU F 52 -49.19 41.05 -28.16
CA GLU F 52 -50.56 41.57 -28.35
C GLU F 52 -50.93 41.73 -29.82
N ALA F 53 -49.93 42.07 -30.63
CA ALA F 53 -50.13 42.18 -32.07
C ALA F 53 -50.52 40.83 -32.68
N LEU F 54 -50.20 39.73 -32.00
CA LEU F 54 -50.54 38.39 -32.47
C LEU F 54 -51.89 37.96 -31.96
N GLY F 55 -52.54 38.80 -31.17
CA GLY F 55 -53.85 38.46 -30.65
C GLY F 55 -53.89 37.81 -29.26
N ARG F 56 -52.73 37.62 -28.63
CA ARG F 56 -52.65 36.99 -27.30
C ARG F 56 -52.59 38.11 -26.25
N LYS F 57 -52.88 37.75 -25.03
CA LYS F 57 -52.63 38.61 -23.87
C LYS F 57 -51.20 38.45 -23.36
N ALA F 58 -50.63 39.54 -22.93
CA ALA F 58 -49.28 39.56 -22.39
C ALA F 58 -49.18 40.53 -21.19
N VAL F 59 -48.34 40.18 -20.22
CA VAL F 59 -47.96 41.09 -19.13
C VAL F 59 -46.49 40.99 -18.86
N ALA F 60 -45.92 42.10 -18.48
CA ALA F 60 -44.52 42.21 -18.05
C ALA F 60 -44.49 42.44 -16.55
N VAL F 61 -43.70 41.63 -15.86
CA VAL F 61 -43.63 41.69 -14.40
C VAL F 61 -42.20 42.03 -14.03
N GLN F 62 -42.05 43.10 -13.30
CA GLN F 62 -40.76 43.53 -12.78
C GLN F 62 -40.38 42.64 -11.63
N ALA F 63 -39.22 42.03 -11.69
CA ALA F 63 -38.81 41.12 -10.65
C ALA F 63 -37.33 40.90 -10.67
N ASP F 64 -36.69 40.97 -9.51
CA ASP F 64 -35.27 40.62 -9.39
C ASP F 64 -35.14 39.10 -9.25
N GLY F 65 -34.69 38.44 -10.31
CA GLY F 65 -34.56 36.96 -10.33
C GLY F 65 -33.52 36.46 -9.35
N GLY F 66 -32.72 37.38 -8.82
CA GLY F 66 -31.71 37.04 -7.83
C GLY F 66 -32.19 37.13 -6.37
N SER F 67 -33.47 37.47 -6.16
CA SER F 67 -34.05 37.47 -4.84
C SER F 67 -35.21 36.44 -4.79
N THR F 68 -35.37 35.78 -3.65
CA THR F 68 -36.42 34.77 -3.53
C THR F 68 -37.82 35.44 -3.54
N ASP F 69 -37.93 36.68 -3.03
CA ASP F 69 -39.18 37.40 -3.13
C ASP F 69 -39.55 37.69 -4.59
N GLY F 70 -38.56 38.07 -5.41
CA GLY F 70 -38.76 38.22 -6.84
C GLY F 70 -39.15 36.91 -7.52
N ASN F 71 -38.51 35.82 -7.14
CA ASN F 71 -38.86 34.50 -7.72
C ASN F 71 -40.35 34.14 -7.44
N ILE F 72 -40.77 34.32 -6.20
CA ILE F 72 -42.12 34.04 -5.80
C ILE F 72 -43.10 35.02 -6.49
N ALA F 73 -42.74 36.30 -6.53
CA ALA F 73 -43.65 37.28 -7.08
C ALA F 73 -43.92 37.05 -8.56
N ALA F 74 -42.93 36.58 -9.29
CA ALA F 74 -43.11 36.35 -10.71
C ALA F 74 -44.29 35.39 -10.94
N ILE F 75 -44.32 34.29 -10.19
CA ILE F 75 -45.37 33.31 -10.33
C ILE F 75 -46.68 33.91 -9.83
N THR F 76 -46.64 34.52 -8.65
CA THR F 76 -47.85 35.11 -8.00
C THR F 76 -48.54 36.11 -8.93
N LYS F 77 -47.77 37.02 -9.54
CA LYS F 77 -48.36 38.04 -10.40
C LYS F 77 -48.87 37.45 -11.69
N THR F 78 -48.22 36.41 -12.18
CA THR F 78 -48.68 35.75 -13.36
C THR F 78 -50.02 35.10 -13.09
N HIS F 79 -50.13 34.41 -11.98
CA HIS F 79 -51.40 33.75 -11.64
C HIS F 79 -52.53 34.73 -11.33
N GLU F 80 -52.20 35.86 -10.71
CA GLU F 80 -53.19 36.95 -10.52
C GLU F 80 -53.69 37.52 -11.84
N ALA F 81 -52.80 37.69 -12.83
CA ALA F 81 -53.20 38.25 -14.08
C ALA F 81 -54.05 37.27 -14.89
N PHE F 82 -53.71 35.98 -14.88
CA PHE F 82 -54.33 35.06 -15.82
C PHE F 82 -55.21 34.00 -15.22
N GLY F 83 -55.07 33.72 -13.92
CA GLY F 83 -55.84 32.65 -13.31
C GLY F 83 -55.38 31.22 -13.59
N ARG F 84 -54.25 31.03 -14.26
CA ARG F 84 -53.72 29.67 -14.55
C ARG F 84 -52.24 29.81 -14.91
N LEU F 85 -51.55 28.69 -14.88
CA LEU F 85 -50.15 28.62 -15.29
C LEU F 85 -49.91 27.23 -15.91
N ASP F 86 -49.42 27.23 -17.14
CA ASP F 86 -49.29 25.99 -17.92
C ASP F 86 -47.87 25.66 -18.28
N ALA F 87 -47.04 26.69 -18.45
CA ALA F 87 -45.64 26.49 -18.70
C ALA F 87 -44.79 27.48 -17.96
N LEU F 88 -43.70 26.99 -17.38
CA LEU F 88 -42.64 27.84 -16.81
C LEU F 88 -41.35 27.63 -17.56
N VAL F 89 -40.82 28.70 -18.11
CA VAL F 89 -39.55 28.67 -18.84
C VAL F 89 -38.52 29.52 -18.08
N CYS F 90 -37.57 28.86 -17.44
CA CYS F 90 -36.57 29.54 -16.58
C CYS F 90 -35.40 29.84 -17.42
N ASN F 91 -35.37 31.08 -17.89
CA ASN F 91 -34.44 31.50 -18.89
C ASN F 91 -33.47 32.50 -18.34
N ALA F 92 -33.85 33.26 -17.32
CA ALA F 92 -32.99 34.31 -16.83
C ALA F 92 -31.72 33.65 -16.29
N GLY F 93 -30.59 34.28 -16.47
CA GLY F 93 -29.33 33.81 -15.91
C GLY F 93 -28.19 34.76 -16.18
N ILE F 94 -27.03 34.47 -15.63
CA ILE F 94 -25.84 35.29 -15.80
C ILE F 94 -24.68 34.35 -16.16
N TYR F 95 -23.71 34.91 -16.87
CA TYR F 95 -22.54 34.22 -17.39
C TYR F 95 -21.29 34.90 -16.83
N PRO F 96 -20.89 34.58 -15.59
CA PRO F 96 -19.59 35.05 -15.14
C PRO F 96 -18.48 34.38 -15.89
N TYR F 97 -17.36 35.08 -16.03
CA TYR F 97 -16.22 34.57 -16.72
C TYR F 97 -14.95 35.02 -15.97
N GLY F 98 -14.04 34.09 -15.71
CA GLY F 98 -12.74 34.43 -15.16
C GLY F 98 -12.16 33.25 -14.44
N PRO F 99 -10.84 33.28 -14.20
CA PRO F 99 -10.21 32.19 -13.49
C PRO F 99 -10.80 32.01 -12.06
N ILE F 100 -10.95 30.75 -11.66
CA ILE F 100 -11.60 30.39 -10.44
C ILE F 100 -10.94 31.13 -9.23
N ALA F 101 -9.63 31.27 -9.21
CA ALA F 101 -8.96 31.85 -8.06
C ALA F 101 -9.30 33.32 -7.84
N GLN F 102 -9.84 33.99 -8.86
CA GLN F 102 -10.22 35.39 -8.78
C GLN F 102 -11.68 35.63 -8.53
N MET F 103 -12.48 34.58 -8.40
CA MET F 103 -13.88 34.74 -8.19
C MET F 103 -14.13 35.19 -6.73
N THR F 104 -15.01 36.18 -6.55
CA THR F 104 -15.33 36.64 -5.20
C THR F 104 -16.51 35.93 -4.66
N VAL F 105 -16.70 36.03 -3.34
CA VAL F 105 -17.88 35.50 -2.70
C VAL F 105 -19.18 36.06 -3.32
N THR F 106 -19.15 37.35 -3.66
CA THR F 106 -20.33 37.98 -4.29
C THR F 106 -20.60 37.41 -5.65
N GLN F 107 -19.57 37.18 -6.48
CA GLN F 107 -19.85 36.54 -7.80
C GLN F 107 -20.40 35.13 -7.66
N ILE F 108 -19.88 34.39 -6.68
CA ILE F 108 -20.34 33.03 -6.43
C ILE F 108 -21.81 33.04 -6.00
N GLU F 109 -22.15 33.89 -5.02
CA GLU F 109 -23.54 33.97 -4.57
C GLU F 109 -24.48 34.37 -5.67
N GLU F 110 -24.06 35.35 -6.43
CA GLU F 110 -24.89 35.84 -7.50
C GLU F 110 -25.23 34.73 -8.55
N VAL F 111 -24.24 33.98 -8.97
CA VAL F 111 -24.47 33.03 -10.00
C VAL F 111 -25.31 31.89 -9.47
N LEU F 112 -25.09 31.49 -8.23
CA LEU F 112 -25.94 30.49 -7.62
C LEU F 112 -27.40 30.97 -7.48
N ASN F 113 -27.57 32.19 -7.06
CA ASN F 113 -28.87 32.74 -6.82
C ASN F 113 -29.68 32.85 -8.09
N LEU F 114 -29.05 33.31 -9.18
CA LEU F 114 -29.76 33.57 -10.42
C LEU F 114 -29.89 32.31 -11.27
N ASN F 115 -28.84 31.51 -11.30
CA ASN F 115 -28.84 30.38 -12.24
C ASN F 115 -29.34 29.12 -11.67
N LEU F 116 -29.47 29.04 -10.35
CA LEU F 116 -29.96 27.80 -9.81
C LEU F 116 -31.05 27.97 -8.79
N ARG F 117 -30.83 28.84 -7.82
CA ARG F 117 -31.87 29.05 -6.78
C ARG F 117 -33.15 29.56 -7.37
N ALA F 118 -33.06 30.49 -8.31
CA ALA F 118 -34.26 31.06 -8.96
C ALA F 118 -35.10 29.98 -9.57
N ALA F 119 -34.47 29.11 -10.35
CA ALA F 119 -35.21 28.02 -10.96
C ALA F 119 -35.92 27.14 -9.94
N MET F 120 -35.22 26.84 -8.84
CA MET F 120 -35.76 25.97 -7.82
C MET F 120 -36.95 26.59 -7.12
N VAL F 121 -36.81 27.86 -6.68
CA VAL F 121 -37.86 28.56 -6.00
C VAL F 121 -39.04 28.84 -6.90
N GLU F 122 -38.79 29.26 -8.12
CA GLU F 122 -39.89 29.44 -9.10
C GLU F 122 -40.63 28.16 -9.37
N THR F 123 -39.92 27.03 -9.43
CA THR F 123 -40.55 25.76 -9.71
C THR F 123 -41.46 25.38 -8.56
N VAL F 124 -41.00 25.51 -7.35
CA VAL F 124 -41.86 25.22 -6.18
C VAL F 124 -43.13 26.04 -6.16
N GLU F 125 -42.98 27.35 -6.38
CA GLU F 125 -44.14 28.23 -6.46
C GLU F 125 -45.06 27.86 -7.65
N ALA F 126 -44.50 27.58 -8.81
CA ALA F 126 -45.34 27.22 -9.98
C ALA F 126 -46.21 25.98 -9.70
N LEU F 127 -45.68 25.04 -8.92
CA LEU F 127 -46.41 23.80 -8.65
C LEU F 127 -47.58 24.00 -7.69
N LYS F 128 -47.73 25.19 -7.11
CA LYS F 128 -49.02 25.51 -6.46
C LYS F 128 -50.16 25.61 -7.48
N TYR F 129 -49.85 25.89 -8.73
CA TYR F 129 -50.88 26.23 -9.71
C TYR F 129 -50.93 25.32 -10.91
N MET F 130 -49.82 24.68 -11.23
CA MET F 130 -49.76 23.90 -12.43
C MET F 130 -50.48 22.58 -12.27
N LYS F 131 -51.02 22.06 -13.36
CA LYS F 131 -51.80 20.81 -13.37
C LYS F 131 -51.27 19.90 -14.46
N THR F 132 -51.89 18.72 -14.59
CA THR F 132 -51.54 17.73 -15.57
C THR F 132 -51.51 18.40 -16.92
N GLY F 133 -50.46 18.10 -17.72
CA GLY F 133 -50.25 18.79 -19.01
C GLY F 133 -49.31 19.97 -18.86
N GLY F 134 -48.93 20.29 -17.64
CA GLY F 134 -47.93 21.34 -17.42
C GLY F 134 -46.54 21.05 -17.95
N ARG F 135 -45.77 22.11 -18.13
CA ARG F 135 -44.44 22.06 -18.70
C ARG F 135 -43.44 22.93 -17.95
N LEU F 136 -42.35 22.31 -17.52
CA LEU F 136 -41.27 23.01 -16.89
C LEU F 136 -40.11 22.84 -17.87
N ILE F 137 -39.59 23.95 -18.33
CA ILE F 137 -38.46 23.98 -19.28
C ILE F 137 -37.35 24.93 -18.75
N TYR F 138 -36.19 24.37 -18.47
CA TYR F 138 -35.06 25.11 -17.95
C TYR F 138 -34.08 25.36 -19.11
N ILE F 139 -33.57 26.58 -19.19
CA ILE F 139 -32.58 26.93 -20.15
C ILE F 139 -31.24 26.79 -19.46
N GLY F 140 -30.57 25.69 -19.80
CA GLY F 140 -29.25 25.38 -19.28
C GLY F 140 -28.19 25.91 -20.21
N SER F 141 -27.15 25.11 -20.48
CA SER F 141 -26.11 25.43 -21.41
C SER F 141 -25.36 24.18 -21.79
N ALA F 142 -24.85 24.16 -23.01
CA ALA F 142 -23.93 23.17 -23.41
C ALA F 142 -22.75 23.10 -22.47
N PHE F 143 -22.41 24.22 -21.82
CA PHE F 143 -21.28 24.21 -20.92
C PHE F 143 -21.56 23.46 -19.64
N GLY F 144 -22.81 23.12 -19.41
CA GLY F 144 -23.16 22.21 -18.32
C GLY F 144 -22.70 20.80 -18.58
N GLU F 145 -22.39 20.47 -19.84
CA GLU F 145 -21.85 19.13 -20.17
C GLU F 145 -20.39 19.14 -20.58
N ARG F 146 -19.88 20.28 -21.07
CA ARG F 146 -18.49 20.36 -21.47
C ARG F 146 -17.96 21.75 -21.14
N ALA F 147 -16.83 21.82 -20.46
CA ALA F 147 -16.16 23.05 -20.17
C ALA F 147 -14.82 23.01 -20.91
N PRO F 148 -14.85 23.34 -22.20
CA PRO F 148 -13.67 23.13 -23.02
C PRO F 148 -12.56 24.16 -22.88
N PHE F 149 -12.77 25.27 -22.17
CA PHE F 149 -11.73 26.25 -21.97
C PHE F 149 -11.83 26.86 -20.58
N PRO F 150 -10.75 27.51 -20.13
CA PRO F 150 -10.72 28.04 -18.76
C PRO F 150 -11.63 29.25 -18.57
N GLY F 151 -12.08 29.50 -17.33
CA GLY F 151 -12.82 30.72 -17.02
C GLY F 151 -14.32 30.53 -16.76
N ILE F 152 -14.83 29.31 -16.92
CA ILE F 152 -16.27 29.09 -16.81
C ILE F 152 -16.71 28.10 -15.74
N SER F 153 -15.90 27.95 -14.72
CA SER F 153 -16.23 27.08 -13.60
C SER F 153 -17.54 27.30 -12.97
N LEU F 154 -17.80 28.56 -12.63
CA LEU F 154 -19.01 28.86 -11.88
C LEU F 154 -20.22 28.63 -12.73
N TYR F 155 -20.13 29.05 -13.99
CA TYR F 155 -21.23 28.88 -14.91
C TYR F 155 -21.50 27.40 -15.18
N ALA F 156 -20.45 26.65 -15.46
CA ALA F 156 -20.59 25.20 -15.68
C ALA F 156 -21.23 24.51 -14.48
N ALA F 157 -20.84 24.91 -13.27
CA ALA F 157 -21.44 24.31 -12.09
C ALA F 157 -22.93 24.54 -12.06
N THR F 158 -23.35 25.76 -12.28
CA THR F 158 -24.80 26.03 -12.17
C THR F 158 -25.58 25.35 -13.25
N LYS F 159 -25.03 25.30 -14.45
CA LYS F 159 -25.73 24.72 -15.56
C LYS F 159 -25.77 23.19 -15.47
N ALA F 160 -24.71 22.57 -14.92
CA ALA F 160 -24.76 21.11 -14.67
C ALA F 160 -25.74 20.81 -13.51
N GLY F 161 -25.83 21.73 -12.56
CA GLY F 161 -26.85 21.65 -11.55
C GLY F 161 -28.26 21.56 -12.06
N LEU F 162 -28.57 22.35 -13.08
CA LEU F 162 -29.91 22.35 -13.66
C LEU F 162 -30.21 21.03 -14.29
N ILE F 163 -29.20 20.33 -14.79
CA ILE F 163 -29.44 18.99 -15.37
C ILE F 163 -29.88 18.06 -14.28
N GLY F 164 -29.16 18.07 -13.16
CA GLY F 164 -29.54 17.24 -11.99
C GLY F 164 -30.93 17.61 -11.44
N PHE F 165 -31.22 18.91 -11.37
CA PHE F 165 -32.55 19.34 -10.87
C PHE F 165 -33.67 18.82 -11.79
N THR F 166 -33.43 18.91 -13.11
CA THR F 166 -34.39 18.47 -14.13
C THR F 166 -34.70 17.00 -14.03
N LYS F 167 -33.67 16.18 -13.81
CA LYS F 167 -33.84 14.77 -13.66
C LYS F 167 -34.69 14.45 -12.43
N GLY F 168 -34.38 15.09 -11.32
CA GLY F 168 -35.03 14.83 -10.09
C GLY F 168 -36.47 15.31 -10.12
N VAL F 169 -36.70 16.46 -10.74
CA VAL F 169 -38.10 17.01 -10.86
C VAL F 169 -38.93 16.14 -11.78
N ALA F 170 -38.32 15.66 -12.87
CA ALA F 170 -39.01 14.81 -13.80
C ALA F 170 -39.45 13.54 -13.11
N ARG F 171 -38.55 13.00 -12.29
CA ARG F 171 -38.87 11.82 -11.52
C ARG F 171 -40.04 12.06 -10.54
N ASP F 172 -40.02 13.19 -9.85
CA ASP F 172 -41.09 13.55 -8.91
C ASP F 172 -42.42 13.72 -9.59
N LEU F 173 -42.44 14.35 -10.74
CA LEU F 173 -43.70 14.79 -11.33
C LEU F 173 -44.28 13.89 -12.42
N GLY F 174 -43.53 12.86 -12.77
CA GLY F 174 -43.95 11.93 -13.80
C GLY F 174 -45.42 11.51 -13.66
N PRO F 175 -45.84 11.02 -12.50
CA PRO F 175 -47.21 10.47 -12.39
C PRO F 175 -48.25 11.57 -12.34
N GLN F 176 -47.83 12.83 -12.22
CA GLN F 176 -48.75 13.95 -12.21
C GLN F 176 -48.95 14.57 -13.60
N GLY F 177 -48.20 14.10 -14.60
CA GLY F 177 -48.44 14.54 -15.98
C GLY F 177 -47.83 15.92 -16.24
N ILE F 178 -46.84 16.32 -15.45
CA ILE F 178 -46.08 17.52 -15.71
C ILE F 178 -44.67 17.07 -16.12
N THR F 179 -44.15 17.62 -17.23
CA THR F 179 -42.83 17.24 -17.70
C THR F 179 -41.82 18.31 -17.34
N ALA F 180 -40.56 17.89 -17.22
CA ALA F 180 -39.46 18.78 -16.91
C ALA F 180 -38.30 18.40 -17.82
N ASN F 181 -37.80 19.38 -18.58
CA ASN F 181 -36.73 19.16 -19.51
C ASN F 181 -35.82 20.36 -19.55
N VAL F 182 -34.57 20.13 -19.97
CA VAL F 182 -33.60 21.20 -20.07
C VAL F 182 -33.10 21.38 -21.52
N VAL F 183 -33.15 22.59 -22.03
CA VAL F 183 -32.54 22.91 -23.30
C VAL F 183 -31.14 23.48 -22.99
N GLU F 184 -30.14 23.06 -23.75
CA GLU F 184 -28.76 23.43 -23.54
C GLU F 184 -28.17 24.12 -24.77
N PRO F 185 -28.38 25.42 -24.85
CA PRO F 185 -27.76 26.21 -25.90
C PRO F 185 -26.24 26.20 -25.88
N GLY F 186 -25.65 26.12 -27.07
CA GLY F 186 -24.28 26.54 -27.26
C GLY F 186 -24.22 28.07 -27.35
N PRO F 187 -23.29 28.60 -28.11
CA PRO F 187 -23.18 30.04 -28.24
C PRO F 187 -24.23 30.53 -29.23
N ILE F 188 -25.07 31.44 -28.78
CA ILE F 188 -26.15 31.94 -29.58
C ILE F 188 -25.91 33.45 -29.72
N ALA F 189 -25.82 33.95 -30.93
CA ALA F 189 -25.77 35.40 -31.16
C ALA F 189 -27.08 36.12 -30.68
N THR F 190 -27.06 37.06 -29.73
CA THR F 190 -28.27 37.84 -29.36
C THR F 190 -27.85 39.29 -29.07
N ASP F 191 -28.85 40.15 -28.80
CA ASP F 191 -28.71 41.49 -28.19
C ASP F 191 -27.67 41.53 -27.06
N LEU F 192 -27.84 40.63 -26.09
CA LEU F 192 -26.98 40.49 -24.91
C LEU F 192 -25.65 39.77 -25.18
N ASN F 193 -25.58 38.94 -26.21
CA ASN F 193 -24.39 38.14 -26.52
C ASN F 193 -24.01 38.33 -27.97
N PRO F 194 -23.35 39.43 -28.28
CA PRO F 194 -22.98 39.61 -29.69
C PRO F 194 -21.88 38.64 -30.13
N GLU F 195 -21.89 38.31 -31.41
CA GLU F 195 -20.91 37.46 -31.99
C GLU F 195 -19.69 38.21 -32.44
N ASP F 196 -19.05 39.13 -31.70
CA ASP F 196 -17.62 39.16 -31.94
C ASP F 196 -16.81 39.50 -30.71
N GLY F 197 -15.56 39.68 -31.06
CA GLY F 197 -14.50 39.77 -30.08
C GLY F 197 -13.75 38.47 -29.99
N ALA F 198 -12.59 38.55 -29.35
CA ALA F 198 -11.64 37.44 -29.30
C ALA F 198 -12.21 36.27 -28.49
N ALA F 199 -13.00 36.57 -27.46
CA ALA F 199 -13.64 35.50 -26.66
C ALA F 199 -14.61 34.65 -27.52
N ALA F 200 -15.47 35.32 -28.27
CA ALA F 200 -16.36 34.68 -29.23
C ALA F 200 -15.61 33.86 -30.28
N ALA F 201 -14.50 34.39 -30.78
CA ALA F 201 -13.70 33.62 -31.76
C ALA F 201 -13.21 32.25 -31.19
N VAL F 202 -12.87 32.26 -29.92
CA VAL F 202 -12.38 31.06 -29.26
C VAL F 202 -13.52 30.08 -29.14
N ILE F 203 -14.67 30.55 -28.65
CA ILE F 203 -15.82 29.70 -28.44
C ILE F 203 -16.26 29.06 -29.73
N ARG F 204 -16.32 29.85 -30.82
CA ARG F 204 -16.79 29.25 -32.12
C ARG F 204 -15.98 28.04 -32.58
N LYS F 205 -14.67 28.15 -32.36
CA LYS F 205 -13.76 27.10 -32.79
C LYS F 205 -14.05 25.73 -32.15
N PHE F 206 -14.72 25.68 -31.01
CA PHE F 206 -15.08 24.41 -30.35
C PHE F 206 -16.39 23.79 -30.89
N THR F 207 -17.17 24.58 -31.64
CA THR F 207 -18.36 24.05 -32.25
C THR F 207 -17.95 23.30 -33.48
N ALA F 208 -18.73 22.27 -33.84
CA ALA F 208 -18.41 21.51 -35.03
C ALA F 208 -18.75 22.32 -36.28
N THR F 209 -19.82 23.13 -36.19
CA THR F 209 -20.21 23.96 -37.34
C THR F 209 -19.33 25.19 -37.51
N GLU F 210 -18.49 25.53 -36.51
CA GLU F 210 -17.68 26.74 -36.53
C GLU F 210 -18.55 27.94 -36.71
N SER F 211 -19.64 27.97 -35.94
CA SER F 211 -20.58 29.06 -35.99
C SER F 211 -21.35 29.21 -34.69
N TYR F 212 -21.81 30.44 -34.46
CA TYR F 212 -22.77 30.76 -33.41
C TYR F 212 -24.14 30.42 -33.97
N GLY F 213 -25.05 30.02 -33.11
CA GLY F 213 -26.44 29.83 -33.47
C GLY F 213 -27.22 31.13 -33.38
N LYS F 214 -28.52 31.00 -33.53
CA LYS F 214 -29.42 32.14 -33.53
C LYS F 214 -30.57 31.80 -32.60
N VAL F 215 -31.20 32.86 -32.10
CA VAL F 215 -32.24 32.76 -31.13
C VAL F 215 -33.40 31.81 -31.53
N ASN F 216 -33.73 31.75 -32.80
CA ASN F 216 -34.76 30.81 -33.22
C ASN F 216 -34.42 29.33 -32.95
N ASP F 217 -33.13 29.00 -32.95
CA ASP F 217 -32.69 27.63 -32.72
C ASP F 217 -33.15 27.16 -31.32
N ILE F 218 -33.16 28.10 -30.34
CA ILE F 218 -33.65 27.78 -29.02
C ILE F 218 -35.16 27.87 -28.93
N ALA F 219 -35.73 28.90 -29.50
CA ALA F 219 -37.17 29.08 -29.38
C ALA F 219 -37.96 27.91 -29.92
N ARG F 220 -37.51 27.38 -31.05
CA ARG F 220 -38.15 26.20 -31.71
C ARG F 220 -38.15 25.01 -30.78
N THR F 221 -37.02 24.85 -30.08
CA THR F 221 -36.81 23.69 -29.24
C THR F 221 -37.70 23.76 -28.01
N VAL F 222 -37.82 24.94 -27.47
CA VAL F 222 -38.79 25.16 -26.37
C VAL F 222 -40.21 24.84 -26.86
N SER F 223 -40.56 25.33 -28.04
CA SER F 223 -41.88 25.13 -28.59
C SER F 223 -42.17 23.59 -28.76
N PHE F 224 -41.16 22.87 -29.29
CA PHE F 224 -41.21 21.41 -29.40
C PHE F 224 -41.50 20.71 -28.03
N LEU F 225 -40.87 21.16 -26.97
CA LEU F 225 -41.06 20.58 -25.63
C LEU F 225 -42.39 20.99 -24.94
N ALA F 226 -42.85 22.21 -25.22
CA ALA F 226 -44.01 22.77 -24.59
C ALA F 226 -45.29 22.25 -25.16
N SER F 227 -45.22 21.63 -26.32
CA SER F 227 -46.41 21.03 -26.96
C SER F 227 -47.10 20.00 -26.10
N PRO F 228 -48.43 19.89 -26.24
CA PRO F 228 -49.12 18.80 -25.57
C PRO F 228 -48.67 17.43 -26.10
N ASP F 229 -48.13 17.37 -27.32
CA ASP F 229 -47.67 16.12 -27.87
C ASP F 229 -46.33 15.68 -27.33
N ALA F 230 -45.68 16.53 -26.51
CA ALA F 230 -44.38 16.19 -25.89
C ALA F 230 -44.50 15.51 -24.54
N SER F 231 -45.64 14.92 -24.26
CA SER F 231 -45.80 14.30 -22.94
C SER F 231 -44.89 13.21 -22.53
N TYR F 232 -44.31 12.49 -23.50
CA TYR F 232 -43.44 11.37 -23.14
C TYR F 232 -42.01 11.82 -23.01
N ILE F 233 -41.75 13.12 -23.18
CA ILE F 233 -40.40 13.64 -23.01
C ILE F 233 -40.28 14.30 -21.68
N THR F 234 -39.52 13.67 -20.81
CA THR F 234 -39.29 14.22 -19.52
C THR F 234 -37.98 13.75 -18.98
N GLY F 235 -37.26 14.66 -18.33
CA GLY F 235 -35.93 14.31 -17.84
C GLY F 235 -34.89 14.51 -18.93
N ALA F 236 -35.28 15.00 -20.10
CA ALA F 236 -34.38 15.09 -21.22
C ALA F 236 -33.60 16.37 -21.22
N SER F 237 -32.45 16.27 -21.84
CA SER F 237 -31.66 17.38 -22.22
C SER F 237 -31.54 17.44 -23.72
N ILE F 238 -31.69 18.62 -24.30
CA ILE F 238 -31.50 18.82 -25.73
C ILE F 238 -30.44 19.84 -25.99
N LEU F 239 -29.31 19.36 -26.50
CA LEU F 239 -28.22 20.21 -26.91
C LEU F 239 -28.56 20.89 -28.22
N VAL F 240 -28.42 22.21 -28.24
CA VAL F 240 -28.61 22.99 -29.42
C VAL F 240 -27.39 23.87 -29.48
N ASP F 241 -26.30 23.29 -30.00
CA ASP F 241 -24.95 23.82 -29.78
C ASP F 241 -23.98 23.69 -30.93
N GLY F 242 -24.47 23.44 -32.11
CA GLY F 242 -23.60 23.35 -33.26
C GLY F 242 -22.53 22.29 -33.14
N GLY F 243 -22.76 21.30 -32.28
CA GLY F 243 -21.78 20.24 -32.12
C GLY F 243 -20.67 20.53 -31.12
N LEU F 244 -20.86 21.52 -30.26
CA LEU F 244 -19.81 21.85 -29.31
C LEU F 244 -19.48 20.68 -28.39
N VAL F 245 -20.47 20.06 -27.86
CA VAL F 245 -20.27 19.00 -26.88
C VAL F 245 -19.88 17.67 -27.53
N ALA F 246 -20.04 17.56 -28.85
CA ALA F 246 -19.65 16.37 -29.56
C ALA F 246 -18.16 16.01 -29.13
N MET G 4 32.68 -25.10 58.06
CA MET G 4 32.45 -24.01 57.03
C MET G 4 33.77 -23.38 56.52
N THR G 5 34.88 -24.12 56.51
CA THR G 5 36.16 -23.54 56.12
C THR G 5 36.32 -23.45 54.58
N HIS G 6 35.60 -24.27 53.81
CA HIS G 6 35.75 -24.24 52.37
C HIS G 6 34.47 -23.70 51.71
N ARG G 7 34.64 -23.08 50.56
CA ARG G 7 33.52 -22.77 49.72
C ARG G 7 32.74 -24.01 49.35
N VAL G 8 31.42 -23.85 49.17
CA VAL G 8 30.52 -24.94 48.84
C VAL G 8 29.88 -24.71 47.48
N ALA G 9 29.93 -25.72 46.59
CA ALA G 9 29.28 -25.67 45.31
C ALA G 9 28.20 -26.70 45.24
N LEU G 10 27.02 -26.29 44.82
CA LEU G 10 25.90 -27.22 44.53
C LEU G 10 25.81 -27.35 43.01
N ILE G 11 25.89 -28.59 42.52
CA ILE G 11 25.76 -28.92 41.09
C ILE G 11 24.59 -29.80 40.88
N THR G 12 23.57 -29.29 40.18
CA THR G 12 22.36 -30.08 39.93
C THR G 12 22.66 -31.06 38.81
N GLY G 13 22.07 -32.24 38.87
CA GLY G 13 22.42 -33.29 37.93
C GLY G 13 23.90 -33.64 37.95
N GLY G 14 24.51 -33.70 39.11
CA GLY G 14 25.97 -33.86 39.18
C GLY G 14 26.48 -35.28 39.31
N SER G 15 25.59 -36.25 39.10
CA SER G 15 25.97 -37.65 39.24
C SER G 15 26.63 -38.26 37.97
N ARG G 16 26.49 -37.63 36.83
CA ARG G 16 27.04 -38.20 35.63
C ARG G 16 27.31 -37.12 34.59
N GLY G 17 28.02 -37.50 33.53
CA GLY G 17 28.31 -36.61 32.40
C GLY G 17 29.00 -35.30 32.79
N ILE G 18 28.47 -34.21 32.25
CA ILE G 18 29.03 -32.86 32.45
C ILE G 18 29.01 -32.50 33.92
N GLY G 19 27.88 -32.80 34.57
CA GLY G 19 27.73 -32.49 36.00
C GLY G 19 28.80 -33.11 36.88
N ALA G 20 29.05 -34.40 36.68
CA ALA G 20 30.04 -35.09 37.43
C ALA G 20 31.43 -34.51 37.19
N ALA G 21 31.75 -34.20 35.95
CA ALA G 21 33.05 -33.61 35.65
C ALA G 21 33.19 -32.23 36.34
N ILE G 22 32.12 -31.45 36.34
CA ILE G 22 32.15 -30.14 37.00
C ILE G 22 32.36 -30.33 38.47
N ALA G 23 31.69 -31.31 39.04
CA ALA G 23 31.87 -31.56 40.51
C ALA G 23 33.29 -31.91 40.90
N LEU G 24 33.93 -32.77 40.14
CA LEU G 24 35.31 -33.10 40.42
C LEU G 24 36.28 -31.95 40.19
N LYS G 25 36.06 -31.17 39.14
CA LYS G 25 36.95 -30.03 38.84
C LYS G 25 36.80 -29.00 39.97
N LEU G 26 35.57 -28.72 40.43
CA LEU G 26 35.42 -27.72 41.50
C LEU G 26 35.97 -28.25 42.80
N ALA G 27 35.90 -29.58 43.00
CA ALA G 27 36.50 -30.14 44.18
C ALA G 27 38.01 -29.89 44.17
N GLN G 28 38.63 -30.10 43.02
CA GLN G 28 40.06 -29.84 42.88
C GLN G 28 40.39 -28.38 43.07
N ASP G 29 39.50 -27.48 42.66
CA ASP G 29 39.70 -26.07 42.93
C ASP G 29 39.53 -25.75 44.42
N GLY G 30 39.05 -26.69 45.26
CA GLY G 30 38.91 -26.42 46.68
C GLY G 30 37.48 -26.25 47.20
N PHE G 31 36.48 -26.58 46.39
CA PHE G 31 35.10 -26.51 46.87
C PHE G 31 34.71 -27.82 47.52
N ASP G 32 34.01 -27.76 48.65
CA ASP G 32 33.17 -28.85 49.10
C ASP G 32 31.92 -28.90 48.15
N ILE G 33 31.31 -30.07 48.03
CA ILE G 33 30.45 -30.37 46.92
C ILE G 33 29.13 -30.99 47.42
N ALA G 34 28.04 -30.46 46.90
CA ALA G 34 26.76 -31.09 46.91
C ALA G 34 26.30 -31.34 45.48
N ILE G 35 25.79 -32.54 45.22
CA ILE G 35 25.21 -32.85 43.95
C ILE G 35 23.82 -33.36 44.12
N THR G 36 23.01 -33.08 43.12
CA THR G 36 21.61 -33.54 43.06
C THR G 36 21.52 -34.72 42.08
N TYR G 37 20.64 -35.68 42.38
CA TYR G 37 20.36 -36.77 41.47
C TYR G 37 18.86 -37.11 41.59
N ALA G 38 18.30 -37.56 40.49
CA ALA G 38 16.89 -37.90 40.44
C ALA G 38 16.76 -39.35 40.85
N ARG G 39 17.53 -40.23 40.23
CA ARG G 39 17.49 -41.64 40.52
C ARG G 39 18.99 -41.99 40.31
N ASN G 40 19.31 -43.23 40.45
CA ASN G 40 20.68 -43.67 40.37
C ASN G 40 21.63 -43.20 41.48
N GLU G 41 21.28 -43.66 42.65
CA GLU G 41 22.01 -43.35 43.86
C GLU G 41 23.46 -43.86 43.75
N LYS G 42 23.69 -44.97 43.06
CA LYS G 42 25.03 -45.51 42.99
C LYS G 42 25.96 -44.63 42.18
N ALA G 43 25.49 -44.08 41.08
CA ALA G 43 26.32 -43.10 40.34
C ALA G 43 26.64 -41.89 41.24
N ALA G 44 25.66 -41.41 41.96
CA ALA G 44 25.87 -40.28 42.86
C ALA G 44 26.89 -40.59 43.94
N GLN G 45 26.79 -41.78 44.53
CA GLN G 45 27.68 -42.19 45.60
C GLN G 45 29.10 -42.37 45.03
N LYS G 46 29.22 -42.74 43.75
CA LYS G 46 30.53 -42.83 43.12
C LYS G 46 31.15 -41.40 43.07
N VAL G 47 30.36 -40.40 42.74
CA VAL G 47 30.92 -39.07 42.62
C VAL G 47 31.34 -38.55 43.99
N VAL G 48 30.49 -38.75 44.97
CA VAL G 48 30.80 -38.47 46.37
C VAL G 48 32.14 -39.08 46.80
N SER G 49 32.34 -40.38 46.53
CA SER G 49 33.60 -41.05 46.86
C SER G 49 34.79 -40.44 46.17
N GLU G 50 34.66 -40.10 44.89
CA GLU G 50 35.78 -39.45 44.20
C GLU G 50 36.08 -38.06 44.75
N VAL G 51 35.07 -37.31 45.18
CA VAL G 51 35.33 -36.00 45.78
C VAL G 51 36.03 -36.18 47.13
N GLU G 52 35.59 -37.17 47.89
CA GLU G 52 36.19 -37.46 49.23
C GLU G 52 37.62 -37.97 49.13
N ALA G 53 37.92 -38.70 48.05
CA ALA G 53 39.28 -39.14 47.79
C ALA G 53 40.22 -37.91 47.60
N LEU G 54 39.68 -36.76 47.19
CA LEU G 54 40.48 -35.57 47.00
C LEU G 54 40.62 -34.79 48.30
N GLY G 55 40.00 -35.25 49.38
CA GLY G 55 40.08 -34.55 50.65
C GLY G 55 38.93 -33.55 50.92
N ARG G 56 37.93 -33.48 50.03
CA ARG G 56 36.84 -32.54 50.25
C ARG G 56 35.70 -33.30 50.85
N LYS G 57 34.77 -32.57 51.45
CA LYS G 57 33.46 -33.12 51.84
C LYS G 57 32.47 -33.07 50.67
N ALA G 58 31.64 -34.10 50.57
CA ALA G 58 30.65 -34.21 49.52
C ALA G 58 29.36 -34.82 50.05
N VAL G 59 28.27 -34.42 49.46
CA VAL G 59 26.99 -35.02 49.77
C VAL G 59 26.14 -35.11 48.50
N ALA G 60 25.37 -36.19 48.40
CA ALA G 60 24.42 -36.38 47.32
C ALA G 60 23.00 -36.18 47.86
N VAL G 61 22.23 -35.39 47.17
CA VAL G 61 20.88 -35.07 47.60
C VAL G 61 19.93 -35.59 46.51
N GLN G 62 19.02 -36.47 46.88
CA GLN G 62 17.98 -36.92 45.97
C GLN G 62 16.94 -35.84 45.79
N ALA G 63 16.63 -35.51 44.56
CA ALA G 63 15.68 -34.42 44.31
C ALA G 63 15.19 -34.49 42.90
N ASP G 64 13.88 -34.37 42.74
CA ASP G 64 13.31 -34.23 41.41
C ASP G 64 13.43 -32.74 40.95
N GLY G 65 14.35 -32.48 40.02
CA GLY G 65 14.57 -31.16 39.45
C GLY G 65 13.38 -30.59 38.71
N GLY G 66 12.43 -31.45 38.41
CA GLY G 66 11.20 -31.03 37.74
C GLY G 66 10.06 -30.63 38.67
N SER G 67 10.31 -30.67 39.98
CA SER G 67 9.38 -30.31 41.03
C SER G 67 9.90 -29.09 41.78
N THR G 68 9.05 -28.13 42.11
CA THR G 68 9.54 -26.93 42.83
C THR G 68 9.96 -27.31 44.25
N ASP G 69 9.29 -28.29 44.86
CA ASP G 69 9.73 -28.77 46.16
C ASP G 69 11.15 -29.36 46.08
N GLY G 70 11.45 -30.10 45.02
CA GLY G 70 12.79 -30.60 44.79
C GLY G 70 13.83 -29.50 44.52
N ASN G 71 13.44 -28.48 43.78
CA ASN G 71 14.30 -27.35 43.58
C ASN G 71 14.66 -26.65 44.92
N ILE G 72 13.65 -26.39 45.74
CA ILE G 72 13.86 -25.79 47.07
C ILE G 72 14.69 -26.73 48.00
N ALA G 73 14.36 -28.02 47.98
CA ALA G 73 15.05 -28.96 48.87
C ALA G 73 16.53 -29.11 48.56
N ALA G 74 16.92 -29.03 47.30
CA ALA G 74 18.30 -29.11 46.94
C ALA G 74 19.14 -28.06 47.67
N ILE G 75 18.68 -26.83 47.66
CA ILE G 75 19.37 -25.75 48.35
C ILE G 75 19.31 -25.94 49.86
N THR G 76 18.11 -26.25 50.37
CA THR G 76 17.90 -26.42 51.82
C THR G 76 18.83 -27.49 52.40
N LYS G 77 18.89 -28.65 51.74
CA LYS G 77 19.69 -29.77 52.24
C LYS G 77 21.18 -29.49 52.10
N THR G 78 21.56 -28.72 51.09
CA THR G 78 22.93 -28.30 50.93
C THR G 78 23.33 -27.38 52.09
N HIS G 79 22.47 -26.42 52.38
CA HIS G 79 22.80 -25.49 53.48
C HIS G 79 22.80 -26.19 54.85
N GLU G 80 21.90 -27.16 55.04
CA GLU G 80 21.88 -27.96 56.27
C GLU G 80 23.16 -28.79 56.45
N ALA G 81 23.67 -29.35 55.37
CA ALA G 81 24.89 -30.11 55.46
C ALA G 81 26.09 -29.24 55.73
N PHE G 82 26.18 -28.05 55.13
CA PHE G 82 27.44 -27.32 55.10
C PHE G 82 27.43 -25.96 55.75
N GLY G 83 26.26 -25.39 56.00
CA GLY G 83 26.22 -24.09 56.65
C GLY G 83 26.54 -22.88 55.76
N ARG G 84 26.76 -23.09 54.46
CA ARG G 84 27.06 -22.02 53.55
C ARG G 84 26.80 -22.49 52.13
N LEU G 85 26.72 -21.53 51.21
CA LEU G 85 26.58 -21.81 49.80
C LEU G 85 27.30 -20.72 49.03
N ASP G 86 28.22 -21.14 48.15
CA ASP G 86 29.09 -20.20 47.44
C ASP G 86 28.95 -20.20 45.94
N ALA G 87 28.60 -21.35 45.41
CA ALA G 87 28.34 -21.48 44.02
C ALA G 87 27.15 -22.37 43.76
N LEU G 88 26.32 -21.94 42.84
CA LEU G 88 25.26 -22.79 42.28
C LEU G 88 25.53 -23.03 40.83
N VAL G 89 25.60 -24.27 40.44
CA VAL G 89 25.71 -24.65 39.04
C VAL G 89 24.46 -25.44 38.63
N CYS G 90 23.62 -24.81 37.79
CA CYS G 90 22.39 -25.42 37.31
C CYS G 90 22.67 -26.15 36.02
N ASN G 91 22.90 -27.43 36.16
CA ASN G 91 23.32 -28.25 35.10
C ASN G 91 22.26 -29.23 34.68
N ALA G 92 21.36 -29.60 35.57
CA ALA G 92 20.35 -30.61 35.21
C ALA G 92 19.50 -30.08 34.11
N GLY G 93 19.09 -30.95 33.20
CA GLY G 93 18.24 -30.54 32.10
C GLY G 93 17.90 -31.71 31.19
N ILE G 94 17.02 -31.49 30.23
CA ILE G 94 16.69 -32.54 29.29
C ILE G 94 16.69 -31.96 27.91
N TYR G 95 16.78 -32.88 26.95
CA TYR G 95 16.91 -32.57 25.53
C TYR G 95 15.81 -33.27 24.72
N PRO G 96 14.62 -32.67 24.61
CA PRO G 96 13.57 -33.26 23.78
C PRO G 96 13.94 -33.00 22.35
N TYR G 97 13.53 -33.92 21.48
CA TYR G 97 13.87 -33.82 20.10
C TYR G 97 12.66 -34.28 19.29
N GLY G 98 12.27 -33.51 18.29
CA GLY G 98 11.18 -33.90 17.42
C GLY G 98 10.51 -32.70 16.83
N PRO G 99 9.74 -32.90 15.75
CA PRO G 99 9.10 -31.77 15.09
C PRO G 99 8.09 -31.11 16.03
N ILE G 100 8.02 -29.78 15.97
CA ILE G 100 7.18 -29.01 16.85
C ILE G 100 5.72 -29.47 16.83
N ALA G 101 5.19 -29.84 15.68
CA ALA G 101 3.80 -30.22 15.60
C ALA G 101 3.45 -31.52 16.38
N GLN G 102 4.46 -32.33 16.71
CA GLN G 102 4.27 -33.57 17.42
C GLN G 102 4.53 -33.45 18.89
N MET G 103 4.87 -32.26 19.38
CA MET G 103 5.18 -32.11 20.79
C MET G 103 3.90 -32.09 21.62
N THR G 104 3.89 -32.82 22.72
CA THR G 104 2.67 -32.85 23.58
C THR G 104 2.77 -31.79 24.66
N VAL G 105 1.64 -31.51 25.27
CA VAL G 105 1.60 -30.65 26.43
C VAL G 105 2.57 -31.15 27.55
N THR G 106 2.58 -32.46 27.80
CA THR G 106 3.49 -33.04 28.81
C THR G 106 4.97 -32.79 28.45
N GLN G 107 5.38 -32.93 27.19
CA GLN G 107 6.77 -32.63 26.85
C GLN G 107 7.09 -31.15 27.06
N ILE G 108 6.15 -30.29 26.70
CA ILE G 108 6.34 -28.87 26.83
C ILE G 108 6.52 -28.50 28.30
N GLU G 109 5.63 -28.99 29.14
CA GLU G 109 5.76 -28.70 30.56
C GLU G 109 7.05 -29.21 31.16
N GLU G 110 7.37 -30.44 30.81
CA GLU G 110 8.57 -31.05 31.31
C GLU G 110 9.84 -30.23 30.99
N VAL G 111 10.00 -29.81 29.75
CA VAL G 111 11.21 -29.10 29.37
C VAL G 111 11.23 -27.77 30.09
N LEU G 112 10.09 -27.10 30.20
CA LEU G 112 10.05 -25.82 30.89
C LEU G 112 10.37 -25.98 32.35
N ASN G 113 9.82 -27.02 32.95
CA ASN G 113 9.98 -27.22 34.37
C ASN G 113 11.45 -27.51 34.72
N LEU G 114 12.10 -28.35 33.92
CA LEU G 114 13.48 -28.81 34.21
C LEU G 114 14.51 -27.82 33.70
N ASN G 115 14.31 -27.25 32.53
CA ASN G 115 15.36 -26.40 31.94
C ASN G 115 15.30 -24.94 32.28
N LEU G 116 14.18 -24.47 32.79
CA LEU G 116 14.07 -23.07 33.07
C LEU G 116 13.47 -22.76 34.45
N ARG G 117 12.34 -23.36 34.81
CA ARG G 117 11.79 -23.15 36.13
C ARG G 117 12.72 -23.59 37.24
N ALA G 118 13.38 -24.74 37.08
CA ALA G 118 14.33 -25.23 38.07
C ALA G 118 15.41 -24.21 38.36
N ALA G 119 16.01 -23.70 37.33
CA ALA G 119 17.06 -22.72 37.51
C ALA G 119 16.56 -21.48 38.25
N MET G 120 15.36 -21.05 37.90
CA MET G 120 14.79 -19.83 38.50
C MET G 120 14.50 -20.02 39.97
N VAL G 121 13.81 -21.13 40.32
CA VAL G 121 13.48 -21.42 41.70
C VAL G 121 14.73 -21.73 42.54
N GLU G 122 15.68 -22.48 41.99
CA GLU G 122 16.93 -22.76 42.71
C GLU G 122 17.71 -21.48 42.96
N THR G 123 17.71 -20.56 42.00
CA THR G 123 18.41 -19.30 42.13
C THR G 123 17.81 -18.46 43.27
N VAL G 124 16.49 -18.33 43.27
CA VAL G 124 15.80 -17.62 44.38
C VAL G 124 16.15 -18.20 45.75
N GLU G 125 16.09 -19.51 45.88
CA GLU G 125 16.40 -20.16 47.16
C GLU G 125 17.88 -20.00 47.52
N ALA G 126 18.77 -20.11 46.53
CA ALA G 126 20.21 -19.94 46.81
C ALA G 126 20.50 -18.55 47.37
N LEU G 127 19.74 -17.56 46.95
CA LEU G 127 20.02 -16.15 47.36
C LEU G 127 19.62 -15.90 48.77
N LYS G 128 18.92 -16.83 49.40
CA LYS G 128 18.73 -16.72 50.85
C LYS G 128 20.06 -16.94 51.59
N TYR G 129 21.03 -17.61 50.98
CA TYR G 129 22.25 -17.98 51.67
C TYR G 129 23.51 -17.39 51.10
N MET G 130 23.50 -17.04 49.83
CA MET G 130 24.72 -16.63 49.18
C MET G 130 25.09 -15.20 49.52
N LYS G 131 26.38 -14.89 49.47
CA LYS G 131 26.89 -13.60 49.84
C LYS G 131 27.84 -13.12 48.78
N THR G 132 28.38 -11.91 49.00
CA THR G 132 29.36 -11.30 48.10
C THR G 132 30.48 -12.33 47.78
N GLY G 133 30.85 -12.45 46.51
CA GLY G 133 31.81 -13.45 46.08
C GLY G 133 31.06 -14.71 45.54
N GLY G 134 29.75 -14.74 45.67
CA GLY G 134 28.95 -15.87 45.14
C GLY G 134 28.99 -15.97 43.61
N ARG G 135 28.71 -17.16 43.15
CA ARG G 135 28.72 -17.48 41.75
C ARG G 135 27.46 -18.27 41.35
N LEU G 136 26.75 -17.77 40.35
CA LEU G 136 25.63 -18.48 39.75
C LEU G 136 26.08 -18.79 38.28
N ILE G 137 26.09 -20.06 37.94
CA ILE G 137 26.54 -20.51 36.65
C ILE G 137 25.52 -21.45 36.07
N TYR G 138 24.92 -21.04 34.94
CA TYR G 138 23.91 -21.83 34.30
C TYR G 138 24.55 -22.58 33.11
N ILE G 139 24.22 -23.85 32.96
CA ILE G 139 24.59 -24.61 31.81
C ILE G 139 23.46 -24.52 30.77
N GLY G 140 23.70 -23.71 29.75
CA GLY G 140 22.81 -23.49 28.66
C GLY G 140 23.16 -24.41 27.56
N SER G 141 23.19 -23.89 26.34
CA SER G 141 23.58 -24.68 25.15
C SER G 141 23.85 -23.74 24.00
N ALA G 142 24.75 -24.16 23.12
CA ALA G 142 24.93 -23.47 21.88
C ALA G 142 23.66 -23.37 21.09
N PHE G 143 22.74 -24.32 21.29
CA PHE G 143 21.50 -24.27 20.60
C PHE G 143 20.56 -23.18 21.08
N GLY G 144 20.88 -22.56 22.19
CA GLY G 144 20.21 -21.35 22.60
C GLY G 144 20.51 -20.15 21.71
N GLU G 145 21.59 -20.24 20.95
CA GLU G 145 21.95 -19.16 19.99
C GLU G 145 21.73 -19.54 18.52
N ARG G 146 21.75 -20.84 18.20
CA ARG G 146 21.61 -21.28 16.83
C ARG G 146 20.89 -22.61 16.84
N ALA G 147 19.83 -22.68 16.07
CA ALA G 147 19.09 -23.89 15.86
C ALA G 147 19.28 -24.29 14.38
N PRO G 148 20.36 -25.00 14.07
CA PRO G 148 20.72 -25.18 12.68
C PRO G 148 19.94 -26.31 11.98
N PHE G 149 19.15 -27.12 12.70
CA PHE G 149 18.39 -28.20 12.09
C PHE G 149 17.06 -28.39 12.79
N PRO G 150 16.14 -29.09 12.16
CA PRO G 150 14.81 -29.26 12.71
C PRO G 150 14.76 -30.16 13.91
N GLY G 151 13.77 -29.96 14.79
CA GLY G 151 13.56 -30.89 15.90
C GLY G 151 13.93 -30.37 17.29
N ILE G 152 14.49 -29.16 17.39
CA ILE G 152 14.96 -28.68 18.67
C ILE G 152 14.33 -27.35 19.15
N SER G 153 13.13 -27.04 18.67
CA SER G 153 12.43 -25.83 19.12
C SER G 153 12.30 -25.67 20.63
N LEU G 154 11.83 -26.72 21.30
CA LEU G 154 11.61 -26.62 22.72
C LEU G 154 12.90 -26.42 23.49
N TYR G 155 13.91 -27.16 23.11
CA TYR G 155 15.16 -27.06 23.77
C TYR G 155 15.79 -25.68 23.52
N ALA G 156 15.78 -25.22 22.29
CA ALA G 156 16.30 -23.91 21.97
C ALA G 156 15.59 -22.84 22.74
N ALA G 157 14.28 -22.95 22.92
CA ALA G 157 13.54 -21.94 23.68
C ALA G 157 14.02 -21.89 25.09
N THR G 158 14.19 -23.04 25.73
CA THR G 158 14.55 -23.03 27.14
C THR G 158 15.96 -22.52 27.33
N LYS G 159 16.85 -22.90 26.43
CA LYS G 159 18.24 -22.51 26.55
C LYS G 159 18.48 -21.03 26.19
N ALA G 160 17.78 -20.48 25.20
CA ALA G 160 17.78 -19.05 24.99
C ALA G 160 17.16 -18.30 26.20
N GLY G 161 16.14 -18.89 26.83
CA GLY G 161 15.60 -18.33 28.06
C GLY G 161 16.61 -18.14 29.17
N LEU G 162 17.49 -19.11 29.33
CA LEU G 162 18.55 -18.98 30.32
C LEU G 162 19.46 -17.83 30.04
N ILE G 163 19.64 -17.48 28.78
CA ILE G 163 20.52 -16.34 28.46
C ILE G 163 19.87 -15.08 28.98
N GLY G 164 18.57 -14.94 28.74
CA GLY G 164 17.85 -13.79 29.22
C GLY G 164 17.83 -13.74 30.72
N PHE G 165 17.61 -14.88 31.36
CA PHE G 165 17.59 -14.95 32.82
C PHE G 165 18.96 -14.53 33.42
N THR G 166 20.04 -14.99 32.80
CA THR G 166 21.38 -14.66 33.21
C THR G 166 21.66 -13.18 33.13
N LYS G 167 21.24 -12.55 32.05
CA LYS G 167 21.41 -11.12 31.87
C LYS G 167 20.66 -10.32 32.94
N GLY G 168 19.41 -10.69 33.19
CA GLY G 168 18.62 -9.99 34.19
C GLY G 168 19.11 -10.18 35.61
N VAL G 169 19.54 -11.39 35.94
CA VAL G 169 20.05 -11.71 37.25
C VAL G 169 21.36 -10.99 37.47
N ALA G 170 22.20 -10.97 36.46
CA ALA G 170 23.48 -10.27 36.54
C ALA G 170 23.28 -8.82 36.83
N ARG G 171 22.34 -8.23 36.11
CA ARG G 171 21.97 -6.85 36.36
C ARG G 171 21.47 -6.62 37.82
N ASP G 172 20.62 -7.52 38.33
CA ASP G 172 20.12 -7.40 39.72
C ASP G 172 21.18 -7.52 40.75
N LEU G 173 22.12 -8.44 40.56
CA LEU G 173 23.06 -8.82 41.61
C LEU G 173 24.43 -8.15 41.51
N GLY G 174 24.62 -7.38 40.46
CA GLY G 174 25.92 -6.69 40.22
C GLY G 174 26.44 -6.00 41.44
N PRO G 175 25.64 -5.11 42.04
CA PRO G 175 26.17 -4.36 43.24
C PRO G 175 26.36 -5.21 44.49
N GLN G 176 25.82 -6.44 44.51
CA GLN G 176 25.96 -7.32 45.67
C GLN G 176 27.18 -8.22 45.57
N GLY G 177 27.89 -8.17 44.46
CA GLY G 177 29.13 -8.94 44.31
C GLY G 177 28.89 -10.41 44.04
N ILE G 178 27.73 -10.75 43.47
CA ILE G 178 27.45 -12.10 42.99
C ILE G 178 27.36 -12.03 41.46
N THR G 179 28.03 -12.95 40.77
CA THR G 179 28.03 -12.96 39.37
C THR G 179 27.07 -14.02 38.88
N ALA G 180 26.55 -13.81 37.68
CA ALA G 180 25.71 -14.79 36.97
C ALA G 180 26.17 -14.90 35.50
N ASN G 181 26.50 -16.11 35.06
CA ASN G 181 27.01 -16.34 33.77
C ASN G 181 26.45 -17.64 33.21
N VAL G 182 26.44 -17.78 31.90
CA VAL G 182 25.95 -19.00 31.24
C VAL G 182 27.03 -19.61 30.34
N VAL G 183 27.29 -20.89 30.56
CA VAL G 183 28.14 -21.67 29.69
C VAL G 183 27.26 -22.37 28.67
N GLU G 184 27.65 -22.33 27.39
CA GLU G 184 26.88 -22.88 26.31
C GLU G 184 27.63 -23.97 25.56
N PRO G 185 27.50 -25.22 26.00
CA PRO G 185 28.09 -26.36 25.34
C PRO G 185 27.51 -26.63 23.99
N GLY G 186 28.37 -26.98 23.05
CA GLY G 186 27.95 -27.62 21.85
C GLY G 186 27.71 -29.10 22.16
N PRO G 187 27.89 -29.97 21.18
CA PRO G 187 27.77 -31.42 21.42
C PRO G 187 28.98 -31.94 22.17
N ILE G 188 28.72 -32.52 23.32
CA ILE G 188 29.75 -33.03 24.20
C ILE G 188 29.51 -34.54 24.32
N ALA G 189 30.53 -35.35 24.00
CA ALA G 189 30.47 -36.78 24.23
C ALA G 189 30.38 -37.09 25.73
N THR G 190 29.33 -37.75 26.18
CA THR G 190 29.12 -38.00 27.63
C THR G 190 28.72 -39.49 27.78
N ASP G 191 28.91 -40.11 28.98
CA ASP G 191 28.22 -41.38 29.37
C ASP G 191 26.70 -41.35 29.00
N LEU G 192 26.00 -40.22 29.25
CA LEU G 192 24.60 -40.00 28.87
C LEU G 192 24.35 -39.64 27.40
N ASN G 193 25.32 -39.04 26.72
CA ASN G 193 25.01 -38.53 25.35
C ASN G 193 26.19 -38.94 24.46
N PRO G 194 26.20 -40.22 24.08
CA PRO G 194 27.40 -40.73 23.40
C PRO G 194 27.53 -40.19 22.00
N GLU G 195 28.74 -40.11 21.52
CA GLU G 195 28.98 -39.72 20.17
C GLU G 195 28.68 -40.83 19.22
N ASP G 196 27.47 -41.40 19.24
CA ASP G 196 27.10 -42.44 18.27
C ASP G 196 25.82 -42.22 17.52
N GLY G 197 25.72 -42.69 16.26
CA GLY G 197 24.45 -42.69 15.53
C GLY G 197 24.34 -41.60 14.48
N ALA G 198 23.31 -41.73 13.63
CA ALA G 198 23.08 -40.80 12.51
C ALA G 198 22.74 -39.38 12.97
N ALA G 199 22.03 -39.24 14.08
CA ALA G 199 21.73 -37.92 14.62
C ALA G 199 23.04 -37.16 15.02
N ALA G 200 23.90 -37.82 15.80
CA ALA G 200 25.23 -37.31 16.15
C ALA G 200 26.05 -36.97 14.92
N ALA G 201 25.98 -37.78 13.87
CA ALA G 201 26.74 -37.46 12.63
C ALA G 201 26.28 -36.12 12.01
N VAL G 202 24.98 -35.83 12.11
CA VAL G 202 24.41 -34.61 11.54
C VAL G 202 24.87 -33.41 12.37
N ILE G 203 24.79 -33.53 13.70
CA ILE G 203 25.22 -32.47 14.58
C ILE G 203 26.69 -32.14 14.41
N ARG G 204 27.55 -33.15 14.29
CA ARG G 204 29.03 -32.86 14.13
C ARG G 204 29.39 -31.99 12.93
N LYS G 205 28.68 -32.26 11.83
CA LYS G 205 28.90 -31.53 10.58
C LYS G 205 28.62 -29.98 10.71
N PHE G 206 27.82 -29.56 11.69
CA PHE G 206 27.61 -28.11 11.91
C PHE G 206 28.75 -27.43 12.71
N THR G 207 29.60 -28.23 13.38
CA THR G 207 30.67 -27.66 14.16
C THR G 207 31.76 -27.31 13.17
N ALA G 208 32.54 -26.28 13.47
CA ALA G 208 33.66 -25.93 12.62
C ALA G 208 34.81 -26.96 12.78
N THR G 209 34.99 -27.51 13.98
CA THR G 209 36.01 -28.54 14.18
C THR G 209 35.61 -29.92 13.66
N GLU G 210 34.34 -30.12 13.29
CA GLU G 210 33.85 -31.43 12.85
C GLU G 210 34.11 -32.48 13.91
N SER G 211 33.76 -32.14 15.16
CA SER G 211 33.96 -33.01 16.27
C SER G 211 33.04 -32.67 17.43
N TYR G 212 32.83 -33.69 18.26
CA TYR G 212 32.19 -33.53 19.59
C TYR G 212 33.28 -33.12 20.56
N GLY G 213 32.91 -32.33 21.57
CA GLY G 213 33.81 -32.02 22.65
C GLY G 213 33.77 -33.10 23.72
N LYS G 214 34.43 -32.81 24.82
CA LYS G 214 34.53 -33.71 25.94
C LYS G 214 34.17 -32.94 27.22
N VAL G 215 33.77 -33.66 28.26
CA VAL G 215 33.28 -33.03 29.48
C VAL G 215 34.26 -32.04 30.08
N ASN G 216 35.56 -32.29 29.96
CA ASN G 216 36.52 -31.39 30.52
C ASN G 216 36.45 -29.98 29.90
N ASP G 217 36.00 -29.89 28.66
CA ASP G 217 35.86 -28.61 27.97
C ASP G 217 34.88 -27.76 28.72
N ILE G 218 33.85 -28.36 29.27
CA ILE G 218 32.88 -27.58 30.04
C ILE G 218 33.35 -27.36 31.47
N ALA G 219 33.91 -28.42 32.09
CA ALA G 219 34.29 -28.29 33.49
C ALA G 219 35.30 -27.17 33.73
N ARG G 220 36.25 -27.05 32.81
CA ARG G 220 37.32 -26.01 32.85
C ARG G 220 36.73 -24.64 32.78
N THR G 221 35.69 -24.51 32.00
CA THR G 221 35.05 -23.22 31.80
C THR G 221 34.26 -22.81 33.06
N VAL G 222 33.60 -23.77 33.66
CA VAL G 222 32.89 -23.50 34.93
C VAL G 222 33.90 -23.11 35.98
N SER G 223 35.01 -23.82 36.02
CA SER G 223 36.06 -23.51 36.96
C SER G 223 36.61 -22.06 36.77
N PHE G 224 36.84 -21.68 35.52
CA PHE G 224 37.24 -20.33 35.18
C PHE G 224 36.24 -19.23 35.69
N LEU G 225 34.95 -19.50 35.56
CA LEU G 225 33.94 -18.56 36.00
C LEU G 225 33.73 -18.55 37.52
N ALA G 226 33.94 -19.69 38.17
CA ALA G 226 33.71 -19.83 39.60
C ALA G 226 34.81 -19.28 40.46
N SER G 227 35.95 -19.01 39.86
CA SER G 227 37.08 -18.41 40.57
C SER G 227 36.76 -17.05 41.20
N PRO G 228 37.42 -16.71 42.30
CA PRO G 228 37.30 -15.37 42.87
C PRO G 228 37.87 -14.30 41.96
N ASP G 229 38.77 -14.68 41.05
CA ASP G 229 39.30 -13.72 40.10
C ASP G 229 38.37 -13.41 38.93
N ALA G 230 37.26 -14.14 38.81
CA ALA G 230 36.27 -13.88 37.76
C ALA G 230 35.20 -12.84 38.13
N SER G 231 35.49 -11.99 39.08
CA SER G 231 34.47 -11.04 39.53
C SER G 231 33.97 -10.03 38.55
N TYR G 232 34.77 -9.71 37.53
CA TYR G 232 34.30 -8.75 36.58
C TYR G 232 33.54 -9.41 35.41
N ILE G 233 33.40 -10.72 35.43
CA ILE G 233 32.63 -11.41 34.43
C ILE G 233 31.26 -11.68 34.95
N THR G 234 30.29 -11.04 34.34
CA THR G 234 28.91 -11.25 34.74
C THR G 234 27.99 -10.86 33.60
N GLY G 235 26.94 -11.63 33.42
CA GLY G 235 26.07 -11.47 32.30
C GLY G 235 26.60 -12.15 31.05
N ALA G 236 27.74 -12.85 31.14
CA ALA G 236 28.40 -13.39 29.99
C ALA G 236 27.86 -14.75 29.59
N SER G 237 27.96 -15.03 28.30
CA SER G 237 27.79 -16.35 27.75
C SER G 237 29.12 -16.83 27.09
N ILE G 238 29.53 -18.05 27.39
CA ILE G 238 30.72 -18.63 26.84
C ILE G 238 30.38 -19.88 26.05
N LEU G 239 30.51 -19.77 24.74
CA LEU G 239 30.26 -20.84 23.85
C LEU G 239 31.45 -21.78 23.94
N VAL G 240 31.16 -23.04 24.13
CA VAL G 240 32.18 -24.10 24.09
C VAL G 240 31.64 -25.16 23.19
N ASP G 241 31.80 -24.96 21.89
CA ASP G 241 30.95 -25.61 20.89
C ASP G 241 31.65 -25.95 19.59
N GLY G 242 32.99 -25.93 19.59
CA GLY G 242 33.72 -26.27 18.42
C GLY G 242 33.41 -25.44 17.20
N GLY G 243 32.87 -24.25 17.42
CA GLY G 243 32.51 -23.41 16.31
C GLY G 243 31.16 -23.62 15.69
N LEU G 244 30.28 -24.33 16.38
CA LEU G 244 28.94 -24.59 15.82
C LEU G 244 28.17 -23.29 15.54
N VAL G 245 28.19 -22.37 16.48
CA VAL G 245 27.44 -21.11 16.34
C VAL G 245 28.12 -20.08 15.42
N ALA G 246 29.38 -20.31 15.08
CA ALA G 246 30.05 -19.48 14.10
C ALA G 246 29.20 -19.46 12.78
N MET H 4 63.60 -22.74 19.70
CA MET H 4 62.15 -23.00 19.41
C MET H 4 61.50 -23.97 20.41
N THR H 5 61.96 -24.02 21.64
CA THR H 5 61.44 -25.02 22.60
C THR H 5 60.11 -24.56 23.23
N HIS H 6 59.85 -23.26 23.25
CA HIS H 6 58.59 -22.76 23.84
C HIS H 6 57.67 -22.19 22.79
N ARG H 7 56.38 -22.29 23.04
CA ARG H 7 55.40 -21.57 22.26
C ARG H 7 55.71 -20.04 22.28
N VAL H 8 55.38 -19.38 21.18
CA VAL H 8 55.60 -17.96 21.02
C VAL H 8 54.30 -17.18 20.85
N ALA H 9 54.13 -16.11 21.60
CA ALA H 9 52.96 -15.25 21.49
C ALA H 9 53.35 -13.86 21.08
N LEU H 10 52.64 -13.32 20.09
CA LEU H 10 52.83 -11.96 19.63
C LEU H 10 51.62 -11.17 20.12
N ILE H 11 51.88 -10.14 20.90
CA ILE H 11 50.84 -9.24 21.40
C ILE H 11 51.05 -7.86 20.82
N THR H 12 50.12 -7.38 20.02
CA THR H 12 50.22 -6.03 19.45
C THR H 12 49.83 -5.01 20.52
N GLY H 13 50.54 -3.89 20.55
CA GLY H 13 50.37 -2.91 21.60
C GLY H 13 50.64 -3.46 22.97
N GLY H 14 51.71 -4.24 23.11
CA GLY H 14 51.96 -4.95 24.35
C GLY H 14 52.85 -4.23 25.34
N SER H 15 53.04 -2.93 25.12
CA SER H 15 53.96 -2.11 25.89
C SER H 15 53.33 -1.50 27.16
N ARG H 16 52.02 -1.46 27.23
CA ARG H 16 51.38 -0.89 28.41
C ARG H 16 49.93 -1.43 28.53
N GLY H 17 49.28 -1.05 29.61
CA GLY H 17 47.87 -1.35 29.85
C GLY H 17 47.56 -2.84 29.72
N ILE H 18 46.50 -3.13 29.01
CA ILE H 18 45.99 -4.47 28.83
C ILE H 18 47.04 -5.36 28.14
N GLY H 19 47.68 -4.81 27.12
CA GLY H 19 48.67 -5.54 26.36
C GLY H 19 49.81 -6.02 27.20
N ALA H 20 50.31 -5.13 28.04
CA ALA H 20 51.41 -5.49 28.93
C ALA H 20 51.01 -6.57 29.91
N ALA H 21 49.83 -6.45 30.49
CA ALA H 21 49.35 -7.46 31.41
C ALA H 21 49.17 -8.86 30.71
N ILE H 22 48.63 -8.86 29.50
CA ILE H 22 48.56 -10.11 28.70
C ILE H 22 49.94 -10.71 28.49
N ALA H 23 50.90 -9.87 28.12
CA ALA H 23 52.27 -10.37 27.86
C ALA H 23 52.85 -11.04 29.07
N LEU H 24 52.69 -10.41 30.25
CA LEU H 24 53.22 -11.03 31.44
C LEU H 24 52.50 -12.32 31.82
N LYS H 25 51.18 -12.35 31.67
CA LYS H 25 50.40 -13.52 32.03
C LYS H 25 50.80 -14.67 31.12
N LEU H 26 50.90 -14.43 29.81
CA LEU H 26 51.30 -15.52 28.90
C LEU H 26 52.72 -15.99 29.14
N ALA H 27 53.61 -15.07 29.51
CA ALA H 27 54.95 -15.46 29.84
C ALA H 27 54.93 -16.43 31.03
N GLN H 28 54.12 -16.12 32.03
CA GLN H 28 53.96 -17.03 33.17
C GLN H 28 53.38 -18.33 32.77
N ASP H 29 52.48 -18.33 31.78
CA ASP H 29 51.97 -19.59 31.27
C ASP H 29 53.02 -20.38 30.47
N GLY H 30 54.16 -19.81 30.16
CA GLY H 30 55.21 -20.55 29.42
C GLY H 30 55.42 -20.15 27.98
N PHE H 31 54.86 -19.02 27.55
CA PHE H 31 55.12 -18.50 26.21
C PHE H 31 56.35 -17.61 26.25
N ASP H 32 57.16 -17.72 25.22
CA ASP H 32 58.07 -16.62 24.82
C ASP H 32 57.24 -15.55 24.14
N ILE H 33 57.73 -14.32 24.18
CA ILE H 33 56.88 -13.16 23.95
C ILE H 33 57.51 -12.21 22.93
N ALA H 34 56.69 -11.76 21.96
CA ALA H 34 56.99 -10.62 21.16
C ALA H 34 55.86 -9.61 21.41
N ILE H 35 56.25 -8.34 21.58
CA ILE H 35 55.29 -7.27 21.63
C ILE H 35 55.63 -6.23 20.58
N THR H 36 54.60 -5.59 20.11
CA THR H 36 54.69 -4.48 19.22
C THR H 36 54.49 -3.17 19.98
N TYR H 37 55.15 -2.11 19.52
CA TYR H 37 54.93 -0.78 20.07
C TYR H 37 55.09 0.24 18.94
N ALA H 38 54.39 1.36 19.06
CA ALA H 38 54.40 2.41 18.03
C ALA H 38 55.52 3.40 18.31
N ARG H 39 55.61 3.87 19.54
CA ARG H 39 56.57 4.93 19.84
C ARG H 39 57.49 4.81 21.08
N ASN H 40 56.95 4.43 22.23
CA ASN H 40 57.68 4.48 23.51
C ASN H 40 58.52 3.24 23.71
N GLU H 41 59.75 3.29 23.21
CA GLU H 41 60.68 2.20 23.34
C GLU H 41 60.95 1.83 24.80
N LYS H 42 60.99 2.81 25.69
CA LYS H 42 61.32 2.51 27.09
C LYS H 42 60.25 1.69 27.77
N ALA H 43 58.98 1.99 27.52
CA ALA H 43 57.88 1.17 28.08
C ALA H 43 57.96 -0.26 27.51
N ALA H 44 58.30 -0.38 26.25
CA ALA H 44 58.46 -1.72 25.68
C ALA H 44 59.61 -2.49 26.32
N GLN H 45 60.75 -1.83 26.50
CA GLN H 45 61.90 -2.52 27.08
C GLN H 45 61.61 -2.89 28.51
N LYS H 46 60.78 -2.13 29.20
CA LYS H 46 60.41 -2.50 30.55
C LYS H 46 59.62 -3.81 30.51
N VAL H 47 58.71 -3.95 29.57
CA VAL H 47 57.96 -5.20 29.52
C VAL H 47 58.90 -6.37 29.17
N VAL H 48 59.80 -6.14 28.22
CA VAL H 48 60.80 -7.14 27.86
C VAL H 48 61.56 -7.62 29.07
N SER H 49 61.98 -6.69 29.91
CA SER H 49 62.74 -7.05 31.12
C SER H 49 61.95 -7.87 32.10
N GLU H 50 60.69 -7.50 32.29
CA GLU H 50 59.82 -8.25 33.20
C GLU H 50 59.56 -9.65 32.68
N VAL H 51 59.46 -9.81 31.37
CA VAL H 51 59.30 -11.17 30.82
C VAL H 51 60.58 -12.00 31.02
N GLU H 52 61.74 -11.36 30.81
CA GLU H 52 63.02 -12.02 30.99
C GLU H 52 63.25 -12.40 32.45
N ALA H 53 62.74 -11.57 33.37
CA ALA H 53 62.86 -11.85 34.79
C ALA H 53 62.09 -13.11 35.16
N LEU H 54 61.09 -13.47 34.36
CA LEU H 54 60.40 -14.74 34.60
C LEU H 54 61.08 -15.94 33.97
N GLY H 55 62.19 -15.76 33.27
CA GLY H 55 62.86 -16.87 32.60
C GLY H 55 62.49 -17.12 31.14
N ARG H 56 61.65 -16.26 30.54
CA ARG H 56 61.28 -16.40 29.13
C ARG H 56 62.10 -15.45 28.24
N LYS H 57 62.14 -15.72 26.94
CA LYS H 57 62.69 -14.79 25.95
C LYS H 57 61.61 -13.79 25.54
N ALA H 58 62.01 -12.55 25.33
CA ALA H 58 61.12 -11.51 24.87
C ALA H 58 61.81 -10.59 23.85
N VAL H 59 61.02 -10.08 22.93
CA VAL H 59 61.49 -9.14 21.97
C VAL H 59 60.41 -8.05 21.76
N ALA H 60 60.87 -6.81 21.59
CA ALA H 60 60.03 -5.68 21.26
C ALA H 60 60.26 -5.29 19.83
N VAL H 61 59.18 -5.14 19.07
CA VAL H 61 59.25 -4.80 17.68
C VAL H 61 58.53 -3.48 17.46
N GLN H 62 59.22 -2.53 16.88
CA GLN H 62 58.60 -1.25 16.55
C GLN H 62 57.81 -1.39 15.31
N ALA H 63 56.55 -0.92 15.35
CA ALA H 63 55.70 -1.09 14.21
C ALA H 63 54.51 -0.19 14.33
N ASP H 64 54.14 0.44 13.22
CA ASP H 64 52.89 1.20 13.15
C ASP H 64 51.74 0.23 12.78
N GLY H 65 50.91 -0.12 13.77
CA GLY H 65 49.74 -0.95 13.59
C GLY H 65 48.70 -0.40 12.65
N GLY H 66 48.82 0.89 12.33
CA GLY H 66 47.97 1.53 11.34
C GLY H 66 48.43 1.43 9.90
N SER H 67 49.56 0.76 9.66
CA SER H 67 50.10 0.59 8.33
C SER H 67 50.14 -0.88 8.01
N THR H 68 49.84 -1.26 6.77
CA THR H 68 49.92 -2.67 6.41
C THR H 68 51.34 -3.18 6.43
N ASP H 69 52.32 -2.34 6.10
CA ASP H 69 53.71 -2.76 6.23
C ASP H 69 54.08 -3.06 7.69
N GLY H 70 53.64 -2.21 8.61
CA GLY H 70 53.81 -2.51 10.01
C GLY H 70 53.09 -3.78 10.49
N ASN H 71 51.87 -4.01 9.99
CA ASN H 71 51.15 -5.25 10.31
C ASN H 71 51.94 -6.49 9.85
N ILE H 72 52.45 -6.48 8.63
CA ILE H 72 53.26 -7.57 8.09
C ILE H 72 54.60 -7.72 8.84
N ALA H 73 55.27 -6.59 9.11
CA ALA H 73 56.58 -6.64 9.74
C ALA H 73 56.51 -7.20 11.16
N ALA H 74 55.42 -6.94 11.88
CA ALA H 74 55.27 -7.46 13.23
C ALA H 74 55.37 -9.00 13.26
N ILE H 75 54.64 -9.67 12.36
CA ILE H 75 54.69 -11.12 12.23
C ILE H 75 56.09 -11.55 11.75
N THR H 76 56.59 -10.89 10.70
CA THR H 76 57.86 -11.26 10.07
C THR H 76 58.99 -11.21 11.10
N LYS H 77 59.10 -10.12 11.85
CA LYS H 77 60.19 -9.97 12.81
C LYS H 77 60.05 -10.95 13.96
N THR H 78 58.81 -11.25 14.35
CA THR H 78 58.59 -12.24 15.38
C THR H 78 59.09 -13.60 14.91
N HIS H 79 58.74 -13.97 13.70
CA HIS H 79 59.19 -15.26 13.19
C HIS H 79 60.70 -15.33 12.97
N GLU H 80 61.31 -14.23 12.57
CA GLU H 80 62.79 -14.15 12.45
C GLU H 80 63.47 -14.29 13.82
N ALA H 81 62.90 -13.70 14.85
CA ALA H 81 63.48 -13.81 16.19
C ALA H 81 63.32 -15.23 16.78
N PHE H 82 62.20 -15.90 16.55
CA PHE H 82 61.90 -17.14 17.29
C PHE H 82 61.73 -18.38 16.47
N GLY H 83 61.57 -18.26 15.14
CA GLY H 83 61.39 -19.44 14.30
C GLY H 83 59.99 -20.12 14.35
N ARG H 84 59.04 -19.55 15.04
CA ARG H 84 57.73 -20.15 15.20
C ARG H 84 56.76 -19.08 15.67
N LEU H 85 55.47 -19.38 15.55
CA LEU H 85 54.41 -18.47 16.06
C LEU H 85 53.19 -19.30 16.46
N ASP H 86 52.76 -19.15 17.71
CA ASP H 86 51.77 -20.04 18.30
C ASP H 86 50.52 -19.32 18.72
N ALA H 87 50.67 -18.05 19.09
CA ALA H 87 49.50 -17.23 19.44
C ALA H 87 49.65 -15.80 18.97
N LEU H 88 48.59 -15.27 18.39
CA LEU H 88 48.51 -13.88 17.99
C LEU H 88 47.40 -13.24 18.79
N VAL H 89 47.76 -12.21 19.52
CA VAL H 89 46.80 -11.42 20.29
C VAL H 89 46.78 -10.02 19.73
N CYS H 90 45.66 -9.66 19.09
CA CYS H 90 45.50 -8.36 18.43
C CYS H 90 44.85 -7.45 19.45
N ASN H 91 45.69 -6.69 20.11
CA ASN H 91 45.29 -5.86 21.21
C ASN H 91 45.38 -4.36 20.89
N ALA H 92 46.24 -3.97 19.97
CA ALA H 92 46.44 -2.54 19.71
C ALA H 92 45.14 -1.97 19.14
N GLY H 93 44.79 -0.76 19.53
CA GLY H 93 43.57 -0.12 19.04
C GLY H 93 43.41 1.29 19.55
N ILE H 94 42.49 2.05 19.00
CA ILE H 94 42.21 3.38 19.52
C ILE H 94 40.71 3.54 19.71
N TYR H 95 40.38 4.57 20.48
CA TYR H 95 39.05 4.88 20.91
C TYR H 95 38.70 6.34 20.53
N PRO H 96 38.23 6.58 19.28
CA PRO H 96 37.70 7.89 18.93
C PRO H 96 36.36 8.10 19.64
N TYR H 97 36.07 9.34 20.00
CA TYR H 97 34.85 9.65 20.72
C TYR H 97 34.26 10.97 20.17
N GLY H 98 32.99 10.98 19.79
CA GLY H 98 32.32 12.17 19.31
C GLY H 98 31.13 11.87 18.43
N PRO H 99 30.22 12.85 18.27
CA PRO H 99 29.02 12.59 17.48
C PRO H 99 29.39 12.25 16.03
N ILE H 100 28.61 11.35 15.43
CA ILE H 100 28.90 10.87 14.07
C ILE H 100 29.00 12.03 13.06
N ALA H 101 28.13 13.05 13.18
CA ALA H 101 28.13 14.13 12.22
C ALA H 101 29.43 14.96 12.21
N GLN H 102 30.22 14.88 13.28
CA GLN H 102 31.51 15.59 13.37
C GLN H 102 32.74 14.76 13.05
N MET H 103 32.58 13.49 12.65
CA MET H 103 33.73 12.66 12.43
C MET H 103 34.37 12.98 11.10
N THR H 104 35.69 13.06 11.06
CA THR H 104 36.37 13.41 9.78
C THR H 104 36.81 12.16 9.07
N VAL H 105 37.12 12.29 7.79
CA VAL H 105 37.65 11.20 7.01
C VAL H 105 38.89 10.59 7.69
N THR H 106 39.73 11.43 8.26
CA THR H 106 40.96 11.00 8.90
C THR H 106 40.66 10.17 10.12
N GLN H 107 39.72 10.59 10.96
CA GLN H 107 39.35 9.75 12.12
C GLN H 107 38.78 8.38 11.66
N ILE H 108 37.93 8.40 10.64
CA ILE H 108 37.34 7.19 10.12
C ILE H 108 38.43 6.23 9.60
N GLU H 109 39.37 6.75 8.79
CA GLU H 109 40.45 5.89 8.27
C GLU H 109 41.33 5.33 9.37
N GLU H 110 41.67 6.18 10.32
CA GLU H 110 42.53 5.79 11.45
C GLU H 110 41.93 4.67 12.27
N VAL H 111 40.65 4.77 12.61
CA VAL H 111 40.06 3.76 13.44
C VAL H 111 39.86 2.45 12.70
N LEU H 112 39.49 2.53 11.43
CA LEU H 112 39.38 1.33 10.63
C LEU H 112 40.73 0.63 10.44
N ASN H 113 41.75 1.43 10.17
CA ASN H 113 43.06 0.89 9.88
C ASN H 113 43.67 0.17 11.08
N LEU H 114 43.51 0.78 12.26
CA LEU H 114 44.08 0.21 13.46
C LEU H 114 43.18 -0.84 14.15
N ASN H 115 41.87 -0.63 14.17
CA ASN H 115 41.02 -1.54 14.91
C ASN H 115 40.51 -2.73 14.13
N LEU H 116 40.61 -2.69 12.82
CA LEU H 116 40.08 -3.77 12.04
C LEU H 116 41.04 -4.27 10.99
N ARG H 117 41.55 -3.36 10.15
CA ARG H 117 42.43 -3.80 9.09
C ARG H 117 43.64 -4.51 9.68
N ALA H 118 44.18 -3.96 10.76
CA ALA H 118 45.38 -4.54 11.38
C ALA H 118 45.17 -6.00 11.72
N ALA H 119 44.06 -6.29 12.35
CA ALA H 119 43.76 -7.65 12.77
C ALA H 119 43.64 -8.58 11.59
N MET H 120 43.08 -8.07 10.52
CA MET H 120 42.89 -8.87 9.31
C MET H 120 44.23 -9.19 8.63
N VAL H 121 45.04 -8.17 8.41
CA VAL H 121 46.30 -8.33 7.76
C VAL H 121 47.27 -9.16 8.64
N GLU H 122 47.33 -8.88 9.92
CA GLU H 122 48.20 -9.66 10.82
C GLU H 122 47.77 -11.14 10.86
N THR H 123 46.48 -11.41 10.81
CA THR H 123 45.99 -12.79 10.82
C THR H 123 46.39 -13.54 9.58
N VAL H 124 46.24 -12.92 8.41
CA VAL H 124 46.74 -13.52 7.16
C VAL H 124 48.24 -13.85 7.21
N GLU H 125 49.05 -12.91 7.64
CA GLU H 125 50.47 -13.13 7.75
C GLU H 125 50.81 -14.20 8.79
N ALA H 126 50.17 -14.19 9.95
CA ALA H 126 50.42 -15.19 10.96
C ALA H 126 50.17 -16.61 10.41
N LEU H 127 49.17 -16.76 9.56
CA LEU H 127 48.78 -18.10 9.07
C LEU H 127 49.81 -18.65 8.10
N LYS H 128 50.78 -17.85 7.66
CA LYS H 128 51.92 -18.44 6.98
C LYS H 128 52.72 -19.33 7.91
N TYR H 129 52.69 -19.06 9.21
CA TYR H 129 53.57 -19.72 10.16
C TYR H 129 52.88 -20.60 11.18
N MET H 130 51.61 -20.30 11.49
CA MET H 130 50.91 -20.96 12.58
C MET H 130 50.49 -22.34 12.20
N LYS H 131 50.49 -23.25 13.16
CA LYS H 131 50.17 -24.68 12.92
C LYS H 131 49.07 -25.11 13.90
N THR H 132 48.66 -26.37 13.79
CA THR H 132 47.64 -26.93 14.67
C THR H 132 48.00 -26.63 16.09
N GLY H 133 47.01 -26.26 16.89
CA GLY H 133 47.28 -25.84 18.29
C GLY H 133 47.45 -24.31 18.39
N GLY H 134 47.47 -23.63 17.24
CA GLY H 134 47.55 -22.19 17.24
C GLY H 134 46.32 -21.49 17.83
N ARG H 135 46.52 -20.24 18.23
CA ARG H 135 45.50 -19.40 18.87
C ARG H 135 45.50 -18.00 18.29
N LEU H 136 44.34 -17.58 17.82
CA LEU H 136 44.12 -16.25 17.38
C LEU H 136 43.12 -15.67 18.41
N ILE H 137 43.50 -14.58 19.07
CA ILE H 137 42.67 -13.95 20.08
C ILE H 137 42.61 -12.46 19.77
N TYR H 138 41.41 -11.96 19.55
CA TYR H 138 41.19 -10.57 19.24
C TYR H 138 40.64 -9.86 20.49
N ILE H 139 41.17 -8.67 20.79
CA ILE H 139 40.65 -7.83 21.86
C ILE H 139 39.64 -6.86 21.25
N GLY H 140 38.38 -7.20 21.46
CA GLY H 140 37.27 -6.42 21.00
C GLY H 140 36.87 -5.45 22.06
N SER H 141 35.57 -5.29 22.25
CA SER H 141 35.02 -4.46 23.32
C SER H 141 33.58 -4.84 23.54
N ALA H 142 33.14 -4.69 24.77
CA ALA H 142 31.72 -4.76 25.05
C ALA H 142 30.94 -3.82 24.20
N PHE H 143 31.53 -2.69 23.81
CA PHE H 143 30.81 -1.73 22.95
C PHE H 143 30.58 -2.22 21.53
N GLY H 144 31.24 -3.29 21.14
CA GLY H 144 30.87 -4.00 19.96
C GLY H 144 29.49 -4.61 20.02
N GLU H 145 28.95 -4.83 21.22
CA GLU H 145 27.62 -5.46 21.37
C GLU H 145 26.59 -4.50 21.88
N ARG H 146 27.01 -3.48 22.61
CA ARG H 146 26.08 -2.49 23.09
C ARG H 146 26.74 -1.12 22.98
N ALA H 147 26.01 -0.16 22.40
CA ALA H 147 26.45 1.21 22.36
C ALA H 147 25.44 2.04 23.20
N PRO H 148 25.63 2.10 24.50
CA PRO H 148 24.59 2.62 25.34
C PRO H 148 24.55 4.13 25.42
N PHE H 149 25.54 4.83 24.89
CA PHE H 149 25.53 6.28 24.95
C PHE H 149 26.11 6.82 23.64
N PRO H 150 25.84 8.10 23.36
CA PRO H 150 26.26 8.70 22.10
C PRO H 150 27.77 8.91 22.04
N GLY H 151 28.31 8.93 20.83
CA GLY H 151 29.70 9.30 20.63
C GLY H 151 30.65 8.17 20.24
N ILE H 152 30.14 6.94 20.12
CA ILE H 152 31.03 5.77 19.92
C ILE H 152 30.69 4.93 18.70
N SER H 153 30.04 5.54 17.72
CA SER H 153 29.66 4.87 16.49
C SER H 153 30.86 4.23 15.77
N LEU H 154 31.96 4.98 15.64
CA LEU H 154 33.11 4.45 14.90
C LEU H 154 33.77 3.30 15.64
N TYR H 155 33.97 3.47 16.93
CA TYR H 155 34.52 2.42 17.74
C TYR H 155 33.61 1.17 17.72
N ALA H 156 32.32 1.36 17.98
CA ALA H 156 31.38 0.24 18.00
C ALA H 156 31.41 -0.51 16.68
N ALA H 157 31.52 0.20 15.58
CA ALA H 157 31.60 -0.45 14.30
C ALA H 157 32.82 -1.36 14.20
N THR H 158 33.98 -0.84 14.58
CA THR H 158 35.20 -1.64 14.39
C THR H 158 35.19 -2.83 15.31
N LYS H 159 34.69 -2.64 16.52
CA LYS H 159 34.64 -3.73 17.45
C LYS H 159 33.59 -4.80 17.15
N ALA H 160 32.43 -4.41 16.64
CA ALA H 160 31.47 -5.40 16.11
C ALA H 160 32.03 -6.13 14.86
N GLY H 161 32.83 -5.43 14.07
CA GLY H 161 33.50 -6.04 12.96
C GLY H 161 34.42 -7.19 13.34
N LEU H 162 35.11 -7.03 14.46
CA LEU H 162 35.95 -8.09 14.98
C LEU H 162 35.16 -9.32 15.36
N ILE H 163 33.93 -9.14 15.81
CA ILE H 163 33.10 -10.33 16.13
C ILE H 163 32.79 -11.12 14.88
N GLY H 164 32.40 -10.42 13.81
CA GLY H 164 32.14 -11.07 12.52
C GLY H 164 33.39 -11.73 11.96
N PHE H 165 34.54 -11.07 12.09
CA PHE H 165 35.76 -11.60 11.56
C PHE H 165 36.09 -12.90 12.29
N THR H 166 35.97 -12.86 13.60
CA THR H 166 36.25 -14.01 14.45
C THR H 166 35.41 -15.21 14.07
N LYS H 167 34.12 -14.98 13.83
CA LYS H 167 33.23 -16.08 13.47
C LYS H 167 33.65 -16.72 12.15
N GLY H 168 33.98 -15.90 11.17
CA GLY H 168 34.38 -16.37 9.85
C GLY H 168 35.70 -17.10 9.87
N VAL H 169 36.66 -16.56 10.60
CA VAL H 169 37.96 -17.18 10.74
C VAL H 169 37.87 -18.51 11.49
N ALA H 170 37.04 -18.57 12.52
CA ALA H 170 36.85 -19.77 13.28
C ALA H 170 36.30 -20.86 12.38
N ARG H 171 35.37 -20.48 11.53
CA ARG H 171 34.79 -21.41 10.61
C ARG H 171 35.83 -21.93 9.62
N ASP H 172 36.63 -21.03 9.07
CA ASP H 172 37.69 -21.43 8.12
C ASP H 172 38.71 -22.36 8.75
N LEU H 173 39.11 -22.10 10.01
CA LEU H 173 40.30 -22.77 10.57
C LEU H 173 39.97 -23.98 11.44
N GLY H 174 38.70 -24.19 11.67
CA GLY H 174 38.23 -25.26 12.58
C GLY H 174 38.96 -26.58 12.31
N PRO H 175 38.91 -27.07 11.06
CA PRO H 175 39.54 -28.37 10.81
C PRO H 175 41.07 -28.36 10.92
N GLN H 176 41.69 -27.19 10.96
CA GLN H 176 43.15 -27.10 11.03
C GLN H 176 43.65 -27.05 12.45
N GLY H 177 42.75 -27.00 13.41
CA GLY H 177 43.14 -27.02 14.82
C GLY H 177 43.70 -25.68 15.31
N ILE H 178 43.34 -24.57 14.64
CA ILE H 178 43.63 -23.23 15.12
C ILE H 178 42.29 -22.64 15.56
N THR H 179 42.24 -22.02 16.73
CA THR H 179 41.03 -21.41 17.24
C THR H 179 41.11 -19.90 17.10
N ALA H 180 39.94 -19.27 17.01
CA ALA H 180 39.84 -17.82 16.92
C ALA H 180 38.68 -17.39 17.83
N ASN H 181 38.98 -16.51 18.77
CA ASN H 181 38.05 -16.04 19.75
C ASN H 181 38.26 -14.58 20.03
N VAL H 182 37.20 -13.91 20.50
CA VAL H 182 37.27 -12.47 20.82
C VAL H 182 36.94 -12.22 22.33
N VAL H 183 37.81 -11.52 23.00
CA VAL H 183 37.57 -11.04 24.35
C VAL H 183 37.04 -9.62 24.26
N GLU H 184 35.97 -9.33 25.01
CA GLU H 184 35.28 -8.05 24.94
C GLU H 184 35.28 -7.32 26.26
N PRO H 185 36.34 -6.56 26.52
CA PRO H 185 36.41 -5.78 27.74
C PRO H 185 35.34 -4.71 27.83
N GLY H 186 34.81 -4.53 29.03
CA GLY H 186 34.15 -3.30 29.39
C GLY H 186 35.19 -2.23 29.73
N PRO H 187 34.82 -1.23 30.54
CA PRO H 187 35.78 -0.21 30.95
C PRO H 187 36.80 -0.82 31.94
N ILE H 188 38.09 -0.75 31.58
CA ILE H 188 39.17 -1.26 32.34
C ILE H 188 40.07 -0.08 32.77
N ALA H 189 40.27 0.08 34.06
CA ALA H 189 41.19 1.06 34.62
C ALA H 189 42.63 0.82 34.20
N THR H 190 43.23 1.83 33.62
CA THR H 190 44.66 1.83 33.32
C THR H 190 45.12 3.27 33.59
N ASP H 191 46.41 3.49 33.46
CA ASP H 191 47.00 4.86 33.47
C ASP H 191 46.25 5.87 32.62
N LEU H 192 46.00 5.47 31.36
CA LEU H 192 45.32 6.28 30.37
C LEU H 192 43.81 6.32 30.52
N ASN H 193 43.23 5.36 31.23
CA ASN H 193 41.79 5.31 31.42
C ASN H 193 41.44 5.17 32.89
N PRO H 194 41.39 6.29 33.63
CA PRO H 194 41.21 6.18 35.08
C PRO H 194 39.76 5.91 35.47
N GLU H 195 39.56 5.23 36.59
CA GLU H 195 38.20 4.85 37.09
C GLU H 195 37.43 5.93 37.87
N ASP H 196 38.08 7.04 38.14
CA ASP H 196 37.49 8.12 38.93
C ASP H 196 37.10 9.25 38.02
N GLY H 197 36.15 10.10 38.44
CA GLY H 197 35.80 11.32 37.67
C GLY H 197 34.43 11.18 37.05
N ALA H 198 33.86 12.29 36.60
CA ALA H 198 32.49 12.34 36.12
C ALA H 198 32.28 11.56 34.86
N ALA H 199 33.28 11.54 33.97
CA ALA H 199 33.12 10.78 32.72
C ALA H 199 33.05 9.25 33.02
N ALA H 200 33.98 8.78 33.85
CA ALA H 200 33.99 7.41 34.29
C ALA H 200 32.70 7.07 35.04
N ALA H 201 32.17 8.00 35.84
CA ALA H 201 30.92 7.73 36.57
C ALA H 201 29.77 7.39 35.60
N VAL H 202 29.75 8.08 34.46
CA VAL H 202 28.67 7.88 33.52
C VAL H 202 28.80 6.48 32.93
N ILE H 203 30.00 6.12 32.53
CA ILE H 203 30.24 4.79 31.98
C ILE H 203 29.97 3.70 33.03
N ARG H 204 30.38 3.93 34.29
CA ARG H 204 30.23 2.97 35.37
C ARG H 204 28.78 2.63 35.59
N LYS H 205 27.89 3.64 35.48
CA LYS H 205 26.47 3.44 35.69
C LYS H 205 25.83 2.43 34.73
N PHE H 206 26.43 2.21 33.56
CA PHE H 206 25.90 1.23 32.63
C PHE H 206 26.39 -0.18 32.96
N THR H 207 27.44 -0.33 33.77
CA THR H 207 27.85 -1.66 34.26
C THR H 207 26.91 -2.08 35.39
N ALA H 208 26.69 -3.35 35.51
CA ALA H 208 25.89 -3.88 36.62
C ALA H 208 26.67 -3.78 37.93
N THR H 209 28.00 -3.98 37.89
CA THR H 209 28.78 -3.92 39.12
C THR H 209 29.04 -2.45 39.56
N GLU H 210 28.74 -1.48 38.71
CA GLU H 210 29.01 -0.04 38.99
C GLU H 210 30.49 0.17 39.26
N SER H 211 31.33 -0.42 38.42
CA SER H 211 32.77 -0.36 38.58
C SER H 211 33.45 -0.58 37.25
N TYR H 212 34.68 -0.11 37.21
CA TYR H 212 35.64 -0.45 36.17
C TYR H 212 36.33 -1.73 36.56
N GLY H 213 36.76 -2.48 35.58
CA GLY H 213 37.61 -3.63 35.82
C GLY H 213 39.09 -3.27 35.88
N LYS H 214 39.93 -4.29 35.88
CA LYS H 214 41.37 -4.13 35.98
C LYS H 214 42.01 -5.02 34.90
N VAL H 215 43.26 -4.72 34.53
CA VAL H 215 43.95 -5.40 33.44
C VAL H 215 44.04 -6.89 33.65
N ASN H 216 44.15 -7.35 34.88
CA ASN H 216 44.17 -8.78 35.12
C ASN H 216 42.88 -9.50 34.69
N ASP H 217 41.74 -8.80 34.72
CA ASP H 217 40.46 -9.37 34.31
C ASP H 217 40.50 -9.80 32.84
N ILE H 218 41.25 -9.05 32.02
CA ILE H 218 41.43 -9.41 30.63
C ILE H 218 42.54 -10.42 30.47
N ALA H 219 43.64 -10.25 31.18
CA ALA H 219 44.80 -11.13 30.95
C ALA H 219 44.50 -12.57 31.29
N ARG H 220 43.74 -12.80 32.38
CA ARG H 220 43.36 -14.16 32.78
C ARG H 220 42.43 -14.78 31.71
N THR H 221 41.65 -13.97 30.97
CA THR H 221 40.69 -14.50 30.01
C THR H 221 41.42 -14.86 28.73
N VAL H 222 42.40 -14.06 28.37
CA VAL H 222 43.33 -14.43 27.26
C VAL H 222 44.09 -15.69 27.57
N SER H 223 44.58 -15.80 28.79
CA SER H 223 45.30 -17.00 29.21
C SER H 223 44.41 -18.26 29.10
N PHE H 224 43.18 -18.14 29.58
CA PHE H 224 42.18 -19.20 29.49
C PHE H 224 41.97 -19.66 28.04
N LEU H 225 41.87 -18.72 27.10
CA LEU H 225 41.67 -19.07 25.68
C LEU H 225 42.91 -19.60 24.98
N ALA H 226 44.08 -19.17 25.43
CA ALA H 226 45.32 -19.50 24.75
C ALA H 226 45.81 -20.89 25.13
N SER H 227 45.28 -21.42 26.22
CA SER H 227 45.69 -22.74 26.69
C SER H 227 45.45 -23.80 25.62
N PRO H 228 46.32 -24.81 25.56
CA PRO H 228 45.98 -25.96 24.73
C PRO H 228 44.65 -26.61 25.10
N ASP H 229 44.20 -26.48 26.34
CA ASP H 229 42.96 -27.11 26.75
C ASP H 229 41.73 -26.40 26.24
N ALA H 230 41.91 -25.23 25.62
CA ALA H 230 40.81 -24.47 25.05
C ALA H 230 40.51 -24.83 23.58
N SER H 231 40.90 -26.03 23.15
CA SER H 231 40.78 -26.46 21.77
C SER H 231 39.35 -26.55 21.26
N TYR H 232 38.37 -26.64 22.15
CA TYR H 232 36.98 -26.70 21.68
C TYR H 232 36.27 -25.37 21.74
N ILE H 233 36.98 -24.31 22.12
CA ILE H 233 36.43 -22.97 22.12
C ILE H 233 36.91 -22.24 20.88
N THR H 234 35.97 -21.98 19.98
CA THR H 234 36.30 -21.24 18.78
C THR H 234 35.10 -20.59 18.23
N GLY H 235 35.27 -19.37 17.76
CA GLY H 235 34.13 -18.52 17.39
C GLY H 235 33.50 -17.79 18.58
N ALA H 236 34.03 -17.97 19.77
CA ALA H 236 33.41 -17.45 20.95
C ALA H 236 33.76 -15.99 21.23
N SER H 237 32.84 -15.32 21.90
CA SER H 237 33.09 -13.99 22.46
C SER H 237 32.90 -14.10 23.97
N ILE H 238 33.84 -13.54 24.72
CA ILE H 238 33.76 -13.49 26.15
C ILE H 238 33.72 -12.06 26.64
N LEU H 239 32.54 -11.67 27.14
CA LEU H 239 32.35 -10.37 27.75
C LEU H 239 33.02 -10.34 29.12
N VAL H 240 33.89 -9.36 29.34
CA VAL H 240 34.50 -9.13 30.64
C VAL H 240 34.26 -7.66 30.94
N ASP H 241 33.05 -7.37 31.39
CA ASP H 241 32.49 -6.04 31.35
C ASP H 241 31.66 -5.58 32.52
N GLY H 242 31.74 -6.31 33.61
CA GLY H 242 30.97 -5.95 34.78
C GLY H 242 29.49 -5.88 34.53
N GLY H 243 29.00 -6.59 33.50
CA GLY H 243 27.54 -6.63 33.25
C GLY H 243 27.02 -5.49 32.40
N LEU H 244 27.93 -4.76 31.73
CA LEU H 244 27.50 -3.60 30.94
C LEU H 244 26.51 -4.01 29.84
N VAL H 245 26.80 -5.06 29.14
CA VAL H 245 25.96 -5.50 28.06
C VAL H 245 24.68 -6.20 28.52
N ALA H 246 24.61 -6.57 29.79
CA ALA H 246 23.43 -7.25 30.30
C ALA H 246 22.16 -6.38 30.03
#